data_2DK7
#
_entry.id   2DK7
#
_entity_poly.entity_id   1
_entity_poly.type   'polypeptide(L)'
_entity_poly.pdbx_seq_one_letter_code
;GSSGSSGKAKPVATAPIPGTPWCVVWTGDERVFFYNPTTRLSMWDRPDDLIGRADVDKIIQEPPHKKSGPSSG
;
_entity_poly.pdbx_strand_id   A
#
# COMPACT_ATOMS: atom_id res chain seq x y z
N GLY A 1 -22.91 4.28 -17.84
CA GLY A 1 -21.60 4.18 -18.45
C GLY A 1 -20.47 4.36 -17.45
N SER A 2 -20.56 3.64 -16.34
CA SER A 2 -19.55 3.73 -15.28
C SER A 2 -19.21 2.34 -14.74
N SER A 3 -18.02 2.21 -14.17
CA SER A 3 -17.57 0.94 -13.61
C SER A 3 -17.96 0.83 -12.14
N GLY A 4 -17.56 1.83 -11.35
CA GLY A 4 -17.86 1.82 -9.94
C GLY A 4 -16.62 1.92 -9.07
N SER A 5 -16.81 2.34 -7.82
CA SER A 5 -15.68 2.48 -6.89
C SER A 5 -14.90 1.18 -6.79
N SER A 6 -13.77 1.13 -7.50
CA SER A 6 -12.93 -0.06 -7.49
C SER A 6 -12.74 -0.59 -6.07
N GLY A 7 -13.16 -1.83 -5.85
CA GLY A 7 -13.04 -2.44 -4.53
C GLY A 7 -13.93 -1.77 -3.51
N LYS A 8 -14.43 -2.56 -2.56
CA LYS A 8 -15.29 -2.05 -1.51
C LYS A 8 -14.72 -2.33 -0.13
N ALA A 9 -13.74 -1.53 0.28
CA ALA A 9 -13.11 -1.69 1.58
C ALA A 9 -12.15 -0.54 1.87
N LYS A 10 -12.12 -0.11 3.13
CA LYS A 10 -11.24 0.98 3.55
C LYS A 10 -9.89 0.44 4.00
N PRO A 11 -8.81 1.18 3.69
CA PRO A 11 -7.45 0.81 4.07
C PRO A 11 -7.21 0.91 5.57
N VAL A 12 -6.17 0.24 6.05
CA VAL A 12 -5.83 0.27 7.48
C VAL A 12 -4.54 1.04 7.73
N ALA A 13 -3.61 0.96 6.77
CA ALA A 13 -2.34 1.66 6.89
C ALA A 13 -1.81 2.06 5.53
N THR A 14 -1.11 3.19 5.47
CA THR A 14 -0.55 3.68 4.21
C THR A 14 0.87 4.21 4.41
N ALA A 15 1.75 3.90 3.48
CA ALA A 15 3.13 4.35 3.55
C ALA A 15 3.71 4.60 2.16
N PRO A 16 4.32 5.78 1.99
CA PRO A 16 4.92 6.18 0.70
C PRO A 16 6.16 5.37 0.38
N ILE A 17 6.21 4.82 -0.84
CA ILE A 17 7.36 4.03 -1.27
C ILE A 17 8.54 4.91 -1.64
N PRO A 18 9.73 4.53 -1.16
CA PRO A 18 10.97 5.28 -1.42
C PRO A 18 11.40 5.18 -2.88
N GLY A 19 11.81 6.31 -3.44
CA GLY A 19 12.25 6.33 -4.83
C GLY A 19 11.09 6.45 -5.80
N THR A 20 10.08 5.61 -5.62
CA THR A 20 8.91 5.62 -6.48
C THR A 20 7.76 6.41 -5.86
N PRO A 21 6.96 7.07 -6.71
CA PRO A 21 5.82 7.86 -6.25
C PRO A 21 4.68 6.99 -5.71
N TRP A 22 4.87 5.68 -5.77
CA TRP A 22 3.86 4.75 -5.29
C TRP A 22 3.80 4.76 -3.77
N CYS A 23 2.67 4.33 -3.22
CA CYS A 23 2.47 4.29 -1.78
C CYS A 23 1.77 3.00 -1.36
N VAL A 24 2.49 2.17 -0.60
CA VAL A 24 1.93 0.90 -0.13
C VAL A 24 0.76 1.13 0.82
N VAL A 25 -0.38 0.53 0.49
CA VAL A 25 -1.57 0.67 1.32
C VAL A 25 -2.14 -0.69 1.71
N TRP A 26 -2.28 -0.92 3.01
CA TRP A 26 -2.80 -2.18 3.52
C TRP A 26 -4.31 -2.10 3.72
N THR A 27 -4.94 -3.26 3.91
CA THR A 27 -6.38 -3.31 4.11
C THR A 27 -6.74 -4.21 5.30
N GLY A 28 -8.03 -4.34 5.58
CA GLY A 28 -8.47 -5.17 6.68
C GLY A 28 -8.53 -6.63 6.31
N ASP A 29 -8.52 -6.92 5.02
CA ASP A 29 -8.57 -8.30 4.54
C ASP A 29 -7.16 -8.87 4.36
N GLU A 30 -6.28 -8.56 5.30
CA GLU A 30 -4.91 -9.05 5.25
C GLU A 30 -4.35 -8.92 3.84
N ARG A 31 -4.58 -7.77 3.20
CA ARG A 31 -4.10 -7.53 1.85
C ARG A 31 -3.36 -6.20 1.77
N VAL A 32 -2.92 -5.84 0.56
CA VAL A 32 -2.20 -4.60 0.35
C VAL A 32 -2.11 -4.26 -1.14
N PHE A 33 -2.31 -2.99 -1.48
CA PHE A 33 -2.24 -2.55 -2.86
C PHE A 33 -1.29 -1.35 -3.01
N PHE A 34 -1.07 -0.94 -4.25
CA PHE A 34 -0.19 0.19 -4.52
C PHE A 34 -0.98 1.39 -5.04
N TYR A 35 -0.74 2.55 -4.45
CA TYR A 35 -1.44 3.77 -4.85
C TYR A 35 -0.44 4.82 -5.33
N ASN A 36 -0.93 5.73 -6.17
CA ASN A 36 -0.08 6.80 -6.71
C ASN A 36 -0.78 8.14 -6.61
N PRO A 37 -0.45 8.90 -5.56
CA PRO A 37 -1.03 10.24 -5.33
C PRO A 37 -0.56 11.27 -6.35
N THR A 38 0.31 10.84 -7.25
CA THR A 38 0.85 11.72 -8.29
C THR A 38 0.10 11.54 -9.60
N THR A 39 -0.32 10.30 -9.86
CA THR A 39 -1.05 9.99 -11.09
C THR A 39 -2.44 9.45 -10.79
N ARG A 40 -2.92 9.69 -9.57
CA ARG A 40 -4.23 9.22 -9.16
C ARG A 40 -4.49 7.81 -9.67
N LEU A 41 -3.46 6.97 -9.62
CA LEU A 41 -3.57 5.59 -10.08
C LEU A 41 -3.63 4.63 -8.90
N SER A 42 -4.60 3.73 -8.92
CA SER A 42 -4.76 2.74 -7.86
C SER A 42 -5.02 1.36 -8.42
N MET A 43 -4.03 0.48 -8.28
CA MET A 43 -4.15 -0.89 -8.78
C MET A 43 -4.30 -1.88 -7.63
N TRP A 44 -4.51 -3.15 -7.97
CA TRP A 44 -4.67 -4.19 -6.96
C TRP A 44 -3.43 -5.08 -6.89
N ASP A 45 -2.58 -4.98 -7.91
CA ASP A 45 -1.36 -5.77 -7.97
C ASP A 45 -0.13 -4.86 -8.08
N ARG A 46 1.05 -5.46 -7.97
CA ARG A 46 2.29 -4.71 -8.06
C ARG A 46 2.62 -4.38 -9.52
N PRO A 47 2.55 -3.09 -9.87
CA PRO A 47 2.83 -2.62 -11.23
C PRO A 47 4.31 -2.73 -11.58
N ASP A 48 4.61 -2.69 -12.88
CA ASP A 48 5.98 -2.79 -13.35
C ASP A 48 6.83 -1.66 -12.78
N ASP A 49 6.30 -0.45 -12.81
CA ASP A 49 7.02 0.71 -12.30
C ASP A 49 7.75 0.38 -11.01
N LEU A 50 7.25 -0.63 -10.30
CA LEU A 50 7.85 -1.06 -9.04
C LEU A 50 8.64 -2.35 -9.23
N ILE A 51 8.19 -3.19 -10.15
CA ILE A 51 8.87 -4.45 -10.43
C ILE A 51 10.37 -4.24 -10.61
N GLY A 52 11.15 -4.85 -9.73
CA GLY A 52 12.59 -4.73 -9.81
C GLY A 52 13.20 -4.13 -8.55
N ARG A 53 12.47 -3.20 -7.94
CA ARG A 53 12.94 -2.55 -6.72
C ARG A 53 12.75 -3.45 -5.51
N ALA A 54 13.70 -3.39 -4.57
CA ALA A 54 13.62 -4.20 -3.36
C ALA A 54 12.81 -3.51 -2.28
N ASP A 55 12.95 -2.18 -2.19
CA ASP A 55 12.21 -1.41 -1.19
C ASP A 55 10.73 -1.76 -1.20
N VAL A 56 10.11 -1.63 -2.37
CA VAL A 56 8.69 -1.94 -2.52
C VAL A 56 8.32 -3.24 -1.80
N ASP A 57 9.16 -4.25 -1.97
CA ASP A 57 8.94 -5.55 -1.32
C ASP A 57 9.09 -5.44 0.19
N LYS A 58 10.27 -5.03 0.64
CA LYS A 58 10.55 -4.88 2.06
C LYS A 58 9.33 -4.31 2.79
N ILE A 59 8.84 -3.18 2.32
CA ILE A 59 7.67 -2.54 2.92
C ILE A 59 6.53 -3.53 3.10
N ILE A 60 6.15 -4.19 2.02
CA ILE A 60 5.07 -5.18 2.07
C ILE A 60 5.42 -6.33 3.00
N GLN A 61 6.71 -6.67 3.06
CA GLN A 61 7.17 -7.76 3.91
C GLN A 61 6.96 -7.43 5.39
N GLU A 62 7.42 -6.25 5.78
CA GLU A 62 7.28 -5.80 7.17
C GLU A 62 6.46 -4.52 7.25
N PRO A 63 5.13 -4.67 7.33
CA PRO A 63 4.20 -3.54 7.42
C PRO A 63 4.30 -2.81 8.76
N PRO A 64 4.06 -1.49 8.74
CA PRO A 64 4.12 -0.66 9.94
C PRO A 64 2.96 -0.95 10.90
N HIS A 65 1.75 -0.97 10.37
CA HIS A 65 0.56 -1.23 11.18
C HIS A 65 0.81 -2.40 12.13
N LYS A 66 1.61 -3.35 11.69
CA LYS A 66 1.93 -4.53 12.49
C LYS A 66 2.88 -4.16 13.63
N LYS A 67 4.14 -3.92 13.28
CA LYS A 67 5.16 -3.56 14.27
C LYS A 67 4.72 -2.35 15.08
N SER A 68 5.54 -1.94 16.03
CA SER A 68 5.25 -0.79 16.88
C SER A 68 4.07 -1.09 17.81
N GLY A 69 4.09 -2.27 18.41
CA GLY A 69 3.03 -2.66 19.32
C GLY A 69 1.98 -3.52 18.64
N PRO A 70 2.24 -4.83 18.55
CA PRO A 70 1.32 -5.77 17.93
C PRO A 70 0.05 -5.99 18.75
N SER A 71 -1.08 -6.14 18.08
CA SER A 71 -2.35 -6.35 18.74
C SER A 71 -2.51 -7.81 19.17
N SER A 72 -2.55 -8.71 18.20
CA SER A 72 -2.70 -10.12 18.47
C SER A 72 -1.55 -10.64 19.34
N GLY A 73 -0.33 -10.39 18.90
CA GLY A 73 0.83 -10.83 19.64
C GLY A 73 0.95 -10.15 20.99
N GLY A 1 -15.74 9.45 -17.37
CA GLY A 1 -14.76 9.70 -16.33
C GLY A 1 -14.63 8.56 -15.35
N SER A 2 -15.10 8.77 -14.13
CA SER A 2 -15.04 7.74 -13.09
C SER A 2 -16.23 7.84 -12.15
N SER A 3 -16.38 6.84 -11.29
CA SER A 3 -17.49 6.82 -10.33
C SER A 3 -17.11 6.03 -9.08
N GLY A 4 -17.87 6.23 -8.01
CA GLY A 4 -17.60 5.53 -6.76
C GLY A 4 -16.61 6.28 -5.89
N SER A 5 -15.34 6.27 -6.30
CA SER A 5 -14.29 6.94 -5.55
C SER A 5 -14.54 6.84 -4.05
N SER A 6 -14.94 5.65 -3.61
CA SER A 6 -15.23 5.41 -2.20
C SER A 6 -14.36 4.29 -1.65
N GLY A 7 -14.49 3.11 -2.25
CA GLY A 7 -13.71 1.96 -1.81
C GLY A 7 -14.30 1.30 -0.58
N LYS A 8 -15.13 0.29 -0.79
CA LYS A 8 -15.76 -0.44 0.30
C LYS A 8 -14.73 -0.86 1.34
N ALA A 9 -13.72 -1.59 0.90
CA ALA A 9 -12.67 -2.06 1.79
C ALA A 9 -11.69 -0.94 2.12
N LYS A 10 -12.03 -0.13 3.11
CA LYS A 10 -11.18 0.98 3.53
C LYS A 10 -9.81 0.49 3.97
N PRO A 11 -8.77 1.25 3.62
CA PRO A 11 -7.39 0.90 3.98
C PRO A 11 -7.12 1.04 5.48
N VAL A 12 -6.24 0.20 6.00
CA VAL A 12 -5.90 0.23 7.42
C VAL A 12 -4.63 1.06 7.65
N ALA A 13 -3.78 1.14 6.63
CA ALA A 13 -2.54 1.89 6.73
C ALA A 13 -2.00 2.24 5.35
N THR A 14 -1.18 3.28 5.28
CA THR A 14 -0.59 3.71 4.01
C THR A 14 0.78 4.33 4.22
N ALA A 15 1.77 3.82 3.50
CA ALA A 15 3.13 4.33 3.60
C ALA A 15 3.74 4.59 2.23
N PRO A 16 4.34 5.77 2.06
CA PRO A 16 4.97 6.16 0.79
C PRO A 16 6.23 5.37 0.50
N ILE A 17 6.31 4.81 -0.70
CA ILE A 17 7.45 4.01 -1.11
C ILE A 17 8.66 4.92 -1.42
N PRO A 18 9.82 4.54 -0.88
CA PRO A 18 11.07 5.28 -1.09
C PRO A 18 11.58 5.19 -2.52
N GLY A 19 11.74 6.35 -3.17
CA GLY A 19 12.21 6.36 -4.53
C GLY A 19 11.09 6.52 -5.54
N THR A 20 10.08 5.65 -5.43
CA THR A 20 8.95 5.70 -6.34
C THR A 20 7.78 6.46 -5.73
N PRO A 21 6.99 7.13 -6.59
CA PRO A 21 5.83 7.92 -6.15
C PRO A 21 4.70 7.03 -5.63
N TRP A 22 4.91 5.72 -5.66
CA TRP A 22 3.90 4.78 -5.20
C TRP A 22 3.82 4.79 -3.68
N CYS A 23 2.67 4.36 -3.16
CA CYS A 23 2.46 4.31 -1.71
C CYS A 23 1.75 3.03 -1.31
N VAL A 24 2.44 2.19 -0.54
CA VAL A 24 1.87 0.93 -0.09
C VAL A 24 0.67 1.16 0.83
N VAL A 25 -0.42 0.46 0.54
CA VAL A 25 -1.64 0.58 1.35
C VAL A 25 -2.15 -0.78 1.78
N TRP A 26 -2.29 -0.96 3.09
CA TRP A 26 -2.77 -2.23 3.63
C TRP A 26 -4.27 -2.15 3.94
N THR A 27 -4.90 -3.30 4.11
CA THR A 27 -6.33 -3.37 4.41
C THR A 27 -6.61 -4.32 5.57
N GLY A 28 -7.88 -4.47 5.91
CA GLY A 28 -8.25 -5.34 7.00
C GLY A 28 -8.33 -6.80 6.58
N ASP A 29 -8.41 -7.03 5.27
CA ASP A 29 -8.48 -8.39 4.74
C ASP A 29 -7.10 -8.91 4.39
N GLU A 30 -6.14 -8.70 5.29
CA GLU A 30 -4.77 -9.15 5.07
C GLU A 30 -4.36 -8.93 3.62
N ARG A 31 -4.72 -7.77 3.07
CA ARG A 31 -4.38 -7.45 1.70
C ARG A 31 -3.70 -6.08 1.62
N VAL A 32 -2.96 -5.86 0.53
CA VAL A 32 -2.26 -4.60 0.33
C VAL A 32 -2.17 -4.24 -1.16
N PHE A 33 -2.38 -2.97 -1.46
CA PHE A 33 -2.33 -2.50 -2.85
C PHE A 33 -1.41 -1.29 -2.97
N PHE A 34 -1.08 -0.94 -4.21
CA PHE A 34 -0.19 0.19 -4.47
C PHE A 34 -1.00 1.39 -4.98
N TYR A 35 -0.76 2.55 -4.38
CA TYR A 35 -1.45 3.77 -4.77
C TYR A 35 -0.47 4.82 -5.28
N ASN A 36 -0.97 5.74 -6.09
CA ASN A 36 -0.14 6.80 -6.65
C ASN A 36 -0.84 8.16 -6.54
N PRO A 37 -0.49 8.92 -5.50
CA PRO A 37 -1.06 10.25 -5.26
C PRO A 37 -0.60 11.28 -6.29
N THR A 38 0.25 10.85 -7.20
CA THR A 38 0.76 11.73 -8.24
C THR A 38 -0.02 11.56 -9.55
N THR A 39 -0.47 10.34 -9.80
CA THR A 39 -1.24 10.04 -11.01
C THR A 39 -2.62 9.50 -10.66
N ARG A 40 -3.02 9.67 -9.41
CA ARG A 40 -4.32 9.19 -8.95
C ARG A 40 -4.58 7.77 -9.45
N LEU A 41 -3.53 6.97 -9.52
CA LEU A 41 -3.64 5.59 -9.98
C LEU A 41 -3.67 4.63 -8.80
N SER A 42 -4.57 3.64 -8.86
CA SER A 42 -4.70 2.66 -7.80
C SER A 42 -4.91 1.26 -8.38
N MET A 43 -3.88 0.43 -8.32
CA MET A 43 -3.95 -0.93 -8.83
C MET A 43 -4.02 -1.94 -7.70
N TRP A 44 -4.52 -3.13 -7.99
CA TRP A 44 -4.63 -4.19 -7.00
C TRP A 44 -3.39 -5.07 -6.99
N ASP A 45 -2.56 -4.93 -8.01
CA ASP A 45 -1.33 -5.71 -8.12
C ASP A 45 -0.12 -4.81 -8.24
N ARG A 46 1.07 -5.40 -8.10
CA ARG A 46 2.31 -4.64 -8.18
C ARG A 46 2.64 -4.29 -9.63
N PRO A 47 2.57 -3.00 -9.95
CA PRO A 47 2.86 -2.50 -11.31
C PRO A 47 4.34 -2.61 -11.66
N ASP A 48 4.63 -2.57 -12.95
CA ASP A 48 6.01 -2.66 -13.42
C ASP A 48 6.87 -1.56 -12.82
N ASP A 49 6.35 -0.33 -12.88
CA ASP A 49 7.07 0.81 -12.33
C ASP A 49 7.82 0.45 -11.05
N LEU A 50 7.29 -0.55 -10.34
CA LEU A 50 7.90 -1.01 -9.09
C LEU A 50 8.63 -2.33 -9.30
N ILE A 51 8.16 -3.12 -10.25
CA ILE A 51 8.78 -4.41 -10.55
C ILE A 51 10.29 -4.27 -10.68
N GLY A 52 11.02 -4.99 -9.83
CA GLY A 52 12.47 -4.94 -9.88
C GLY A 52 13.06 -4.28 -8.65
N ARG A 53 12.31 -3.37 -8.04
CA ARG A 53 12.77 -2.67 -6.86
C ARG A 53 12.62 -3.54 -5.61
N ALA A 54 13.61 -3.48 -4.72
CA ALA A 54 13.58 -4.26 -3.49
C ALA A 54 12.82 -3.53 -2.39
N ASP A 55 13.00 -2.21 -2.33
CA ASP A 55 12.33 -1.40 -1.32
C ASP A 55 10.84 -1.72 -1.27
N VAL A 56 10.19 -1.69 -2.43
CA VAL A 56 8.77 -1.96 -2.52
C VAL A 56 8.42 -3.25 -1.78
N ASP A 57 9.21 -4.30 -2.03
CA ASP A 57 8.98 -5.59 -1.40
C ASP A 57 9.13 -5.49 0.12
N LYS A 58 10.33 -5.14 0.57
CA LYS A 58 10.60 -5.01 2.00
C LYS A 58 9.41 -4.39 2.72
N ILE A 59 8.97 -3.23 2.24
CA ILE A 59 7.83 -2.54 2.85
C ILE A 59 6.65 -3.48 3.04
N ILE A 60 6.24 -4.15 1.96
CA ILE A 60 5.12 -5.08 2.02
C ILE A 60 5.39 -6.20 3.03
N GLN A 61 6.63 -6.69 3.04
CA GLN A 61 7.02 -7.75 3.97
C GLN A 61 6.83 -7.32 5.41
N GLU A 62 7.44 -6.20 5.78
CA GLU A 62 7.35 -5.68 7.14
C GLU A 62 6.55 -4.38 7.16
N PRO A 63 5.22 -4.51 7.28
CA PRO A 63 4.31 -3.35 7.31
C PRO A 63 4.44 -2.56 8.61
N PRO A 64 4.00 -1.29 8.57
CA PRO A 64 4.07 -0.40 9.73
C PRO A 64 3.08 -0.81 10.82
N HIS A 65 1.87 -1.15 10.42
CA HIS A 65 0.83 -1.56 11.37
C HIS A 65 1.30 -2.75 12.21
N LYS A 66 2.40 -3.37 11.77
CA LYS A 66 2.95 -4.51 12.48
C LYS A 66 4.09 -4.09 13.41
N LYS A 67 3.74 -3.77 14.64
CA LYS A 67 4.73 -3.34 15.63
C LYS A 67 4.79 -4.33 16.80
N SER A 68 5.55 -5.40 16.62
CA SER A 68 5.68 -6.42 17.66
C SER A 68 7.16 -6.72 17.94
N GLY A 69 7.43 -7.25 19.12
CA GLY A 69 8.79 -7.58 19.49
C GLY A 69 9.40 -6.54 20.41
N PRO A 70 9.15 -6.68 21.73
CA PRO A 70 9.67 -5.75 22.73
C PRO A 70 11.18 -5.88 22.91
N SER A 71 11.80 -6.74 22.11
CA SER A 71 13.23 -6.96 22.19
C SER A 71 13.97 -6.11 21.15
N SER A 72 13.47 -6.14 19.92
CA SER A 72 14.07 -5.38 18.83
C SER A 72 14.10 -3.89 19.16
N GLY A 73 14.71 -3.11 18.27
CA GLY A 73 14.79 -1.67 18.48
C GLY A 73 13.64 -0.92 17.85
N GLY A 1 -27.11 7.11 -13.14
CA GLY A 1 -26.67 7.24 -11.76
C GLY A 1 -25.22 6.84 -11.59
N SER A 2 -24.75 6.87 -10.34
CA SER A 2 -23.36 6.52 -10.03
C SER A 2 -23.31 5.32 -9.10
N SER A 3 -22.82 4.20 -9.61
CA SER A 3 -22.70 2.98 -8.82
C SER A 3 -21.40 2.24 -9.14
N GLY A 4 -20.57 2.06 -8.11
CA GLY A 4 -19.31 1.37 -8.31
C GLY A 4 -18.88 0.59 -7.07
N SER A 5 -17.79 1.03 -6.46
CA SER A 5 -17.27 0.36 -5.26
C SER A 5 -17.66 1.13 -4.00
N SER A 6 -18.94 1.45 -3.88
CA SER A 6 -19.45 2.18 -2.74
C SER A 6 -19.79 1.23 -1.59
N GLY A 7 -18.85 0.37 -1.24
CA GLY A 7 -19.06 -0.58 -0.16
C GLY A 7 -18.10 -0.39 0.98
N LYS A 8 -18.42 -0.97 2.13
CA LYS A 8 -17.57 -0.88 3.32
C LYS A 8 -16.16 -1.38 3.01
N ALA A 9 -15.26 -0.45 2.71
CA ALA A 9 -13.88 -0.81 2.41
C ALA A 9 -12.94 0.37 2.63
N LYS A 10 -11.92 0.17 3.45
CA LYS A 10 -10.95 1.22 3.74
C LYS A 10 -9.62 0.64 4.19
N PRO A 11 -8.51 1.28 3.80
CA PRO A 11 -7.17 0.83 4.15
C PRO A 11 -6.86 1.03 5.63
N VAL A 12 -6.12 0.09 6.21
CA VAL A 12 -5.76 0.15 7.61
C VAL A 12 -4.49 0.96 7.82
N ALA A 13 -3.56 0.86 6.87
CA ALA A 13 -2.30 1.58 6.94
C ALA A 13 -1.82 1.98 5.56
N THR A 14 -0.95 2.98 5.50
CA THR A 14 -0.41 3.47 4.24
C THR A 14 0.96 4.12 4.43
N ALA A 15 1.89 3.80 3.54
CA ALA A 15 3.23 4.35 3.61
C ALA A 15 3.79 4.63 2.22
N PRO A 16 4.42 5.81 2.05
CA PRO A 16 5.01 6.21 0.77
C PRO A 16 6.23 5.39 0.41
N ILE A 17 6.25 4.86 -0.81
CA ILE A 17 7.37 4.06 -1.28
C ILE A 17 8.58 4.93 -1.60
N PRO A 18 9.77 4.50 -1.14
CA PRO A 18 11.02 5.23 -1.36
C PRO A 18 11.47 5.17 -2.83
N GLY A 19 11.75 6.34 -3.39
CA GLY A 19 12.17 6.40 -4.78
C GLY A 19 11.02 6.54 -5.75
N THR A 20 10.02 5.68 -5.59
CA THR A 20 8.85 5.71 -6.46
C THR A 20 7.70 6.48 -5.81
N PRO A 21 6.89 7.14 -6.65
CA PRO A 21 5.74 7.93 -6.18
C PRO A 21 4.63 7.06 -5.63
N TRP A 22 4.81 5.75 -5.70
CA TRP A 22 3.81 4.80 -5.22
C TRP A 22 3.76 4.80 -3.69
N CYS A 23 2.63 4.39 -3.14
CA CYS A 23 2.46 4.34 -1.69
C CYS A 23 1.82 3.03 -1.26
N VAL A 24 2.57 2.25 -0.49
CA VAL A 24 2.08 0.95 -0.02
C VAL A 24 0.88 1.13 0.91
N VAL A 25 -0.28 0.66 0.45
CA VAL A 25 -1.51 0.75 1.24
C VAL A 25 -2.01 -0.63 1.65
N TRP A 26 -2.19 -0.82 2.95
CA TRP A 26 -2.68 -2.09 3.47
C TRP A 26 -4.19 -2.06 3.70
N THR A 27 -4.80 -3.23 3.75
CA THR A 27 -6.23 -3.33 3.97
C THR A 27 -6.55 -4.21 5.18
N GLY A 28 -7.84 -4.32 5.50
CA GLY A 28 -8.25 -5.13 6.63
C GLY A 28 -8.23 -6.61 6.32
N ASP A 29 -8.29 -6.95 5.04
CA ASP A 29 -8.28 -8.34 4.60
C ASP A 29 -6.86 -8.84 4.44
N GLU A 30 -5.99 -8.47 5.37
CA GLU A 30 -4.59 -8.88 5.32
C GLU A 30 -4.03 -8.75 3.91
N ARG A 31 -4.43 -7.69 3.21
CA ARG A 31 -3.97 -7.45 1.86
C ARG A 31 -3.29 -6.09 1.74
N VAL A 32 -2.78 -5.79 0.56
CA VAL A 32 -2.10 -4.52 0.32
C VAL A 32 -2.06 -4.19 -1.17
N PHE A 33 -2.32 -2.93 -1.50
CA PHE A 33 -2.31 -2.48 -2.89
C PHE A 33 -1.41 -1.25 -3.06
N PHE A 34 -1.06 -0.96 -4.31
CA PHE A 34 -0.20 0.17 -4.61
C PHE A 34 -1.02 1.35 -5.14
N TYR A 35 -0.83 2.52 -4.54
CA TYR A 35 -1.56 3.71 -4.95
C TYR A 35 -0.60 4.86 -5.27
N ASN A 36 -0.91 5.61 -6.30
CA ASN A 36 -0.08 6.74 -6.71
C ASN A 36 -0.85 8.05 -6.61
N PRO A 37 -0.56 8.83 -5.55
CA PRO A 37 -1.20 10.12 -5.32
C PRO A 37 -0.79 11.18 -6.33
N THR A 38 0.11 10.80 -7.23
CA THR A 38 0.60 11.72 -8.26
C THR A 38 -0.16 11.53 -9.57
N THR A 39 -0.55 10.29 -9.85
CA THR A 39 -1.29 9.98 -11.07
C THR A 39 -2.66 9.40 -10.75
N ARG A 40 -3.12 9.63 -9.53
CA ARG A 40 -4.43 9.13 -9.09
C ARG A 40 -4.66 7.71 -9.60
N LEU A 41 -3.61 6.91 -9.58
CA LEU A 41 -3.69 5.52 -10.05
C LEU A 41 -3.72 4.55 -8.87
N SER A 42 -4.61 3.58 -8.94
CA SER A 42 -4.73 2.58 -7.88
C SER A 42 -4.98 1.18 -8.45
N MET A 43 -3.96 0.33 -8.35
CA MET A 43 -4.06 -1.03 -8.88
C MET A 43 -4.13 -2.04 -7.73
N TRP A 44 -4.55 -3.26 -8.04
CA TRP A 44 -4.66 -4.32 -7.04
C TRP A 44 -3.41 -5.18 -7.04
N ASP A 45 -2.57 -5.02 -8.06
CA ASP A 45 -1.35 -5.81 -8.17
C ASP A 45 -0.12 -4.89 -8.21
N ARG A 46 1.06 -5.48 -8.21
CA ARG A 46 2.31 -4.72 -8.25
C ARG A 46 2.67 -4.36 -9.69
N PRO A 47 2.57 -3.06 -10.01
CA PRO A 47 2.89 -2.56 -11.35
C PRO A 47 4.38 -2.61 -11.65
N ASP A 48 4.72 -2.57 -12.93
CA ASP A 48 6.12 -2.62 -13.36
C ASP A 48 6.92 -1.48 -12.73
N ASP A 49 6.34 -0.28 -12.75
CA ASP A 49 6.99 0.89 -12.19
C ASP A 49 7.74 0.54 -10.90
N LEU A 50 7.26 -0.50 -10.22
CA LEU A 50 7.87 -0.95 -8.97
C LEU A 50 8.67 -2.23 -9.17
N ILE A 51 8.24 -3.03 -10.15
CA ILE A 51 8.91 -4.30 -10.45
C ILE A 51 10.41 -4.09 -10.60
N GLY A 52 11.18 -4.70 -9.70
CA GLY A 52 12.63 -4.57 -9.74
C GLY A 52 13.20 -3.98 -8.48
N ARG A 53 12.43 -3.11 -7.82
CA ARG A 53 12.87 -2.47 -6.59
C ARG A 53 12.64 -3.38 -5.39
N ALA A 54 13.56 -3.35 -4.44
CA ALA A 54 13.45 -4.17 -3.24
C ALA A 54 12.64 -3.47 -2.16
N ASP A 55 12.82 -2.15 -2.06
CA ASP A 55 12.11 -1.35 -1.07
C ASP A 55 10.62 -1.67 -1.09
N VAL A 56 10.01 -1.54 -2.26
CA VAL A 56 8.58 -1.80 -2.41
C VAL A 56 8.20 -3.14 -1.78
N ASP A 57 9.05 -4.14 -1.98
CA ASP A 57 8.82 -5.47 -1.43
C ASP A 57 9.00 -5.48 0.09
N LYS A 58 10.19 -5.08 0.53
CA LYS A 58 10.50 -5.04 1.96
C LYS A 58 9.35 -4.41 2.74
N ILE A 59 8.93 -3.23 2.33
CA ILE A 59 7.84 -2.53 3.00
C ILE A 59 6.63 -3.45 3.19
N ILE A 60 6.15 -4.01 2.09
CA ILE A 60 5.00 -4.92 2.15
C ILE A 60 5.27 -6.09 3.08
N GLN A 61 6.46 -6.66 2.97
CA GLN A 61 6.85 -7.80 3.80
C GLN A 61 6.62 -7.49 5.27
N GLU A 62 7.18 -6.39 5.74
CA GLU A 62 7.04 -5.99 7.13
C GLU A 62 6.34 -4.64 7.24
N PRO A 63 5.00 -4.68 7.36
CA PRO A 63 4.18 -3.48 7.47
C PRO A 63 4.37 -2.77 8.81
N PRO A 64 4.19 -1.43 8.81
CA PRO A 64 4.34 -0.61 10.01
C PRO A 64 3.23 -0.85 11.02
N HIS A 65 2.06 -1.25 10.52
CA HIS A 65 0.91 -1.52 11.37
C HIS A 65 1.12 -2.80 12.18
N LYS A 66 2.22 -3.49 11.91
CA LYS A 66 2.55 -4.72 12.61
C LYS A 66 3.67 -4.51 13.62
N LYS A 67 3.48 -3.53 14.51
CA LYS A 67 4.47 -3.23 15.53
C LYS A 67 3.81 -3.01 16.89
N SER A 68 4.33 -3.67 17.91
CA SER A 68 3.79 -3.56 19.25
C SER A 68 4.85 -3.09 20.23
N GLY A 69 4.80 -1.81 20.59
CA GLY A 69 5.77 -1.25 21.52
C GLY A 69 5.25 -0.02 22.23
N PRO A 70 6.16 0.80 22.76
CA PRO A 70 5.81 2.03 23.48
C PRO A 70 5.24 3.10 22.56
N SER A 71 5.47 2.94 21.26
CA SER A 71 4.99 3.90 20.28
C SER A 71 3.47 3.79 20.12
N SER A 72 2.75 4.65 20.84
CA SER A 72 1.30 4.65 20.78
C SER A 72 0.76 6.02 20.39
N GLY A 73 0.09 6.09 19.24
CA GLY A 73 -0.44 7.35 18.77
C GLY A 73 0.63 8.28 18.25
N GLY A 1 -17.29 9.55 -9.14
CA GLY A 1 -16.90 9.66 -7.75
C GLY A 1 -17.58 8.63 -6.87
N SER A 2 -17.90 9.02 -5.65
CA SER A 2 -18.56 8.12 -4.71
C SER A 2 -20.04 8.45 -4.58
N SER A 3 -20.88 7.60 -5.16
CA SER A 3 -22.33 7.80 -5.11
C SER A 3 -22.78 8.13 -3.69
N GLY A 4 -22.39 7.29 -2.74
CA GLY A 4 -22.77 7.49 -1.35
C GLY A 4 -21.62 8.04 -0.53
N SER A 5 -21.49 7.53 0.69
CA SER A 5 -20.43 7.97 1.60
C SER A 5 -19.27 6.98 1.60
N SER A 6 -19.57 5.71 1.86
CA SER A 6 -18.56 4.67 1.89
C SER A 6 -18.92 3.52 0.96
N GLY A 7 -18.06 3.27 -0.02
CA GLY A 7 -18.31 2.20 -0.97
C GLY A 7 -17.16 1.21 -1.04
N LYS A 8 -15.96 1.70 -1.30
CA LYS A 8 -14.78 0.86 -1.39
C LYS A 8 -14.12 0.70 -0.03
N ALA A 9 -13.89 -0.55 0.37
CA ALA A 9 -13.26 -0.84 1.65
C ALA A 9 -12.07 0.07 1.90
N LYS A 10 -12.17 0.92 2.92
CA LYS A 10 -11.10 1.85 3.26
C LYS A 10 -9.87 1.09 3.75
N PRO A 11 -8.68 1.61 3.40
CA PRO A 11 -7.40 1.01 3.79
C PRO A 11 -7.13 1.14 5.29
N VAL A 12 -6.30 0.25 5.82
CA VAL A 12 -5.95 0.27 7.23
C VAL A 12 -4.70 1.10 7.49
N ALA A 13 -3.77 1.05 6.54
CA ALA A 13 -2.52 1.80 6.65
C ALA A 13 -2.00 2.21 5.28
N THR A 14 -1.17 3.25 5.25
CA THR A 14 -0.61 3.74 4.01
C THR A 14 0.80 4.31 4.23
N ALA A 15 1.72 3.95 3.34
CA ALA A 15 3.09 4.42 3.43
C ALA A 15 3.69 4.65 2.04
N PRO A 16 4.31 5.83 1.85
CA PRO A 16 4.93 6.21 0.58
C PRO A 16 6.19 5.40 0.29
N ILE A 17 6.24 4.82 -0.90
CA ILE A 17 7.39 4.02 -1.31
C ILE A 17 8.57 4.91 -1.71
N PRO A 18 9.77 4.53 -1.26
CA PRO A 18 11.00 5.28 -1.55
C PRO A 18 11.41 5.16 -3.02
N GLY A 19 11.71 6.30 -3.64
CA GLY A 19 12.11 6.29 -5.03
C GLY A 19 10.93 6.42 -5.98
N THR A 20 9.94 5.56 -5.82
CA THR A 20 8.75 5.58 -6.66
C THR A 20 7.61 6.35 -5.98
N PRO A 21 6.77 6.99 -6.80
CA PRO A 21 5.63 7.77 -6.31
C PRO A 21 4.53 6.88 -5.73
N TRP A 22 4.72 5.57 -5.84
CA TRP A 22 3.75 4.61 -5.32
C TRP A 22 3.74 4.61 -3.79
N CYS A 23 2.60 4.27 -3.22
CA CYS A 23 2.46 4.23 -1.76
C CYS A 23 1.82 2.92 -1.31
N VAL A 24 2.53 2.16 -0.49
CA VAL A 24 2.03 0.89 0.01
C VAL A 24 0.82 1.10 0.92
N VAL A 25 -0.32 0.57 0.51
CA VAL A 25 -1.54 0.69 1.29
C VAL A 25 -2.07 -0.68 1.71
N TRP A 26 -2.33 -0.84 3.00
CA TRP A 26 -2.84 -2.10 3.53
C TRP A 26 -4.35 -2.04 3.71
N THR A 27 -4.97 -3.21 3.87
CA THR A 27 -6.41 -3.29 4.05
C THR A 27 -6.77 -4.25 5.18
N GLY A 28 -8.07 -4.32 5.50
CA GLY A 28 -8.52 -5.19 6.57
C GLY A 28 -8.66 -6.64 6.11
N ASP A 29 -8.54 -6.87 4.81
CA ASP A 29 -8.66 -8.21 4.26
C ASP A 29 -7.28 -8.84 4.06
N GLU A 30 -6.36 -8.53 4.97
CA GLU A 30 -5.00 -9.07 4.89
C GLU A 30 -4.44 -8.91 3.48
N ARG A 31 -4.66 -7.74 2.89
CA ARG A 31 -4.17 -7.46 1.54
C ARG A 31 -3.50 -6.09 1.49
N VAL A 32 -2.73 -5.86 0.43
CA VAL A 32 -2.03 -4.59 0.25
C VAL A 32 -1.90 -4.24 -1.22
N PHE A 33 -2.06 -2.95 -1.54
CA PHE A 33 -1.97 -2.48 -2.91
C PHE A 33 -1.06 -1.24 -3.00
N PHE A 34 -0.80 -0.81 -4.22
CA PHE A 34 0.04 0.36 -4.45
C PHE A 34 -0.78 1.55 -4.94
N TYR A 35 -0.72 2.65 -4.19
CA TYR A 35 -1.47 3.85 -4.54
C TYR A 35 -0.54 4.92 -5.10
N ASN A 36 -1.09 5.80 -5.92
CA ASN A 36 -0.31 6.89 -6.52
C ASN A 36 -1.02 8.23 -6.37
N PRO A 37 -0.62 8.99 -5.33
CA PRO A 37 -1.22 10.31 -5.06
C PRO A 37 -0.84 11.34 -6.11
N THR A 38 -0.02 10.94 -7.07
CA THR A 38 0.43 11.83 -8.13
C THR A 38 -0.42 11.65 -9.39
N THR A 39 -0.83 10.42 -9.65
CA THR A 39 -1.64 10.11 -10.82
C THR A 39 -2.97 9.48 -10.42
N ARG A 40 -3.28 9.57 -9.13
CA ARG A 40 -4.54 9.01 -8.61
C ARG A 40 -4.77 7.61 -9.15
N LEU A 41 -3.68 6.85 -9.31
CA LEU A 41 -3.77 5.49 -9.82
C LEU A 41 -3.58 4.47 -8.70
N SER A 42 -4.49 3.50 -8.63
CA SER A 42 -4.43 2.47 -7.60
C SER A 42 -4.63 1.08 -8.21
N MET A 43 -3.58 0.27 -8.17
CA MET A 43 -3.65 -1.08 -8.72
C MET A 43 -3.57 -2.12 -7.61
N TRP A 44 -4.42 -3.14 -7.69
CA TRP A 44 -4.45 -4.20 -6.68
C TRP A 44 -3.26 -5.13 -6.86
N ASP A 45 -2.52 -4.96 -7.95
CA ASP A 45 -1.36 -5.78 -8.23
C ASP A 45 -0.08 -4.94 -8.21
N ARG A 46 1.05 -5.58 -8.50
CA ARG A 46 2.33 -4.90 -8.52
C ARG A 46 2.70 -4.48 -9.94
N PRO A 47 2.62 -3.17 -10.21
CA PRO A 47 2.95 -2.62 -11.54
C PRO A 47 4.44 -2.69 -11.84
N ASP A 48 4.78 -2.62 -13.13
CA ASP A 48 6.16 -2.68 -13.55
C ASP A 48 6.97 -1.55 -12.92
N ASP A 49 6.39 -0.36 -12.87
CA ASP A 49 7.05 0.80 -12.28
C ASP A 49 7.76 0.42 -10.98
N LEU A 50 7.30 -0.65 -10.36
CA LEU A 50 7.89 -1.12 -9.10
C LEU A 50 8.68 -2.40 -9.32
N ILE A 51 8.24 -3.22 -10.28
CA ILE A 51 8.91 -4.47 -10.59
C ILE A 51 10.43 -4.27 -10.68
N GLY A 52 11.16 -4.94 -9.79
CA GLY A 52 12.60 -4.82 -9.79
C GLY A 52 13.14 -4.20 -8.52
N ARG A 53 12.39 -3.27 -7.96
CA ARG A 53 12.80 -2.59 -6.73
C ARG A 53 12.57 -3.49 -5.52
N ALA A 54 13.50 -3.45 -4.57
CA ALA A 54 13.40 -4.26 -3.37
C ALA A 54 12.60 -3.53 -2.29
N ASP A 55 12.74 -2.22 -2.24
CA ASP A 55 12.03 -1.40 -1.26
C ASP A 55 10.55 -1.73 -1.26
N VAL A 56 9.93 -1.68 -2.43
CA VAL A 56 8.50 -1.97 -2.55
C VAL A 56 8.15 -3.28 -1.86
N ASP A 57 8.97 -4.30 -2.07
CA ASP A 57 8.75 -5.60 -1.47
C ASP A 57 8.95 -5.54 0.05
N LYS A 58 10.14 -5.09 0.45
CA LYS A 58 10.47 -4.99 1.87
C LYS A 58 9.29 -4.40 2.66
N ILE A 59 8.85 -3.21 2.25
CA ILE A 59 7.74 -2.54 2.91
C ILE A 59 6.57 -3.50 3.11
N ILE A 60 6.13 -4.12 2.03
CA ILE A 60 5.02 -5.07 2.09
C ILE A 60 5.30 -6.21 3.07
N GLN A 61 6.52 -6.75 2.99
CA GLN A 61 6.92 -7.84 3.88
C GLN A 61 6.71 -7.46 5.34
N GLU A 62 7.29 -6.34 5.75
CA GLU A 62 7.17 -5.86 7.11
C GLU A 62 6.40 -4.54 7.17
N PRO A 63 5.08 -4.63 7.36
CA PRO A 63 4.20 -3.45 7.43
C PRO A 63 4.43 -2.65 8.71
N PRO A 64 4.18 -1.33 8.63
CA PRO A 64 4.35 -0.42 9.77
C PRO A 64 3.29 -0.66 10.85
N HIS A 65 2.04 -0.75 10.43
CA HIS A 65 0.94 -0.97 11.35
C HIS A 65 1.06 -2.34 12.02
N LYS A 66 1.17 -3.39 11.20
CA LYS A 66 1.29 -4.74 11.72
C LYS A 66 2.75 -5.08 12.03
N LYS A 67 3.10 -4.99 13.31
CA LYS A 67 4.46 -5.28 13.75
C LYS A 67 4.56 -5.30 15.26
N SER A 68 5.32 -6.25 15.80
CA SER A 68 5.48 -6.37 17.24
C SER A 68 5.66 -5.00 17.89
N GLY A 69 4.75 -4.67 18.80
CA GLY A 69 4.81 -3.39 19.49
C GLY A 69 3.58 -2.55 19.27
N PRO A 70 2.53 -2.81 20.06
CA PRO A 70 1.27 -2.08 19.96
C PRO A 70 1.39 -0.63 20.43
N SER A 71 2.29 -0.39 21.38
CA SER A 71 2.51 0.95 21.90
C SER A 71 3.40 1.77 20.97
N SER A 72 2.82 2.23 19.87
CA SER A 72 3.56 3.01 18.90
C SER A 72 2.82 4.31 18.56
N GLY A 73 3.30 5.42 19.13
CA GLY A 73 2.67 6.70 18.88
C GLY A 73 2.82 7.65 20.06
N GLY A 1 -26.38 7.60 -12.62
CA GLY A 1 -25.37 7.72 -11.58
C GLY A 1 -25.87 7.26 -10.23
N SER A 2 -25.67 5.99 -9.93
CA SER A 2 -26.11 5.42 -8.66
C SER A 2 -25.74 6.34 -7.50
N SER A 3 -26.63 6.44 -6.52
CA SER A 3 -26.39 7.28 -5.35
C SER A 3 -25.02 7.00 -4.75
N GLY A 4 -24.76 5.73 -4.46
CA GLY A 4 -23.50 5.34 -3.87
C GLY A 4 -23.59 4.07 -3.04
N SER A 5 -23.12 2.97 -3.59
CA SER A 5 -23.16 1.69 -2.91
C SER A 5 -21.77 1.29 -2.39
N SER A 6 -21.67 1.09 -1.09
CA SER A 6 -20.40 0.72 -0.47
C SER A 6 -19.94 -0.65 -0.95
N GLY A 7 -18.73 -0.70 -1.51
CA GLY A 7 -18.20 -1.96 -2.00
C GLY A 7 -16.73 -2.13 -1.67
N LYS A 8 -15.94 -1.09 -1.91
CA LYS A 8 -14.51 -1.13 -1.64
C LYS A 8 -14.24 -1.30 -0.16
N ALA A 9 -13.00 -1.62 0.19
CA ALA A 9 -12.61 -1.81 1.59
C ALA A 9 -11.62 -0.74 2.02
N LYS A 10 -12.01 0.07 3.01
CA LYS A 10 -11.16 1.13 3.52
C LYS A 10 -9.82 0.57 3.99
N PRO A 11 -8.75 1.30 3.69
CA PRO A 11 -7.39 0.90 4.08
C PRO A 11 -7.16 0.99 5.59
N VAL A 12 -6.14 0.28 6.07
CA VAL A 12 -5.82 0.28 7.50
C VAL A 12 -4.53 1.05 7.75
N ALA A 13 -3.63 1.06 6.78
CA ALA A 13 -2.36 1.76 6.90
C ALA A 13 -1.81 2.15 5.54
N THR A 14 -1.15 3.30 5.48
CA THR A 14 -0.57 3.79 4.23
C THR A 14 0.84 4.32 4.44
N ALA A 15 1.75 3.93 3.56
CA ALA A 15 3.15 4.37 3.65
C ALA A 15 3.73 4.64 2.27
N PRO A 16 4.31 5.84 2.09
CA PRO A 16 4.91 6.24 0.82
C PRO A 16 6.20 5.46 0.52
N ILE A 17 6.27 4.90 -0.69
CA ILE A 17 7.43 4.13 -1.11
C ILE A 17 8.61 5.05 -1.42
N PRO A 18 9.79 4.68 -0.93
CA PRO A 18 11.02 5.46 -1.14
C PRO A 18 11.50 5.39 -2.59
N GLY A 19 11.71 6.56 -3.19
CA GLY A 19 12.16 6.62 -4.56
C GLY A 19 11.03 6.79 -5.55
N THR A 20 10.02 5.92 -5.46
CA THR A 20 8.87 5.98 -6.34
C THR A 20 7.71 6.70 -5.68
N PRO A 21 6.88 7.36 -6.50
CA PRO A 21 5.70 8.10 -6.01
C PRO A 21 4.62 7.18 -5.47
N TRP A 22 4.83 5.87 -5.61
CA TRP A 22 3.87 4.88 -5.13
C TRP A 22 3.83 4.86 -3.61
N CYS A 23 2.70 4.40 -3.07
CA CYS A 23 2.53 4.32 -1.62
C CYS A 23 1.84 3.02 -1.22
N VAL A 24 2.51 2.23 -0.39
CA VAL A 24 1.96 0.96 0.07
C VAL A 24 0.76 1.17 0.98
N VAL A 25 -0.39 0.66 0.55
CA VAL A 25 -1.62 0.80 1.34
C VAL A 25 -2.19 -0.57 1.70
N TRP A 26 -2.37 -0.81 2.99
CA TRP A 26 -2.91 -2.07 3.47
C TRP A 26 -4.40 -1.97 3.72
N THR A 27 -5.05 -3.10 3.93
CA THR A 27 -6.48 -3.14 4.18
C THR A 27 -6.81 -4.06 5.36
N GLY A 28 -8.11 -4.20 5.64
CA GLY A 28 -8.53 -5.06 6.74
C GLY A 28 -8.55 -6.53 6.36
N ASP A 29 -8.66 -6.80 5.05
CA ASP A 29 -8.69 -8.17 4.57
C ASP A 29 -7.28 -8.71 4.38
N GLU A 30 -6.40 -8.41 5.33
CA GLU A 30 -5.02 -8.87 5.26
C GLU A 30 -4.46 -8.73 3.85
N ARG A 31 -4.82 -7.62 3.18
CA ARG A 31 -4.36 -7.37 1.83
C ARG A 31 -3.72 -5.99 1.72
N VAL A 32 -3.03 -5.75 0.61
CA VAL A 32 -2.37 -4.48 0.38
C VAL A 32 -2.27 -4.16 -1.11
N PHE A 33 -2.55 -2.91 -1.46
CA PHE A 33 -2.49 -2.48 -2.86
C PHE A 33 -1.55 -1.29 -3.03
N PHE A 34 -1.17 -1.02 -4.26
CA PHE A 34 -0.27 0.10 -4.56
C PHE A 34 -1.07 1.34 -4.97
N TYR A 35 -0.73 2.48 -4.38
CA TYR A 35 -1.42 3.73 -4.69
C TYR A 35 -0.43 4.78 -5.17
N ASN A 36 -0.91 5.69 -6.02
CA ASN A 36 -0.06 6.75 -6.55
C ASN A 36 -0.77 8.11 -6.46
N PRO A 37 -0.44 8.87 -5.41
CA PRO A 37 -1.02 10.19 -5.17
C PRO A 37 -0.55 11.22 -6.19
N THR A 38 0.33 10.81 -7.09
CA THR A 38 0.86 11.68 -8.12
C THR A 38 0.12 11.50 -9.43
N THR A 39 -0.32 10.28 -9.70
CA THR A 39 -1.04 9.97 -10.92
C THR A 39 -2.43 9.41 -10.62
N ARG A 40 -2.79 9.41 -9.33
CA ARG A 40 -4.10 8.90 -8.92
C ARG A 40 -4.32 7.49 -9.45
N LEU A 41 -3.25 6.69 -9.48
CA LEU A 41 -3.34 5.32 -9.97
C LEU A 41 -3.23 4.34 -8.81
N SER A 42 -4.18 3.40 -8.75
CA SER A 42 -4.20 2.39 -7.69
C SER A 42 -4.53 1.02 -8.26
N MET A 43 -3.53 0.13 -8.26
CA MET A 43 -3.71 -1.23 -8.76
C MET A 43 -3.48 -2.26 -7.68
N TRP A 44 -4.20 -3.37 -7.75
CA TRP A 44 -4.06 -4.43 -6.76
C TRP A 44 -2.80 -5.25 -7.00
N ASP A 45 -2.28 -5.16 -8.22
CA ASP A 45 -1.06 -5.89 -8.58
C ASP A 45 0.16 -4.96 -8.54
N ARG A 46 1.34 -5.55 -8.69
CA ARG A 46 2.58 -4.78 -8.68
C ARG A 46 2.89 -4.22 -10.07
N PRO A 47 2.77 -2.89 -10.20
CA PRO A 47 3.03 -2.20 -11.47
C PRO A 47 4.51 -2.21 -11.84
N ASP A 48 4.80 -2.13 -13.14
CA ASP A 48 6.18 -2.12 -13.61
C ASP A 48 6.98 -1.01 -12.95
N ASP A 49 6.41 0.18 -12.91
CA ASP A 49 7.06 1.33 -12.29
C ASP A 49 7.83 0.91 -11.03
N LEU A 50 7.37 -0.16 -10.40
CA LEU A 50 8.01 -0.67 -9.20
C LEU A 50 8.78 -1.95 -9.48
N ILE A 51 8.29 -2.73 -10.44
CA ILE A 51 8.94 -3.98 -10.81
C ILE A 51 10.45 -3.80 -10.94
N GLY A 52 11.20 -4.40 -10.02
CA GLY A 52 12.64 -4.29 -10.04
C GLY A 52 13.21 -3.71 -8.76
N ARG A 53 12.42 -2.89 -8.10
CA ARG A 53 12.84 -2.26 -6.85
C ARG A 53 12.60 -3.17 -5.66
N ALA A 54 13.46 -3.07 -4.65
CA ALA A 54 13.33 -3.90 -3.46
C ALA A 54 12.46 -3.22 -2.41
N ASP A 55 12.68 -1.92 -2.21
CA ASP A 55 11.91 -1.15 -1.23
C ASP A 55 10.43 -1.55 -1.27
N VAL A 56 9.85 -1.52 -2.46
CA VAL A 56 8.45 -1.88 -2.64
C VAL A 56 8.14 -3.21 -1.97
N ASP A 57 9.01 -4.19 -2.16
CA ASP A 57 8.83 -5.51 -1.58
C ASP A 57 9.04 -5.47 -0.07
N LYS A 58 10.23 -5.03 0.34
CA LYS A 58 10.56 -4.94 1.76
C LYS A 58 9.41 -4.34 2.55
N ILE A 59 8.91 -3.20 2.09
CA ILE A 59 7.79 -2.53 2.76
C ILE A 59 6.63 -3.48 2.97
N ILE A 60 6.18 -4.12 1.90
CA ILE A 60 5.07 -5.07 1.98
C ILE A 60 5.38 -6.20 2.96
N GLN A 61 6.58 -6.76 2.86
CA GLN A 61 6.99 -7.85 3.73
C GLN A 61 6.70 -7.51 5.19
N GLU A 62 7.37 -6.48 5.70
CA GLU A 62 7.18 -6.07 7.08
C GLU A 62 6.40 -4.76 7.16
N PRO A 63 5.06 -4.87 7.16
CA PRO A 63 4.17 -3.70 7.22
C PRO A 63 4.22 -3.02 8.58
N PRO A 64 4.03 -1.69 8.58
CA PRO A 64 4.05 -0.88 9.79
C PRO A 64 2.84 -1.14 10.68
N HIS A 65 1.71 -1.45 10.06
CA HIS A 65 0.47 -1.73 10.80
C HIS A 65 0.65 -2.95 11.70
N LYS A 66 1.77 -3.64 11.53
CA LYS A 66 2.05 -4.83 12.34
C LYS A 66 3.32 -4.63 13.17
N LYS A 67 3.34 -3.55 13.95
CA LYS A 67 4.49 -3.26 14.79
C LYS A 67 4.21 -2.06 15.70
N SER A 68 4.75 -2.09 16.91
CA SER A 68 4.55 -1.01 17.87
C SER A 68 5.88 -0.51 18.41
N GLY A 69 6.63 0.20 17.56
CA GLY A 69 7.92 0.72 17.97
C GLY A 69 7.79 1.92 18.90
N PRO A 70 8.92 2.53 19.24
CA PRO A 70 8.96 3.70 20.14
C PRO A 70 8.37 4.94 19.49
N SER A 71 8.42 5.00 18.16
CA SER A 71 7.88 6.14 17.43
C SER A 71 6.53 5.80 16.82
N SER A 72 5.76 6.84 16.49
CA SER A 72 4.43 6.65 15.90
C SER A 72 4.54 6.11 14.48
N GLY A 73 5.46 6.69 13.70
CA GLY A 73 5.64 6.26 12.33
C GLY A 73 6.97 6.73 11.75
N GLY A 1 -25.21 16.06 -4.52
CA GLY A 1 -23.85 16.19 -4.06
C GLY A 1 -22.84 15.68 -5.08
N SER A 2 -22.08 14.66 -4.71
CA SER A 2 -21.07 14.09 -5.60
C SER A 2 -21.31 12.60 -5.80
N SER A 3 -21.25 11.84 -4.71
CA SER A 3 -21.45 10.40 -4.77
C SER A 3 -22.56 9.97 -3.82
N GLY A 4 -23.52 9.20 -4.35
CA GLY A 4 -24.62 8.73 -3.53
C GLY A 4 -24.17 7.86 -2.38
N SER A 5 -24.51 6.57 -2.44
CA SER A 5 -24.14 5.63 -1.39
C SER A 5 -22.62 5.42 -1.37
N SER A 6 -22.11 4.98 -0.23
CA SER A 6 -20.68 4.73 -0.07
C SER A 6 -20.42 3.30 0.36
N GLY A 7 -20.07 2.45 -0.61
CA GLY A 7 -19.79 1.06 -0.31
C GLY A 7 -18.53 0.55 -0.99
N LYS A 8 -17.41 0.65 -0.30
CA LYS A 8 -16.13 0.20 -0.84
C LYS A 8 -15.13 -0.06 0.28
N ALA A 9 -14.37 -1.14 0.14
CA ALA A 9 -13.37 -1.50 1.14
C ALA A 9 -12.42 -0.33 1.40
N LYS A 10 -12.10 -0.12 2.68
CA LYS A 10 -11.20 0.96 3.07
C LYS A 10 -9.88 0.41 3.61
N PRO A 11 -8.78 1.12 3.32
CA PRO A 11 -7.44 0.72 3.78
C PRO A 11 -7.27 0.87 5.29
N VAL A 12 -6.21 0.28 5.82
CA VAL A 12 -5.93 0.36 7.24
C VAL A 12 -4.69 1.20 7.51
N ALA A 13 -3.71 1.12 6.61
CA ALA A 13 -2.47 1.87 6.75
C ALA A 13 -1.88 2.22 5.39
N THR A 14 -1.20 3.35 5.31
CA THR A 14 -0.59 3.80 4.07
C THR A 14 0.80 4.36 4.31
N ALA A 15 1.76 3.95 3.48
CA ALA A 15 3.14 4.41 3.60
C ALA A 15 3.76 4.65 2.24
N PRO A 16 4.35 5.84 2.06
CA PRO A 16 5.00 6.23 0.79
C PRO A 16 6.28 5.44 0.54
N ILE A 17 6.39 4.87 -0.65
CA ILE A 17 7.57 4.09 -1.02
C ILE A 17 8.75 5.00 -1.31
N PRO A 18 9.94 4.60 -0.83
CA PRO A 18 11.17 5.36 -1.03
C PRO A 18 11.64 5.33 -2.48
N GLY A 19 11.82 6.52 -3.05
CA GLY A 19 12.27 6.61 -4.43
C GLY A 19 11.12 6.75 -5.41
N THR A 20 10.15 5.85 -5.32
CA THR A 20 8.99 5.87 -6.20
C THR A 20 7.82 6.60 -5.55
N PRO A 21 7.01 7.28 -6.39
CA PRO A 21 5.85 8.03 -5.92
C PRO A 21 4.73 7.12 -5.40
N TRP A 22 4.94 5.82 -5.52
CA TRP A 22 3.95 4.85 -5.06
C TRP A 22 3.88 4.82 -3.55
N CYS A 23 2.77 4.32 -3.02
CA CYS A 23 2.57 4.23 -1.58
C CYS A 23 1.89 2.92 -1.19
N VAL A 24 2.59 2.10 -0.41
CA VAL A 24 2.05 0.83 0.03
C VAL A 24 0.82 1.01 0.91
N VAL A 25 -0.31 0.52 0.44
CA VAL A 25 -1.56 0.63 1.18
C VAL A 25 -2.04 -0.74 1.65
N TRP A 26 -2.46 -0.81 2.91
CA TRP A 26 -2.95 -2.06 3.48
C TRP A 26 -4.46 -2.01 3.69
N THR A 27 -5.07 -3.17 3.87
CA THR A 27 -6.51 -3.26 4.07
C THR A 27 -6.84 -4.15 5.27
N GLY A 28 -8.13 -4.36 5.51
CA GLY A 28 -8.56 -5.18 6.62
C GLY A 28 -8.56 -6.66 6.29
N ASP A 29 -8.51 -6.97 5.00
CA ASP A 29 -8.50 -8.36 4.55
C ASP A 29 -7.07 -8.87 4.36
N GLU A 30 -6.21 -8.54 5.32
CA GLU A 30 -4.81 -8.97 5.26
C GLU A 30 -4.26 -8.83 3.84
N ARG A 31 -4.61 -7.73 3.18
CA ARG A 31 -4.15 -7.48 1.82
C ARG A 31 -3.48 -6.12 1.72
N VAL A 32 -2.75 -5.92 0.62
CA VAL A 32 -2.04 -4.66 0.40
C VAL A 32 -1.93 -4.34 -1.08
N PHE A 33 -2.16 -3.08 -1.43
CA PHE A 33 -2.09 -2.64 -2.83
C PHE A 33 -1.24 -1.39 -2.96
N PHE A 34 -0.96 -0.99 -4.20
CA PHE A 34 -0.15 0.19 -4.47
C PHE A 34 -1.02 1.35 -4.94
N TYR A 35 -0.78 2.52 -4.38
CA TYR A 35 -1.55 3.71 -4.74
C TYR A 35 -0.62 4.88 -5.09
N ASN A 36 -0.92 5.55 -6.20
CA ASN A 36 -0.12 6.68 -6.64
C ASN A 36 -0.86 8.00 -6.43
N PRO A 37 -0.52 8.70 -5.34
CA PRO A 37 -1.13 9.98 -5.00
C PRO A 37 -0.74 11.10 -5.97
N THR A 38 0.15 10.77 -6.91
CA THR A 38 0.61 11.74 -7.89
C THR A 38 -0.22 11.67 -9.17
N THR A 39 -0.67 10.46 -9.51
CA THR A 39 -1.47 10.26 -10.70
C THR A 39 -2.82 9.66 -10.36
N ARG A 40 -3.16 9.66 -9.08
CA ARG A 40 -4.43 9.12 -8.61
C ARG A 40 -4.68 7.74 -9.21
N LEU A 41 -3.62 6.95 -9.35
CA LEU A 41 -3.73 5.61 -9.91
C LEU A 41 -3.70 4.56 -8.80
N SER A 42 -4.67 3.65 -8.83
CA SER A 42 -4.77 2.60 -7.84
C SER A 42 -4.94 1.23 -8.50
N MET A 43 -3.95 0.37 -8.32
CA MET A 43 -3.98 -0.97 -8.90
C MET A 43 -4.08 -2.03 -7.81
N TRP A 44 -4.32 -3.27 -8.22
CA TRP A 44 -4.44 -4.37 -7.28
C TRP A 44 -3.21 -5.28 -7.34
N ASP A 45 -2.34 -5.02 -8.31
CA ASP A 45 -1.12 -5.80 -8.48
C ASP A 45 0.11 -4.91 -8.44
N ARG A 46 1.28 -5.50 -8.69
CA ARG A 46 2.53 -4.76 -8.68
C ARG A 46 2.86 -4.24 -10.08
N PRO A 47 2.75 -2.92 -10.27
CA PRO A 47 3.03 -2.26 -11.55
C PRO A 47 4.51 -2.28 -11.89
N ASP A 48 4.82 -2.19 -13.18
CA ASP A 48 6.20 -2.19 -13.63
C ASP A 48 7.00 -1.07 -12.98
N ASP A 49 6.38 0.11 -12.90
CA ASP A 49 7.03 1.27 -12.29
C ASP A 49 7.79 0.86 -11.04
N LEU A 50 7.38 -0.23 -10.42
CA LEU A 50 8.04 -0.72 -9.21
C LEU A 50 8.83 -2.00 -9.51
N ILE A 51 8.32 -2.81 -10.42
CA ILE A 51 8.97 -4.06 -10.80
C ILE A 51 10.47 -3.87 -10.92
N GLY A 52 11.22 -4.48 -10.01
CA GLY A 52 12.67 -4.38 -10.04
C GLY A 52 13.23 -3.82 -8.75
N ARG A 53 12.44 -3.01 -8.05
CA ARG A 53 12.88 -2.41 -6.80
C ARG A 53 12.61 -3.35 -5.62
N ALA A 54 13.55 -3.40 -4.68
CA ALA A 54 13.41 -4.25 -3.52
C ALA A 54 12.67 -3.54 -2.40
N ASP A 55 12.93 -2.25 -2.23
CA ASP A 55 12.29 -1.46 -1.19
C ASP A 55 10.78 -1.71 -1.20
N VAL A 56 10.16 -1.59 -2.36
CA VAL A 56 8.72 -1.81 -2.50
C VAL A 56 8.30 -3.12 -1.84
N ASP A 57 9.09 -4.17 -2.06
CA ASP A 57 8.80 -5.47 -1.50
C ASP A 57 8.98 -5.47 0.01
N LYS A 58 10.18 -5.10 0.45
CA LYS A 58 10.49 -5.04 1.88
C LYS A 58 9.33 -4.44 2.67
N ILE A 59 8.93 -3.24 2.29
CA ILE A 59 7.83 -2.54 2.95
C ILE A 59 6.61 -3.47 3.10
N ILE A 60 6.22 -4.09 1.99
CA ILE A 60 5.08 -4.99 1.99
C ILE A 60 5.30 -6.16 2.94
N GLN A 61 6.54 -6.66 2.97
CA GLN A 61 6.89 -7.77 3.84
C GLN A 61 6.69 -7.41 5.32
N GLU A 62 7.26 -6.29 5.73
CA GLU A 62 7.14 -5.83 7.10
C GLU A 62 6.34 -4.54 7.18
N PRO A 63 5.01 -4.67 7.27
CA PRO A 63 4.10 -3.53 7.36
C PRO A 63 4.21 -2.80 8.70
N PRO A 64 3.99 -1.47 8.66
CA PRO A 64 4.06 -0.63 9.85
C PRO A 64 2.92 -0.90 10.82
N HIS A 65 1.70 -0.92 10.30
CA HIS A 65 0.51 -1.17 11.11
C HIS A 65 0.73 -2.36 12.04
N LYS A 66 1.56 -3.30 11.59
CA LYS A 66 1.86 -4.49 12.37
C LYS A 66 2.75 -4.16 13.56
N LYS A 67 3.92 -3.58 13.27
CA LYS A 67 4.86 -3.21 14.32
C LYS A 67 4.33 -2.03 15.14
N SER A 68 5.03 -1.71 16.22
CA SER A 68 4.63 -0.61 17.09
C SER A 68 5.74 -0.27 18.08
N GLY A 69 5.70 0.94 18.62
CA GLY A 69 6.71 1.38 19.57
C GLY A 69 6.71 2.88 19.77
N PRO A 70 7.02 3.31 21.00
CA PRO A 70 7.07 4.73 21.35
C PRO A 70 8.24 5.45 20.70
N SER A 71 8.27 6.77 20.82
CA SER A 71 9.34 7.57 20.24
C SER A 71 9.89 8.57 21.26
N SER A 72 11.15 8.94 21.10
CA SER A 72 11.80 9.88 22.00
C SER A 72 11.97 11.25 21.34
N GLY A 73 12.69 11.27 20.22
CA GLY A 73 12.91 12.52 19.51
C GLY A 73 13.57 12.30 18.17
N GLY A 1 -21.81 -1.98 -12.16
CA GLY A 1 -21.96 -0.89 -11.22
C GLY A 1 -21.37 0.41 -11.74
N SER A 2 -22.23 1.27 -12.27
CA SER A 2 -21.79 2.56 -12.80
C SER A 2 -21.56 3.57 -11.68
N SER A 3 -22.60 3.79 -10.89
CA SER A 3 -22.52 4.73 -9.77
C SER A 3 -21.44 4.31 -8.78
N GLY A 4 -20.68 5.29 -8.29
CA GLY A 4 -19.63 5.00 -7.34
C GLY A 4 -20.16 4.36 -6.06
N SER A 5 -19.44 3.35 -5.57
CA SER A 5 -19.85 2.65 -4.36
C SER A 5 -20.01 3.61 -3.20
N SER A 6 -21.16 3.53 -2.53
CA SER A 6 -21.44 4.40 -1.40
C SER A 6 -20.51 4.11 -0.23
N GLY A 7 -20.47 2.85 0.20
CA GLY A 7 -19.60 2.46 1.29
C GLY A 7 -18.22 2.05 0.83
N LYS A 8 -17.54 2.95 0.15
CA LYS A 8 -16.19 2.67 -0.35
C LYS A 8 -15.28 2.16 0.77
N ALA A 9 -14.57 1.07 0.49
CA ALA A 9 -13.67 0.49 1.47
C ALA A 9 -12.53 1.43 1.81
N LYS A 10 -12.07 1.38 3.05
CA LYS A 10 -10.98 2.23 3.50
C LYS A 10 -9.79 1.40 3.96
N PRO A 11 -8.58 1.85 3.61
CA PRO A 11 -7.33 1.17 3.98
C PRO A 11 -7.05 1.26 5.48
N VAL A 12 -6.19 0.37 5.96
CA VAL A 12 -5.82 0.36 7.38
C VAL A 12 -4.56 1.18 7.63
N ALA A 13 -3.62 1.09 6.70
CA ALA A 13 -2.36 1.82 6.82
C ALA A 13 -1.81 2.19 5.44
N THR A 14 -1.02 3.26 5.39
CA THR A 14 -0.42 3.72 4.14
C THR A 14 0.99 4.23 4.36
N ALA A 15 1.91 3.83 3.49
CA ALA A 15 3.29 4.26 3.58
C ALA A 15 3.88 4.53 2.20
N PRO A 16 4.45 5.73 2.02
CA PRO A 16 5.07 6.14 0.75
C PRO A 16 6.35 5.37 0.45
N ILE A 17 6.42 4.79 -0.74
CA ILE A 17 7.60 4.03 -1.14
C ILE A 17 8.75 4.96 -1.52
N PRO A 18 9.96 4.60 -1.09
CA PRO A 18 11.17 5.37 -1.37
C PRO A 18 11.57 5.32 -2.84
N GLY A 19 11.91 6.47 -3.41
CA GLY A 19 12.32 6.53 -4.80
C GLY A 19 11.13 6.66 -5.73
N THR A 20 10.14 5.78 -5.57
CA THR A 20 8.95 5.80 -6.41
C THR A 20 7.81 6.53 -5.71
N PRO A 21 6.97 7.20 -6.52
CA PRO A 21 5.83 7.96 -6.00
C PRO A 21 4.72 7.04 -5.47
N TRP A 22 4.92 5.74 -5.62
CA TRP A 22 3.94 4.76 -5.16
C TRP A 22 3.91 4.72 -3.63
N CYS A 23 2.76 4.32 -3.09
CA CYS A 23 2.59 4.22 -1.64
C CYS A 23 1.89 2.93 -1.26
N VAL A 24 2.59 2.07 -0.51
CA VAL A 24 2.03 0.81 -0.08
C VAL A 24 0.83 1.02 0.85
N VAL A 25 -0.34 0.61 0.39
CA VAL A 25 -1.57 0.76 1.17
C VAL A 25 -2.11 -0.61 1.59
N TRP A 26 -2.41 -0.75 2.88
CA TRP A 26 -2.94 -1.99 3.42
C TRP A 26 -4.44 -1.89 3.65
N THR A 27 -5.09 -3.04 3.78
CA THR A 27 -6.53 -3.08 4.01
C THR A 27 -6.87 -3.89 5.25
N GLY A 28 -8.16 -4.03 5.54
CA GLY A 28 -8.60 -4.78 6.70
C GLY A 28 -8.68 -6.27 6.42
N ASP A 29 -8.58 -6.64 5.15
CA ASP A 29 -8.64 -8.04 4.75
C ASP A 29 -7.24 -8.64 4.66
N GLU A 30 -6.34 -8.16 5.49
CA GLU A 30 -4.96 -8.65 5.49
C GLU A 30 -4.36 -8.58 4.09
N ARG A 31 -4.74 -7.57 3.33
CA ARG A 31 -4.25 -7.40 1.97
C ARG A 31 -3.48 -6.08 1.83
N VAL A 32 -2.95 -5.84 0.65
CA VAL A 32 -2.18 -4.62 0.38
C VAL A 32 -2.10 -4.33 -1.12
N PHE A 33 -2.28 -3.06 -1.48
CA PHE A 33 -2.22 -2.66 -2.87
C PHE A 33 -1.35 -1.43 -3.05
N PHE A 34 -0.98 -1.15 -4.29
CA PHE A 34 -0.14 0.02 -4.59
C PHE A 34 -0.99 1.20 -5.05
N TYR A 35 -0.70 2.37 -4.51
CA TYR A 35 -1.43 3.58 -4.85
C TYR A 35 -0.47 4.71 -5.23
N ASN A 36 -0.89 5.53 -6.20
CA ASN A 36 -0.07 6.65 -6.65
C ASN A 36 -0.77 7.98 -6.37
N PRO A 37 -0.39 8.63 -5.26
CA PRO A 37 -0.97 9.91 -4.86
C PRO A 37 -0.54 11.05 -5.78
N THR A 38 0.31 10.73 -6.75
CA THR A 38 0.79 11.73 -7.69
C THR A 38 0.01 11.66 -9.01
N THR A 39 -0.47 10.47 -9.34
CA THR A 39 -1.24 10.27 -10.56
C THR A 39 -2.63 9.75 -10.27
N ARG A 40 -3.00 9.76 -8.99
CA ARG A 40 -4.32 9.29 -8.57
C ARG A 40 -4.63 7.93 -9.20
N LEU A 41 -3.64 7.04 -9.21
CA LEU A 41 -3.81 5.70 -9.77
C LEU A 41 -3.79 4.64 -8.68
N SER A 42 -4.69 3.68 -8.79
CA SER A 42 -4.78 2.60 -7.81
C SER A 42 -4.91 1.24 -8.50
N MET A 43 -3.96 0.36 -8.24
CA MET A 43 -3.98 -0.97 -8.84
C MET A 43 -4.11 -2.05 -7.77
N TRP A 44 -4.32 -3.29 -8.20
CA TRP A 44 -4.46 -4.41 -7.27
C TRP A 44 -3.18 -5.24 -7.23
N ASP A 45 -2.32 -5.05 -8.22
CA ASP A 45 -1.07 -5.78 -8.29
C ASP A 45 0.12 -4.83 -8.35
N ARG A 46 1.33 -5.39 -8.28
CA ARG A 46 2.55 -4.59 -8.32
C ARG A 46 2.92 -4.23 -9.75
N PRO A 47 2.84 -2.92 -10.07
CA PRO A 47 3.16 -2.42 -11.41
C PRO A 47 4.66 -2.51 -11.71
N ASP A 48 4.99 -2.44 -13.00
CA ASP A 48 6.38 -2.51 -13.42
C ASP A 48 7.20 -1.36 -12.82
N ASP A 49 6.61 -0.17 -12.83
CA ASP A 49 7.28 1.00 -12.28
C ASP A 49 7.99 0.67 -10.98
N LEU A 50 7.52 -0.38 -10.31
CA LEU A 50 8.11 -0.81 -9.04
C LEU A 50 8.94 -2.07 -9.23
N ILE A 51 8.51 -2.93 -10.15
CA ILE A 51 9.20 -4.18 -10.43
C ILE A 51 10.71 -3.95 -10.52
N GLY A 52 11.46 -4.61 -9.64
CA GLY A 52 12.91 -4.48 -9.65
C GLY A 52 13.43 -3.88 -8.35
N ARG A 53 12.66 -2.97 -7.76
CA ARG A 53 13.05 -2.32 -6.52
C ARG A 53 12.80 -3.23 -5.32
N ALA A 54 13.70 -3.18 -4.34
CA ALA A 54 13.57 -4.00 -3.15
C ALA A 54 12.71 -3.30 -2.08
N ASP A 55 12.89 -2.00 -1.95
CA ASP A 55 12.14 -1.21 -0.99
C ASP A 55 10.66 -1.55 -1.05
N VAL A 56 10.09 -1.47 -2.25
CA VAL A 56 8.68 -1.76 -2.44
C VAL A 56 8.29 -3.10 -1.80
N ASP A 57 9.11 -4.12 -2.04
CA ASP A 57 8.86 -5.44 -1.47
C ASP A 57 9.02 -5.42 0.05
N LYS A 58 10.19 -5.01 0.50
CA LYS A 58 10.47 -4.94 1.94
C LYS A 58 9.28 -4.38 2.70
N ILE A 59 8.84 -3.18 2.30
CA ILE A 59 7.70 -2.53 2.95
C ILE A 59 6.54 -3.50 3.10
N ILE A 60 6.09 -4.07 1.99
CA ILE A 60 4.99 -5.02 2.01
C ILE A 60 5.28 -6.19 2.94
N GLN A 61 6.52 -6.64 2.94
CA GLN A 61 6.93 -7.76 3.78
C GLN A 61 6.68 -7.44 5.26
N GLU A 62 7.30 -6.38 5.74
CA GLU A 62 7.16 -5.98 7.14
C GLU A 62 6.43 -4.64 7.24
N PRO A 63 5.09 -4.68 7.26
CA PRO A 63 4.25 -3.49 7.36
C PRO A 63 4.35 -2.81 8.72
N PRO A 64 4.14 -1.49 8.75
CA PRO A 64 4.19 -0.71 9.99
C PRO A 64 3.03 -1.02 10.92
N HIS A 65 1.82 -1.07 10.36
CA HIS A 65 0.62 -1.35 11.13
C HIS A 65 0.83 -2.57 12.03
N LYS A 66 1.83 -3.38 11.70
CA LYS A 66 2.14 -4.57 12.47
C LYS A 66 3.49 -4.44 13.17
N LYS A 67 3.46 -4.06 14.44
CA LYS A 67 4.67 -3.90 15.23
C LYS A 67 4.92 -5.13 16.10
N SER A 68 6.19 -5.52 16.19
CA SER A 68 6.57 -6.68 16.99
C SER A 68 5.90 -6.64 18.37
N GLY A 69 5.95 -7.76 19.08
CA GLY A 69 5.36 -7.82 20.39
C GLY A 69 5.28 -9.24 20.93
N PRO A 70 4.12 -9.89 20.72
CA PRO A 70 3.90 -11.27 21.17
C PRO A 70 4.71 -12.28 20.39
N SER A 71 4.63 -12.20 19.07
CA SER A 71 5.37 -13.11 18.19
C SER A 71 6.72 -12.52 17.79
N SER A 72 7.71 -12.72 18.65
CA SER A 72 9.05 -12.20 18.39
C SER A 72 10.10 -13.32 18.50
N GLY A 73 10.92 -13.44 17.46
CA GLY A 73 11.96 -14.46 17.46
C GLY A 73 11.70 -15.53 16.42
N GLY A 1 -22.47 19.57 -3.34
CA GLY A 1 -22.19 18.37 -4.12
C GLY A 1 -20.77 17.88 -3.93
N SER A 2 -20.61 16.56 -3.86
CA SER A 2 -19.29 15.96 -3.67
C SER A 2 -19.17 14.66 -4.46
N SER A 3 -17.96 14.10 -4.47
CA SER A 3 -17.72 12.85 -5.19
C SER A 3 -16.51 12.12 -4.61
N GLY A 4 -16.25 10.92 -5.12
CA GLY A 4 -15.13 10.14 -4.64
C GLY A 4 -15.44 8.65 -4.59
N SER A 5 -14.44 7.84 -4.91
CA SER A 5 -14.61 6.38 -4.90
C SER A 5 -14.34 5.82 -3.52
N SER A 6 -13.23 6.24 -2.91
CA SER A 6 -12.86 5.77 -1.58
C SER A 6 -14.09 5.59 -0.71
N GLY A 7 -14.52 4.34 -0.56
CA GLY A 7 -15.69 4.05 0.25
C GLY A 7 -15.59 2.70 0.95
N LYS A 8 -15.93 1.64 0.24
CA LYS A 8 -15.88 0.29 0.80
C LYS A 8 -14.45 -0.24 0.79
N ALA A 9 -14.16 -1.15 1.71
CA ALA A 9 -12.83 -1.74 1.82
C ALA A 9 -11.78 -0.68 2.15
N LYS A 10 -12.12 0.21 3.08
CA LYS A 10 -11.21 1.27 3.48
C LYS A 10 -9.88 0.70 3.95
N PRO A 11 -8.79 1.42 3.65
CA PRO A 11 -7.43 1.00 4.03
C PRO A 11 -7.20 1.08 5.53
N VAL A 12 -6.12 0.45 6.00
CA VAL A 12 -5.79 0.46 7.41
C VAL A 12 -4.43 1.09 7.66
N ALA A 13 -3.65 1.22 6.59
CA ALA A 13 -2.32 1.81 6.68
C ALA A 13 -1.84 2.30 5.32
N THR A 14 -1.04 3.36 5.32
CA THR A 14 -0.51 3.92 4.09
C THR A 14 0.93 4.39 4.26
N ALA A 15 1.84 3.80 3.48
CA ALA A 15 3.25 4.15 3.56
C ALA A 15 3.81 4.48 2.17
N PRO A 16 4.36 5.69 2.02
CA PRO A 16 4.95 6.14 0.75
C PRO A 16 6.23 5.39 0.40
N ILE A 17 6.25 4.79 -0.78
CA ILE A 17 7.42 4.05 -1.23
C ILE A 17 8.55 4.99 -1.65
N PRO A 18 9.78 4.66 -1.24
CA PRO A 18 10.96 5.46 -1.56
C PRO A 18 11.32 5.39 -3.05
N GLY A 19 11.74 6.52 -3.61
CA GLY A 19 12.11 6.57 -5.01
C GLY A 19 10.91 6.67 -5.92
N THR A 20 9.93 5.78 -5.72
CA THR A 20 8.73 5.76 -6.54
C THR A 20 7.59 6.48 -5.83
N PRO A 21 6.73 7.15 -6.63
CA PRO A 21 5.58 7.89 -6.10
C PRO A 21 4.50 6.96 -5.55
N TRP A 22 4.72 5.66 -5.68
CA TRP A 22 3.77 4.67 -5.19
C TRP A 22 3.75 4.64 -3.66
N CYS A 23 2.59 4.33 -3.09
CA CYS A 23 2.45 4.25 -1.64
C CYS A 23 1.75 2.97 -1.23
N VAL A 24 2.46 2.13 -0.48
CA VAL A 24 1.91 0.86 -0.01
C VAL A 24 0.76 1.08 0.95
N VAL A 25 -0.45 0.69 0.54
CA VAL A 25 -1.63 0.84 1.38
C VAL A 25 -2.25 -0.51 1.71
N TRP A 26 -2.34 -0.81 2.99
CA TRP A 26 -2.93 -2.08 3.44
C TRP A 26 -4.44 -1.98 3.52
N THR A 27 -5.10 -3.13 3.68
CA THR A 27 -6.55 -3.17 3.78
C THR A 27 -7.00 -4.01 4.97
N GLY A 28 -8.31 -4.01 5.23
CA GLY A 28 -8.84 -4.77 6.35
C GLY A 28 -8.89 -6.26 6.07
N ASP A 29 -8.84 -6.61 4.77
CA ASP A 29 -8.88 -8.01 4.37
C ASP A 29 -7.47 -8.59 4.27
N GLU A 30 -6.65 -8.33 5.27
CA GLU A 30 -5.28 -8.83 5.29
C GLU A 30 -4.66 -8.74 3.90
N ARG A 31 -4.87 -7.61 3.23
CA ARG A 31 -4.34 -7.40 1.89
C ARG A 31 -3.67 -6.04 1.78
N VAL A 32 -3.00 -5.81 0.65
CA VAL A 32 -2.31 -4.55 0.42
C VAL A 32 -2.26 -4.22 -1.07
N PHE A 33 -2.41 -2.93 -1.39
CA PHE A 33 -2.38 -2.49 -2.78
C PHE A 33 -1.46 -1.28 -2.94
N PHE A 34 -1.12 -0.97 -4.18
CA PHE A 34 -0.23 0.16 -4.48
C PHE A 34 -1.04 1.35 -4.99
N TYR A 35 -0.78 2.51 -4.41
CA TYR A 35 -1.48 3.74 -4.80
C TYR A 35 -0.49 4.79 -5.28
N ASN A 36 -0.98 5.72 -6.10
CA ASN A 36 -0.14 6.79 -6.64
C ASN A 36 -0.85 8.14 -6.53
N PRO A 37 -0.52 8.90 -5.48
CA PRO A 37 -1.10 10.22 -5.24
C PRO A 37 -0.64 11.25 -6.25
N THR A 38 0.27 10.85 -7.13
CA THR A 38 0.80 11.74 -8.15
C THR A 38 0.09 11.53 -9.49
N THR A 39 -0.35 10.30 -9.73
CA THR A 39 -1.04 9.97 -10.97
C THR A 39 -2.43 9.42 -10.69
N ARG A 40 -2.90 9.61 -9.46
CA ARG A 40 -4.22 9.14 -9.07
C ARG A 40 -4.49 7.74 -9.61
N LEU A 41 -3.48 6.88 -9.53
CA LEU A 41 -3.60 5.50 -10.01
C LEU A 41 -3.56 4.51 -8.85
N SER A 42 -4.46 3.54 -8.88
CA SER A 42 -4.53 2.53 -7.83
C SER A 42 -4.76 1.15 -8.42
N MET A 43 -3.82 0.24 -8.17
CA MET A 43 -3.90 -1.12 -8.68
C MET A 43 -3.90 -2.13 -7.54
N TRP A 44 -4.51 -3.28 -7.76
CA TRP A 44 -4.57 -4.34 -6.75
C TRP A 44 -3.31 -5.21 -6.81
N ASP A 45 -2.52 -5.02 -7.85
CA ASP A 45 -1.29 -5.79 -8.01
C ASP A 45 -0.07 -4.88 -8.06
N ARG A 46 1.11 -5.48 -8.12
CA ARG A 46 2.35 -4.71 -8.17
C ARG A 46 2.74 -4.38 -9.61
N PRO A 47 2.63 -3.09 -9.96
CA PRO A 47 2.95 -2.61 -11.31
C PRO A 47 4.44 -2.66 -11.60
N ASP A 48 4.80 -2.62 -12.86
CA ASP A 48 6.20 -2.65 -13.27
C ASP A 48 6.97 -1.49 -12.67
N ASP A 49 6.37 -0.31 -12.69
CA ASP A 49 6.99 0.89 -12.14
C ASP A 49 7.73 0.56 -10.84
N LEU A 50 7.28 -0.48 -10.15
CA LEU A 50 7.89 -0.89 -8.89
C LEU A 50 8.68 -2.18 -9.07
N ILE A 51 8.21 -3.04 -9.97
CA ILE A 51 8.89 -4.30 -10.23
C ILE A 51 10.40 -4.13 -10.28
N GLY A 52 11.11 -4.88 -9.45
CA GLY A 52 12.55 -4.80 -9.42
C GLY A 52 13.07 -4.12 -8.17
N ARG A 53 12.32 -3.12 -7.69
CA ARG A 53 12.70 -2.38 -6.50
C ARG A 53 12.68 -3.28 -5.27
N ALA A 54 13.65 -3.09 -4.38
CA ALA A 54 13.74 -3.88 -3.16
C ALA A 54 12.92 -3.26 -2.04
N ASP A 55 12.87 -1.93 -2.01
CA ASP A 55 12.12 -1.21 -0.99
C ASP A 55 10.64 -1.56 -1.05
N VAL A 56 10.06 -1.45 -2.24
CA VAL A 56 8.65 -1.77 -2.44
C VAL A 56 8.30 -3.15 -1.90
N ASP A 57 9.26 -4.07 -2.02
CA ASP A 57 9.06 -5.44 -1.54
C ASP A 57 9.16 -5.50 -0.02
N LYS A 58 10.30 -5.07 0.51
CA LYS A 58 10.52 -5.07 1.95
C LYS A 58 9.33 -4.48 2.70
N ILE A 59 8.91 -3.29 2.27
CA ILE A 59 7.78 -2.61 2.90
C ILE A 59 6.58 -3.55 3.02
N ILE A 60 6.23 -4.20 1.92
CA ILE A 60 5.11 -5.14 1.90
C ILE A 60 5.38 -6.34 2.80
N GLN A 61 6.65 -6.75 2.86
CA GLN A 61 7.03 -7.90 3.67
C GLN A 61 6.86 -7.59 5.16
N GLU A 62 7.35 -6.42 5.57
CA GLU A 62 7.25 -6.01 6.96
C GLU A 62 6.40 -4.75 7.11
N PRO A 63 5.07 -4.96 7.23
CA PRO A 63 4.12 -3.85 7.37
C PRO A 63 4.24 -3.14 8.71
N PRO A 64 4.07 -1.82 8.71
CA PRO A 64 4.15 -1.00 9.92
C PRO A 64 2.99 -1.24 10.88
N HIS A 65 1.77 -1.15 10.34
CA HIS A 65 0.57 -1.36 11.15
C HIS A 65 0.65 -2.70 11.90
N LYS A 66 1.41 -3.63 11.35
CA LYS A 66 1.57 -4.95 11.96
C LYS A 66 2.71 -4.94 12.98
N LYS A 67 2.48 -4.31 14.13
CA LYS A 67 3.48 -4.23 15.18
C LYS A 67 2.84 -4.40 16.56
N SER A 68 3.17 -5.51 17.22
CA SER A 68 2.62 -5.80 18.54
C SER A 68 3.59 -6.66 19.35
N GLY A 69 3.30 -6.79 20.65
CA GLY A 69 4.15 -7.59 21.51
C GLY A 69 5.27 -6.79 22.13
N PRO A 70 5.64 -7.13 23.37
CA PRO A 70 6.70 -6.45 24.10
C PRO A 70 8.08 -6.72 23.52
N SER A 71 9.11 -6.20 24.17
CA SER A 71 10.49 -6.39 23.72
C SER A 71 10.63 -5.96 22.26
N SER A 72 10.06 -4.81 21.92
CA SER A 72 10.12 -4.29 20.55
C SER A 72 11.03 -3.07 20.48
N GLY A 73 12.33 -3.31 20.36
CA GLY A 73 13.28 -2.22 20.28
C GLY A 73 12.81 -1.11 19.37
N GLY A 1 -12.63 11.66 11.43
CA GLY A 1 -12.68 10.53 10.52
C GLY A 1 -12.41 10.92 9.08
N SER A 2 -12.08 9.95 8.25
CA SER A 2 -11.79 10.20 6.85
C SER A 2 -12.83 11.15 6.23
N SER A 3 -12.41 11.91 5.23
CA SER A 3 -13.31 12.84 4.56
C SER A 3 -13.46 12.50 3.09
N GLY A 4 -14.62 12.84 2.51
CA GLY A 4 -14.87 12.56 1.11
C GLY A 4 -14.50 11.14 0.74
N SER A 5 -14.86 10.20 1.60
CA SER A 5 -14.57 8.78 1.35
C SER A 5 -15.77 8.09 0.72
N SER A 6 -15.51 7.34 -0.35
CA SER A 6 -16.57 6.62 -1.04
C SER A 6 -16.24 5.14 -1.16
N GLY A 7 -17.21 4.34 -1.59
CA GLY A 7 -17.00 2.91 -1.74
C GLY A 7 -17.30 2.14 -0.46
N LYS A 8 -16.80 0.92 -0.38
CA LYS A 8 -17.01 0.08 0.79
C LYS A 8 -15.69 -0.41 1.36
N ALA A 9 -14.68 -0.53 0.50
CA ALA A 9 -13.36 -0.99 0.92
C ALA A 9 -12.49 0.19 1.34
N LYS A 10 -12.14 0.23 2.63
CA LYS A 10 -11.30 1.30 3.15
C LYS A 10 -9.95 0.77 3.63
N PRO A 11 -8.88 1.51 3.35
CA PRO A 11 -7.53 1.13 3.74
C PRO A 11 -7.31 1.21 5.25
N VAL A 12 -6.32 0.49 5.75
CA VAL A 12 -6.01 0.48 7.17
C VAL A 12 -4.69 1.20 7.46
N ALA A 13 -3.80 1.20 6.46
CA ALA A 13 -2.50 1.85 6.60
C ALA A 13 -1.97 2.30 5.25
N THR A 14 -1.19 3.38 5.25
CA THR A 14 -0.62 3.91 4.03
C THR A 14 0.81 4.39 4.25
N ALA A 15 1.74 3.84 3.47
CA ALA A 15 3.15 4.21 3.59
C ALA A 15 3.75 4.49 2.22
N PRO A 16 4.32 5.69 2.05
CA PRO A 16 4.94 6.11 0.79
C PRO A 16 6.23 5.36 0.51
N ILE A 17 6.33 4.78 -0.68
CA ILE A 17 7.51 4.04 -1.08
C ILE A 17 8.68 4.97 -1.40
N PRO A 18 9.87 4.61 -0.91
CA PRO A 18 11.09 5.40 -1.13
C PRO A 18 11.55 5.36 -2.59
N GLY A 19 11.69 6.53 -3.19
CA GLY A 19 12.12 6.61 -4.57
C GLY A 19 10.96 6.74 -5.55
N THR A 20 10.01 5.81 -5.45
CA THR A 20 8.85 5.81 -6.32
C THR A 20 7.67 6.54 -5.67
N PRO A 21 6.85 7.18 -6.50
CA PRO A 21 5.67 7.91 -6.03
C PRO A 21 4.58 6.99 -5.49
N TRP A 22 4.81 5.69 -5.59
CA TRP A 22 3.85 4.70 -5.11
C TRP A 22 3.82 4.68 -3.59
N CYS A 23 2.68 4.26 -3.04
CA CYS A 23 2.51 4.19 -1.58
C CYS A 23 1.79 2.92 -1.18
N VAL A 24 2.49 2.04 -0.47
CA VAL A 24 1.91 0.78 -0.02
C VAL A 24 0.75 1.02 0.94
N VAL A 25 -0.46 0.69 0.50
CA VAL A 25 -1.65 0.88 1.33
C VAL A 25 -2.30 -0.47 1.65
N TRP A 26 -2.53 -0.71 2.93
CA TRP A 26 -3.15 -1.95 3.37
C TRP A 26 -4.66 -1.79 3.52
N THR A 27 -5.37 -2.91 3.62
CA THR A 27 -6.81 -2.90 3.77
C THR A 27 -7.26 -3.72 4.96
N GLY A 28 -8.56 -3.74 5.22
CA GLY A 28 -9.09 -4.50 6.33
C GLY A 28 -9.14 -5.98 6.05
N ASP A 29 -9.12 -6.35 4.77
CA ASP A 29 -9.17 -7.75 4.38
C ASP A 29 -7.76 -8.34 4.31
N GLU A 30 -6.93 -8.00 5.30
CA GLU A 30 -5.56 -8.50 5.34
C GLU A 30 -4.93 -8.47 3.95
N ARG A 31 -5.16 -7.39 3.23
CA ARG A 31 -4.61 -7.24 1.88
C ARG A 31 -3.86 -5.92 1.74
N VAL A 32 -3.06 -5.80 0.69
CA VAL A 32 -2.29 -4.59 0.44
C VAL A 32 -2.23 -4.28 -1.05
N PHE A 33 -2.40 -3.01 -1.39
CA PHE A 33 -2.35 -2.58 -2.79
C PHE A 33 -1.41 -1.39 -2.96
N PHE A 34 -1.13 -1.06 -4.22
CA PHE A 34 -0.24 0.06 -4.52
C PHE A 34 -1.03 1.27 -4.98
N TYR A 35 -0.80 2.41 -4.30
CA TYR A 35 -1.50 3.64 -4.63
C TYR A 35 -0.51 4.71 -5.09
N ASN A 36 -0.98 5.60 -5.96
CA ASN A 36 -0.14 6.67 -6.48
C ASN A 36 -0.84 8.03 -6.34
N PRO A 37 -0.49 8.76 -5.27
CA PRO A 37 -1.06 10.08 -5.00
C PRO A 37 -0.60 11.13 -6.00
N THR A 38 0.27 10.73 -6.92
CA THR A 38 0.79 11.64 -7.93
C THR A 38 -0.01 11.53 -9.23
N THR A 39 -0.46 10.32 -9.55
CA THR A 39 -1.23 10.08 -10.76
C THR A 39 -2.60 9.50 -10.43
N ARG A 40 -3.01 9.63 -9.17
CA ARG A 40 -4.30 9.11 -8.73
C ARG A 40 -4.52 7.70 -9.26
N LEU A 41 -3.45 6.92 -9.35
CA LEU A 41 -3.52 5.55 -9.83
C LEU A 41 -3.45 4.55 -8.68
N SER A 42 -4.37 3.59 -8.66
CA SER A 42 -4.41 2.58 -7.62
C SER A 42 -4.70 1.21 -8.20
N MET A 43 -3.67 0.37 -8.25
CA MET A 43 -3.81 -0.99 -8.79
C MET A 43 -3.89 -2.01 -7.66
N TRP A 44 -4.26 -3.23 -8.01
CA TRP A 44 -4.37 -4.32 -7.03
C TRP A 44 -3.12 -5.19 -7.04
N ASP A 45 -2.32 -5.06 -8.09
CA ASP A 45 -1.10 -5.84 -8.22
C ASP A 45 0.12 -4.93 -8.30
N ARG A 46 1.31 -5.53 -8.36
CA ARG A 46 2.55 -4.77 -8.44
C ARG A 46 2.82 -4.31 -9.87
N PRO A 47 2.72 -3.01 -10.11
CA PRO A 47 2.95 -2.41 -11.42
C PRO A 47 4.42 -2.48 -11.84
N ASP A 48 4.66 -2.35 -13.14
CA ASP A 48 6.02 -2.39 -13.67
C ASP A 48 6.88 -1.29 -13.06
N ASP A 49 6.34 -0.07 -13.06
CA ASP A 49 7.06 1.07 -12.51
C ASP A 49 7.83 0.68 -11.25
N LEU A 50 7.35 -0.36 -10.57
CA LEU A 50 7.99 -0.83 -9.35
C LEU A 50 8.80 -2.09 -9.62
N ILE A 51 8.29 -2.93 -10.52
CA ILE A 51 8.97 -4.18 -10.86
C ILE A 51 10.47 -3.96 -11.02
N GLY A 52 11.25 -4.61 -10.16
CA GLY A 52 12.70 -4.47 -10.21
C GLY A 52 13.27 -3.84 -8.95
N ARG A 53 12.43 -3.13 -8.22
CA ARG A 53 12.85 -2.46 -6.99
C ARG A 53 12.70 -3.40 -5.79
N ALA A 54 13.66 -3.34 -4.87
CA ALA A 54 13.62 -4.17 -3.68
C ALA A 54 12.85 -3.49 -2.55
N ASP A 55 12.99 -2.17 -2.45
CA ASP A 55 12.29 -1.41 -1.41
C ASP A 55 10.81 -1.76 -1.39
N VAL A 56 10.16 -1.63 -2.54
CA VAL A 56 8.73 -1.93 -2.65
C VAL A 56 8.39 -3.21 -1.89
N ASP A 57 9.22 -4.24 -2.06
CA ASP A 57 8.99 -5.51 -1.40
C ASP A 57 9.19 -5.38 0.11
N LYS A 58 10.36 -4.90 0.51
CA LYS A 58 10.67 -4.73 1.92
C LYS A 58 9.46 -4.22 2.70
N ILE A 59 8.91 -3.10 2.24
CA ILE A 59 7.75 -2.51 2.87
C ILE A 59 6.64 -3.53 3.06
N ILE A 60 6.13 -4.07 1.95
CA ILE A 60 5.07 -5.06 1.99
C ILE A 60 5.40 -6.18 2.98
N GLN A 61 6.60 -6.74 2.84
CA GLN A 61 7.05 -7.82 3.72
C GLN A 61 6.68 -7.53 5.18
N GLU A 62 7.34 -6.53 5.76
CA GLU A 62 7.08 -6.15 7.14
C GLU A 62 6.31 -4.84 7.21
N PRO A 63 4.98 -4.93 7.14
CA PRO A 63 4.10 -3.76 7.20
C PRO A 63 4.08 -3.11 8.58
N PRO A 64 3.86 -1.79 8.60
CA PRO A 64 3.82 -1.01 9.85
C PRO A 64 2.58 -1.34 10.69
N HIS A 65 1.42 -1.29 10.06
CA HIS A 65 0.17 -1.59 10.74
C HIS A 65 0.32 -2.80 11.66
N LYS A 66 1.27 -3.66 11.34
CA LYS A 66 1.52 -4.87 12.12
C LYS A 66 2.74 -4.69 13.02
N LYS A 67 2.78 -3.59 13.76
CA LYS A 67 3.88 -3.30 14.66
C LYS A 67 3.60 -3.84 16.05
N SER A 68 4.40 -4.82 16.48
CA SER A 68 4.24 -5.43 17.80
C SER A 68 5.04 -4.66 18.85
N GLY A 69 4.33 -4.07 19.81
CA GLY A 69 4.99 -3.32 20.87
C GLY A 69 4.62 -3.82 22.25
N PRO A 70 5.08 -3.10 23.28
CA PRO A 70 4.82 -3.46 24.68
C PRO A 70 3.35 -3.24 25.06
N SER A 71 2.77 -2.15 24.58
CA SER A 71 1.38 -1.83 24.87
C SER A 71 0.49 -2.12 23.65
N SER A 72 -0.82 -2.15 23.88
CA SER A 72 -1.78 -2.42 22.82
C SER A 72 -2.80 -1.30 22.72
N GLY A 73 -3.37 -0.92 23.86
CA GLY A 73 -4.37 0.15 23.88
C GLY A 73 -5.68 -0.31 24.44
N GLY A 1 -8.79 2.63 -22.82
CA GLY A 1 -10.22 2.81 -22.67
C GLY A 1 -10.57 3.48 -21.36
N SER A 2 -11.81 3.28 -20.90
CA SER A 2 -12.27 3.88 -19.66
C SER A 2 -12.90 2.83 -18.75
N SER A 3 -12.61 2.94 -17.45
CA SER A 3 -13.14 2.00 -16.47
C SER A 3 -13.64 2.73 -15.23
N GLY A 4 -14.64 2.16 -14.56
CA GLY A 4 -15.18 2.76 -13.37
C GLY A 4 -14.13 2.98 -12.30
N SER A 5 -14.58 3.33 -11.10
CA SER A 5 -13.67 3.57 -9.99
C SER A 5 -14.08 2.77 -8.75
N SER A 6 -13.28 1.75 -8.43
CA SER A 6 -13.56 0.89 -7.28
C SER A 6 -12.92 1.46 -6.03
N GLY A 7 -13.50 1.13 -4.87
CA GLY A 7 -12.98 1.62 -3.61
C GLY A 7 -13.94 1.37 -2.45
N LYS A 8 -14.50 0.18 -2.40
CA LYS A 8 -15.44 -0.17 -1.34
C LYS A 8 -14.72 -0.32 0.00
N ALA A 9 -13.84 -1.32 0.08
CA ALA A 9 -13.09 -1.57 1.30
C ALA A 9 -12.09 -0.45 1.57
N LYS A 10 -12.03 -0.01 2.83
CA LYS A 10 -11.13 1.06 3.22
C LYS A 10 -9.81 0.50 3.73
N PRO A 11 -8.70 1.20 3.45
CA PRO A 11 -7.37 0.79 3.88
C PRO A 11 -7.18 0.93 5.38
N VAL A 12 -6.13 0.28 5.90
CA VAL A 12 -5.84 0.32 7.33
C VAL A 12 -4.56 1.10 7.61
N ALA A 13 -3.68 1.14 6.60
CA ALA A 13 -2.41 1.85 6.74
C ALA A 13 -1.83 2.19 5.37
N THR A 14 -1.16 3.34 5.29
CA THR A 14 -0.55 3.77 4.03
C THR A 14 0.86 4.31 4.26
N ALA A 15 1.78 3.94 3.37
CA ALA A 15 3.17 4.37 3.47
C ALA A 15 3.76 4.62 2.10
N PRO A 16 4.34 5.81 1.91
CA PRO A 16 4.97 6.20 0.65
C PRO A 16 6.25 5.42 0.35
N ILE A 17 6.31 4.81 -0.82
CA ILE A 17 7.48 4.04 -1.22
C ILE A 17 8.65 4.94 -1.59
N PRO A 18 9.84 4.59 -1.09
CA PRO A 18 11.06 5.36 -1.35
C PRO A 18 11.51 5.25 -2.82
N GLY A 19 11.75 6.40 -3.44
CA GLY A 19 12.19 6.41 -4.82
C GLY A 19 11.03 6.53 -5.79
N THR A 20 10.02 5.69 -5.61
CA THR A 20 8.85 5.70 -6.48
C THR A 20 7.69 6.45 -5.83
N PRO A 21 6.88 7.11 -6.67
CA PRO A 21 5.71 7.88 -6.20
C PRO A 21 4.61 6.99 -5.65
N TRP A 22 4.83 5.68 -5.70
CA TRP A 22 3.84 4.73 -5.21
C TRP A 22 3.79 4.72 -3.69
N CYS A 23 2.67 4.27 -3.14
CA CYS A 23 2.49 4.23 -1.70
C CYS A 23 1.80 2.93 -1.27
N VAL A 24 2.53 2.10 -0.53
CA VAL A 24 1.99 0.84 -0.05
C VAL A 24 0.81 1.05 0.89
N VAL A 25 -0.35 0.53 0.50
CA VAL A 25 -1.55 0.66 1.32
C VAL A 25 -2.11 -0.71 1.70
N TRP A 26 -2.33 -0.90 3.00
CA TRP A 26 -2.86 -2.16 3.50
C TRP A 26 -4.37 -2.08 3.70
N THR A 27 -5.01 -3.24 3.85
CA THR A 27 -6.45 -3.28 4.06
C THR A 27 -6.81 -4.16 5.27
N GLY A 28 -8.10 -4.22 5.58
CA GLY A 28 -8.54 -5.02 6.71
C GLY A 28 -8.67 -6.49 6.37
N ASP A 29 -8.51 -6.80 5.09
CA ASP A 29 -8.61 -8.20 4.63
C ASP A 29 -7.23 -8.80 4.44
N GLU A 30 -6.31 -8.46 5.34
CA GLU A 30 -4.94 -8.97 5.26
C GLU A 30 -4.40 -8.87 3.84
N ARG A 31 -4.64 -7.72 3.20
CA ARG A 31 -4.17 -7.49 1.84
C ARG A 31 -3.47 -6.14 1.73
N VAL A 32 -2.84 -5.90 0.59
CA VAL A 32 -2.12 -4.64 0.35
C VAL A 32 -2.08 -4.32 -1.13
N PHE A 33 -2.28 -3.04 -1.46
CA PHE A 33 -2.25 -2.60 -2.85
C PHE A 33 -1.32 -1.41 -3.02
N PHE A 34 -1.11 -1.00 -4.26
CA PHE A 34 -0.23 0.13 -4.56
C PHE A 34 -1.04 1.36 -4.97
N TYR A 35 -0.75 2.48 -4.33
CA TYR A 35 -1.45 3.72 -4.62
C TYR A 35 -0.49 4.79 -5.14
N ASN A 36 -1.02 5.73 -5.91
CA ASN A 36 -0.21 6.80 -6.47
C ASN A 36 -0.91 8.16 -6.30
N PRO A 37 -0.52 8.90 -5.26
CA PRO A 37 -1.09 10.21 -4.97
C PRO A 37 -0.67 11.26 -5.98
N THR A 38 0.16 10.86 -6.94
CA THR A 38 0.64 11.78 -7.97
C THR A 38 -0.18 11.62 -9.26
N THR A 39 -0.60 10.39 -9.54
CA THR A 39 -1.39 10.11 -10.73
C THR A 39 -2.74 9.52 -10.36
N ARG A 40 -3.11 9.62 -9.09
CA ARG A 40 -4.39 9.09 -8.62
C ARG A 40 -4.63 7.69 -9.19
N LEU A 41 -3.57 6.91 -9.29
CA LEU A 41 -3.67 5.54 -9.81
C LEU A 41 -3.52 4.52 -8.69
N SER A 42 -4.42 3.55 -8.65
CA SER A 42 -4.40 2.51 -7.63
C SER A 42 -4.69 1.14 -8.25
N MET A 43 -3.67 0.28 -8.28
CA MET A 43 -3.81 -1.06 -8.83
C MET A 43 -3.81 -2.10 -7.73
N TRP A 44 -4.37 -3.27 -8.02
CA TRP A 44 -4.43 -4.36 -7.05
C TRP A 44 -3.19 -5.25 -7.15
N ASP A 45 -2.38 -5.00 -8.17
CA ASP A 45 -1.15 -5.77 -8.37
C ASP A 45 0.08 -4.87 -8.37
N ARG A 46 1.25 -5.47 -8.51
CA ARG A 46 2.50 -4.72 -8.51
C ARG A 46 2.86 -4.29 -9.94
N PRO A 47 2.73 -2.98 -10.21
CA PRO A 47 3.04 -2.41 -11.53
C PRO A 47 4.53 -2.42 -11.83
N ASP A 48 4.87 -2.35 -13.11
CA ASP A 48 6.26 -2.35 -13.54
C ASP A 48 7.04 -1.24 -12.85
N ASP A 49 6.47 -0.03 -12.86
CA ASP A 49 7.12 1.12 -12.24
C ASP A 49 7.82 0.72 -10.95
N LEU A 50 7.33 -0.33 -10.31
CA LEU A 50 7.91 -0.82 -9.07
C LEU A 50 8.75 -2.06 -9.31
N ILE A 51 8.33 -2.89 -10.26
CA ILE A 51 9.05 -4.11 -10.59
C ILE A 51 10.54 -3.85 -10.75
N GLY A 52 11.34 -4.56 -9.96
CA GLY A 52 12.78 -4.39 -10.02
C GLY A 52 13.35 -3.79 -8.76
N ARG A 53 12.52 -3.06 -8.02
CA ARG A 53 12.94 -2.43 -6.79
C ARG A 53 12.72 -3.35 -5.59
N ALA A 54 13.65 -3.32 -4.64
CA ALA A 54 13.55 -4.16 -3.46
C ALA A 54 12.77 -3.44 -2.35
N ASP A 55 12.98 -2.14 -2.23
CA ASP A 55 12.29 -1.34 -1.22
C ASP A 55 10.80 -1.67 -1.20
N VAL A 56 10.16 -1.57 -2.36
CA VAL A 56 8.73 -1.85 -2.48
C VAL A 56 8.37 -3.16 -1.79
N ASP A 57 9.13 -4.21 -2.10
CA ASP A 57 8.89 -5.52 -1.50
C ASP A 57 9.00 -5.46 0.01
N LYS A 58 10.19 -5.14 0.51
CA LYS A 58 10.42 -5.05 1.94
C LYS A 58 9.23 -4.42 2.66
N ILE A 59 8.91 -3.19 2.26
CA ILE A 59 7.78 -2.47 2.86
C ILE A 59 6.59 -3.40 3.06
N ILE A 60 6.07 -3.94 1.97
CA ILE A 60 4.93 -4.84 2.02
C ILE A 60 5.18 -5.99 2.99
N GLN A 61 6.35 -6.61 2.87
CA GLN A 61 6.72 -7.73 3.74
C GLN A 61 6.59 -7.34 5.21
N GLU A 62 7.30 -6.28 5.61
CA GLU A 62 7.27 -5.81 6.98
C GLU A 62 6.47 -4.52 7.10
N PRO A 63 5.14 -4.65 7.27
CA PRO A 63 4.25 -3.50 7.39
C PRO A 63 4.44 -2.75 8.70
N PRO A 64 4.21 -1.43 8.67
CA PRO A 64 4.34 -0.57 9.85
C PRO A 64 3.27 -0.84 10.89
N HIS A 65 2.02 -0.92 10.44
CA HIS A 65 0.90 -1.17 11.33
C HIS A 65 0.98 -2.56 11.93
N LYS A 66 1.11 -3.57 11.06
CA LYS A 66 1.20 -4.96 11.51
C LYS A 66 2.64 -5.31 11.87
N LYS A 67 2.88 -5.60 13.14
CA LYS A 67 4.21 -5.96 13.62
C LYS A 67 4.19 -7.33 14.30
N SER A 68 4.48 -8.37 13.53
CA SER A 68 4.50 -9.73 14.06
C SER A 68 5.87 -10.36 13.90
N GLY A 69 6.45 -10.78 15.02
CA GLY A 69 7.76 -11.40 14.99
C GLY A 69 7.87 -12.60 15.91
N PRO A 70 9.05 -13.23 15.93
CA PRO A 70 9.31 -14.41 16.76
C PRO A 70 9.36 -14.06 18.24
N SER A 71 8.20 -14.12 18.91
CA SER A 71 8.12 -13.80 20.33
C SER A 71 7.91 -15.07 21.15
N SER A 72 8.76 -15.27 22.16
CA SER A 72 8.65 -16.44 23.02
C SER A 72 7.81 -16.14 24.25
N GLY A 73 6.51 -16.34 24.14
CA GLY A 73 5.61 -16.09 25.25
C GLY A 73 4.15 -16.25 24.86
N GLY A 1 -27.96 -3.10 -14.81
CA GLY A 1 -26.59 -2.81 -15.24
C GLY A 1 -25.63 -3.91 -14.88
N SER A 2 -24.49 -3.94 -15.57
CA SER A 2 -23.48 -4.97 -15.33
C SER A 2 -22.79 -4.74 -13.99
N SER A 3 -23.14 -5.56 -13.00
CA SER A 3 -22.56 -5.45 -11.68
C SER A 3 -21.06 -5.14 -11.76
N GLY A 4 -20.53 -4.57 -10.68
CA GLY A 4 -19.12 -4.23 -10.65
C GLY A 4 -18.64 -3.83 -9.26
N SER A 5 -19.05 -2.66 -8.82
CA SER A 5 -18.67 -2.16 -7.50
C SER A 5 -19.87 -2.08 -6.56
N SER A 6 -20.00 -3.08 -5.70
CA SER A 6 -21.11 -3.14 -4.76
C SER A 6 -20.65 -2.79 -3.34
N GLY A 7 -19.64 -3.53 -2.86
CA GLY A 7 -19.12 -3.29 -1.53
C GLY A 7 -17.83 -2.49 -1.55
N LYS A 8 -17.78 -1.43 -0.75
CA LYS A 8 -16.61 -0.57 -0.68
C LYS A 8 -15.55 -1.19 0.23
N ALA A 9 -14.39 -0.54 0.30
CA ALA A 9 -13.30 -1.03 1.14
C ALA A 9 -12.31 0.10 1.45
N LYS A 10 -12.08 0.34 2.74
CA LYS A 10 -11.16 1.39 3.17
C LYS A 10 -9.85 0.78 3.66
N PRO A 11 -8.73 1.47 3.38
CA PRO A 11 -7.40 1.03 3.79
C PRO A 11 -7.19 1.12 5.31
N VAL A 12 -6.16 0.44 5.80
CA VAL A 12 -5.86 0.45 7.23
C VAL A 12 -4.54 1.14 7.51
N ALA A 13 -3.64 1.13 6.52
CA ALA A 13 -2.34 1.75 6.66
C ALA A 13 -1.78 2.16 5.29
N THR A 14 -1.05 3.28 5.27
CA THR A 14 -0.47 3.78 4.03
C THR A 14 0.95 4.28 4.26
N ALA A 15 1.87 3.86 3.39
CA ALA A 15 3.27 4.26 3.50
C ALA A 15 3.86 4.56 2.12
N PRO A 16 4.41 5.77 1.96
CA PRO A 16 5.02 6.21 0.70
C PRO A 16 6.31 5.47 0.40
N ILE A 17 6.40 4.90 -0.80
CA ILE A 17 7.58 4.16 -1.22
C ILE A 17 8.72 5.11 -1.55
N PRO A 18 9.93 4.76 -1.09
CA PRO A 18 11.13 5.55 -1.33
C PRO A 18 11.57 5.52 -2.79
N GLY A 19 11.72 6.71 -3.39
CA GLY A 19 12.13 6.80 -4.77
C GLY A 19 10.95 6.92 -5.72
N THR A 20 10.02 5.99 -5.62
CA THR A 20 8.84 5.99 -6.48
C THR A 20 7.68 6.71 -5.81
N PRO A 21 6.83 7.36 -6.62
CA PRO A 21 5.67 8.10 -6.13
C PRO A 21 4.58 7.18 -5.59
N TRP A 22 4.83 5.87 -5.66
CA TRP A 22 3.88 4.89 -5.17
C TRP A 22 3.84 4.86 -3.64
N CYS A 23 2.74 4.38 -3.09
CA CYS A 23 2.58 4.30 -1.64
C CYS A 23 1.90 3.01 -1.24
N VAL A 24 2.62 2.17 -0.49
CA VAL A 24 2.08 0.89 -0.03
C VAL A 24 0.90 1.10 0.91
N VAL A 25 -0.27 0.59 0.50
CA VAL A 25 -1.47 0.71 1.31
C VAL A 25 -2.03 -0.67 1.67
N TRP A 26 -2.28 -0.88 2.96
CA TRP A 26 -2.82 -2.15 3.43
C TRP A 26 -4.34 -2.09 3.55
N THR A 27 -4.97 -3.24 3.72
CA THR A 27 -6.42 -3.32 3.85
C THR A 27 -6.83 -4.18 5.03
N GLY A 28 -8.12 -4.20 5.34
CA GLY A 28 -8.61 -4.99 6.44
C GLY A 28 -8.63 -6.48 6.14
N ASP A 29 -8.62 -6.82 4.86
CA ASP A 29 -8.63 -8.21 4.43
C ASP A 29 -7.20 -8.73 4.27
N GLU A 30 -6.38 -8.51 5.28
CA GLU A 30 -4.99 -8.96 5.24
C GLU A 30 -4.42 -8.84 3.84
N ARG A 31 -4.68 -7.71 3.18
CA ARG A 31 -4.19 -7.48 1.83
C ARG A 31 -3.56 -6.09 1.71
N VAL A 32 -2.82 -5.88 0.64
CA VAL A 32 -2.16 -4.60 0.41
C VAL A 32 -2.08 -4.28 -1.08
N PHE A 33 -2.35 -3.03 -1.44
CA PHE A 33 -2.31 -2.60 -2.84
C PHE A 33 -1.38 -1.39 -3.00
N PHE A 34 -1.10 -1.05 -4.25
CA PHE A 34 -0.23 0.10 -4.55
C PHE A 34 -1.04 1.30 -4.99
N TYR A 35 -0.80 2.44 -4.35
CA TYR A 35 -1.52 3.67 -4.68
C TYR A 35 -0.54 4.76 -5.14
N ASN A 36 -1.03 5.66 -5.98
CA ASN A 36 -0.21 6.76 -6.48
C ASN A 36 -0.93 8.10 -6.34
N PRO A 37 -0.61 8.83 -5.27
CA PRO A 37 -1.23 10.14 -4.99
C PRO A 37 -0.78 11.20 -5.98
N THR A 38 0.14 10.83 -6.87
CA THR A 38 0.65 11.77 -7.88
C THR A 38 -0.07 11.58 -9.21
N THR A 39 -0.48 10.35 -9.50
CA THR A 39 -1.17 10.05 -10.74
C THR A 39 -2.55 9.45 -10.47
N ARG A 40 -2.99 9.55 -9.22
CA ARG A 40 -4.29 9.03 -8.83
C ARG A 40 -4.50 7.62 -9.37
N LEU A 41 -3.43 6.83 -9.38
CA LEU A 41 -3.49 5.46 -9.88
C LEU A 41 -3.40 4.46 -8.74
N SER A 42 -4.34 3.52 -8.70
CA SER A 42 -4.38 2.51 -7.66
C SER A 42 -4.69 1.13 -8.24
N MET A 43 -3.70 0.26 -8.25
CA MET A 43 -3.87 -1.09 -8.78
C MET A 43 -3.83 -2.13 -7.65
N TRP A 44 -4.27 -3.35 -7.96
CA TRP A 44 -4.28 -4.42 -6.98
C TRP A 44 -3.02 -5.28 -7.11
N ASP A 45 -2.24 -5.02 -8.14
CA ASP A 45 -0.99 -5.76 -8.37
C ASP A 45 0.20 -4.82 -8.42
N ARG A 46 1.40 -5.39 -8.46
CA ARG A 46 2.62 -4.61 -8.50
C ARG A 46 2.90 -4.10 -9.92
N PRO A 47 2.81 -2.78 -10.09
CA PRO A 47 3.04 -2.14 -11.39
C PRO A 47 4.50 -2.20 -11.82
N ASP A 48 4.75 -1.99 -13.10
CA ASP A 48 6.11 -2.01 -13.63
C ASP A 48 6.96 -0.91 -13.00
N ASP A 49 6.42 0.31 -12.97
CA ASP A 49 7.13 1.44 -12.40
C ASP A 49 7.87 1.04 -11.13
N LEU A 50 7.39 -0.01 -10.48
CA LEU A 50 8.02 -0.51 -9.25
C LEU A 50 8.84 -1.76 -9.53
N ILE A 51 8.41 -2.55 -10.50
CA ILE A 51 9.11 -3.77 -10.87
C ILE A 51 10.62 -3.54 -10.93
N GLY A 52 11.33 -4.12 -9.97
CA GLY A 52 12.77 -3.97 -9.92
C GLY A 52 13.27 -3.45 -8.59
N ARG A 53 12.48 -2.56 -7.99
CA ARG A 53 12.84 -1.98 -6.70
C ARG A 53 12.59 -2.97 -5.56
N ALA A 54 13.50 -2.99 -4.59
CA ALA A 54 13.36 -3.89 -3.45
C ALA A 54 12.58 -3.23 -2.33
N ASP A 55 12.75 -1.92 -2.17
CA ASP A 55 12.06 -1.17 -1.13
C ASP A 55 10.56 -1.48 -1.14
N VAL A 56 9.98 -1.47 -2.33
CA VAL A 56 8.54 -1.75 -2.47
C VAL A 56 8.18 -3.08 -1.82
N ASP A 57 8.97 -4.11 -2.09
CA ASP A 57 8.72 -5.43 -1.52
C ASP A 57 8.90 -5.40 -0.01
N LYS A 58 10.09 -5.04 0.44
CA LYS A 58 10.39 -4.98 1.87
C LYS A 58 9.21 -4.40 2.65
N ILE A 59 8.79 -3.19 2.26
CA ILE A 59 7.67 -2.53 2.91
C ILE A 59 6.50 -3.48 3.09
N ILE A 60 6.03 -4.05 1.98
CA ILE A 60 4.91 -4.98 2.01
C ILE A 60 5.21 -6.17 2.91
N GLN A 61 6.46 -6.62 2.90
CA GLN A 61 6.87 -7.75 3.73
C GLN A 61 6.76 -7.41 5.21
N GLU A 62 7.26 -6.25 5.58
CA GLU A 62 7.22 -5.81 6.97
C GLU A 62 6.37 -4.55 7.12
N PRO A 63 5.05 -4.74 7.30
CA PRO A 63 4.11 -3.63 7.46
C PRO A 63 4.28 -2.91 8.79
N PRO A 64 4.11 -1.58 8.77
CA PRO A 64 4.23 -0.74 9.96
C PRO A 64 3.11 -0.98 10.97
N HIS A 65 1.87 -0.89 10.49
CA HIS A 65 0.70 -1.11 11.34
C HIS A 65 0.82 -2.42 12.11
N LYS A 66 1.28 -3.46 11.43
CA LYS A 66 1.43 -4.77 12.06
C LYS A 66 2.53 -4.74 13.11
N LYS A 67 3.77 -4.54 12.66
CA LYS A 67 4.91 -4.50 13.56
C LYS A 67 4.52 -3.85 14.90
N SER A 68 4.80 -4.55 15.99
CA SER A 68 4.48 -4.05 17.32
C SER A 68 5.50 -3.01 17.78
N GLY A 69 5.16 -2.27 18.83
CA GLY A 69 6.06 -1.26 19.34
C GLY A 69 5.38 0.08 19.51
N PRO A 70 4.46 0.16 20.49
CA PRO A 70 3.72 1.39 20.78
C PRO A 70 4.61 2.47 21.39
N SER A 71 4.57 3.67 20.80
CA SER A 71 5.37 4.79 21.29
C SER A 71 4.51 5.78 22.06
N SER A 72 3.58 5.26 22.85
CA SER A 72 2.69 6.10 23.63
C SER A 72 3.48 7.13 24.44
N GLY A 73 4.71 6.77 24.80
CA GLY A 73 5.55 7.67 25.57
C GLY A 73 4.91 8.07 26.88
N GLY A 1 -16.13 13.26 -14.10
CA GLY A 1 -15.94 11.87 -13.77
C GLY A 1 -16.10 11.60 -12.29
N SER A 2 -15.06 11.00 -11.69
CA SER A 2 -15.09 10.69 -10.26
C SER A 2 -16.21 9.70 -9.95
N SER A 3 -16.34 8.67 -10.79
CA SER A 3 -17.38 7.66 -10.60
C SER A 3 -16.81 6.43 -9.90
N GLY A 4 -17.68 5.72 -9.17
CA GLY A 4 -17.24 4.54 -8.45
C GLY A 4 -18.40 3.64 -8.08
N SER A 5 -18.28 2.97 -6.94
CA SER A 5 -19.33 2.06 -6.47
C SER A 5 -19.49 2.16 -4.96
N SER A 6 -20.71 1.89 -4.49
CA SER A 6 -20.99 1.95 -3.06
C SER A 6 -20.56 0.68 -2.36
N GLY A 7 -19.78 0.84 -1.28
CA GLY A 7 -19.30 -0.31 -0.54
C GLY A 7 -17.79 -0.44 -0.58
N LYS A 8 -17.09 0.65 -0.33
CA LYS A 8 -15.64 0.66 -0.34
C LYS A 8 -15.07 0.09 0.96
N ALA A 9 -13.78 -0.19 0.96
CA ALA A 9 -13.12 -0.74 2.14
C ALA A 9 -11.93 0.12 2.56
N LYS A 10 -12.21 1.18 3.33
CA LYS A 10 -11.17 2.08 3.80
C LYS A 10 -9.91 1.30 4.19
N PRO A 11 -8.73 1.85 3.82
CA PRO A 11 -7.44 1.22 4.13
C PRO A 11 -7.11 1.26 5.62
N VAL A 12 -6.26 0.35 6.06
CA VAL A 12 -5.86 0.28 7.46
C VAL A 12 -4.59 1.06 7.71
N ALA A 13 -3.69 1.05 6.73
CA ALA A 13 -2.42 1.77 6.84
C ALA A 13 -1.89 2.17 5.47
N THR A 14 -1.09 3.23 5.43
CA THR A 14 -0.52 3.71 4.18
C THR A 14 0.89 4.24 4.39
N ALA A 15 1.79 3.86 3.49
CA ALA A 15 3.18 4.30 3.58
C ALA A 15 3.77 4.55 2.19
N PRO A 16 4.36 5.74 2.00
CA PRO A 16 4.96 6.12 0.72
C PRO A 16 6.24 5.34 0.42
N ILE A 17 6.28 4.72 -0.75
CA ILE A 17 7.44 3.94 -1.16
C ILE A 17 8.61 4.84 -1.55
N PRO A 18 9.81 4.47 -1.12
CA PRO A 18 11.04 5.23 -1.42
C PRO A 18 11.42 5.15 -2.88
N GLY A 19 11.79 6.29 -3.45
CA GLY A 19 12.18 6.33 -4.85
C GLY A 19 11.00 6.47 -5.78
N THR A 20 10.02 5.59 -5.62
CA THR A 20 8.82 5.62 -6.46
C THR A 20 7.69 6.38 -5.76
N PRO A 21 6.86 7.07 -6.57
CA PRO A 21 5.72 7.84 -6.05
C PRO A 21 4.61 6.94 -5.52
N TRP A 22 4.80 5.64 -5.65
CA TRP A 22 3.81 4.67 -5.18
C TRP A 22 3.77 4.63 -3.65
N CYS A 23 2.61 4.31 -3.10
CA CYS A 23 2.44 4.23 -1.66
C CYS A 23 1.71 2.94 -1.26
N VAL A 24 2.39 2.11 -0.48
CA VAL A 24 1.81 0.85 -0.03
C VAL A 24 0.63 1.09 0.92
N VAL A 25 -0.56 0.71 0.48
CA VAL A 25 -1.76 0.88 1.28
C VAL A 25 -2.36 -0.47 1.67
N TRP A 26 -2.44 -0.72 2.97
CA TRP A 26 -2.99 -1.97 3.48
C TRP A 26 -4.49 -1.85 3.69
N THR A 27 -5.15 -2.99 3.86
CA THR A 27 -6.59 -3.02 4.07
C THR A 27 -6.96 -3.91 5.27
N GLY A 28 -8.24 -3.91 5.62
CA GLY A 28 -8.69 -4.72 6.74
C GLY A 28 -8.78 -6.19 6.40
N ASP A 29 -8.85 -6.50 5.11
CA ASP A 29 -8.93 -7.88 4.65
C ASP A 29 -7.55 -8.45 4.41
N GLU A 30 -6.64 -8.23 5.37
CA GLU A 30 -5.28 -8.73 5.25
C GLU A 30 -4.77 -8.61 3.82
N ARG A 31 -5.05 -7.48 3.19
CA ARG A 31 -4.62 -7.24 1.82
C ARG A 31 -3.90 -5.91 1.69
N VAL A 32 -3.09 -5.77 0.64
CA VAL A 32 -2.34 -4.53 0.41
C VAL A 32 -2.29 -4.20 -1.07
N PHE A 33 -2.45 -2.93 -1.40
CA PHE A 33 -2.42 -2.47 -2.79
C PHE A 33 -1.48 -1.28 -2.94
N PHE A 34 -1.13 -0.97 -4.18
CA PHE A 34 -0.24 0.14 -4.47
C PHE A 34 -1.03 1.34 -5.00
N TYR A 35 -0.80 2.50 -4.39
CA TYR A 35 -1.50 3.72 -4.79
C TYR A 35 -0.51 4.78 -5.26
N ASN A 36 -0.98 5.70 -6.10
CA ASN A 36 -0.14 6.76 -6.63
C ASN A 36 -0.85 8.10 -6.55
N PRO A 37 -0.54 8.88 -5.50
CA PRO A 37 -1.13 10.20 -5.28
C PRO A 37 -0.65 11.23 -6.29
N THR A 38 0.24 10.81 -7.19
CA THR A 38 0.78 11.69 -8.21
C THR A 38 0.04 11.50 -9.53
N THR A 39 -0.37 10.27 -9.81
CA THR A 39 -1.09 9.96 -11.04
C THR A 39 -2.47 9.40 -10.75
N ARG A 40 -2.95 9.62 -9.53
CA ARG A 40 -4.26 9.14 -9.12
C ARG A 40 -4.50 7.72 -9.65
N LEU A 41 -3.46 6.90 -9.62
CA LEU A 41 -3.55 5.52 -10.09
C LEU A 41 -3.46 4.54 -8.93
N SER A 42 -4.42 3.61 -8.87
CA SER A 42 -4.45 2.61 -7.81
C SER A 42 -4.76 1.22 -8.38
N MET A 43 -3.80 0.32 -8.26
CA MET A 43 -3.96 -1.04 -8.75
C MET A 43 -4.00 -2.04 -7.60
N TRP A 44 -4.55 -3.22 -7.86
CA TRP A 44 -4.65 -4.27 -6.84
C TRP A 44 -3.41 -5.14 -6.84
N ASP A 45 -2.59 -5.02 -7.88
CA ASP A 45 -1.36 -5.79 -8.00
C ASP A 45 -0.15 -4.88 -8.06
N ARG A 46 1.04 -5.48 -8.09
CA ARG A 46 2.29 -4.72 -8.14
C ARG A 46 2.64 -4.39 -9.59
N PRO A 47 2.56 -3.09 -9.94
CA PRO A 47 2.88 -2.63 -11.29
C PRO A 47 4.37 -2.71 -11.60
N ASP A 48 4.71 -2.67 -12.89
CA ASP A 48 6.09 -2.74 -13.31
C ASP A 48 6.91 -1.61 -12.71
N ASP A 49 6.37 -0.40 -12.76
CA ASP A 49 7.04 0.77 -12.21
C ASP A 49 7.76 0.43 -10.92
N LEU A 50 7.27 -0.59 -10.22
CA LEU A 50 7.86 -1.03 -8.96
C LEU A 50 8.63 -2.33 -9.13
N ILE A 51 8.15 -3.17 -10.05
CA ILE A 51 8.80 -4.45 -10.32
C ILE A 51 10.31 -4.30 -10.39
N GLY A 52 11.02 -5.06 -9.56
CA GLY A 52 12.47 -5.00 -9.55
C GLY A 52 13.00 -4.31 -8.32
N ARG A 53 12.27 -3.31 -7.83
CA ARG A 53 12.69 -2.56 -6.64
C ARG A 53 12.68 -3.45 -5.41
N ALA A 54 13.66 -3.25 -4.54
CA ALA A 54 13.77 -4.04 -3.32
C ALA A 54 13.01 -3.38 -2.17
N ASP A 55 12.92 -2.05 -2.23
CA ASP A 55 12.21 -1.30 -1.19
C ASP A 55 10.72 -1.62 -1.20
N VAL A 56 10.11 -1.56 -2.37
CA VAL A 56 8.68 -1.84 -2.51
C VAL A 56 8.35 -3.21 -1.94
N ASP A 57 9.30 -4.13 -2.01
CA ASP A 57 9.10 -5.49 -1.49
C ASP A 57 9.24 -5.51 0.02
N LYS A 58 10.37 -5.02 0.53
CA LYS A 58 10.62 -4.99 1.96
C LYS A 58 9.42 -4.43 2.72
N ILE A 59 8.98 -3.24 2.31
CA ILE A 59 7.84 -2.59 2.95
C ILE A 59 6.67 -3.56 3.10
N ILE A 60 6.27 -4.18 1.99
CA ILE A 60 5.17 -5.13 2.00
C ILE A 60 5.47 -6.31 2.92
N GLN A 61 6.72 -6.77 2.89
CA GLN A 61 7.14 -7.89 3.73
C GLN A 61 6.91 -7.58 5.21
N GLU A 62 7.41 -6.44 5.65
CA GLU A 62 7.26 -6.03 7.04
C GLU A 62 6.54 -4.69 7.14
N PRO A 63 5.20 -4.75 7.20
CA PRO A 63 4.35 -3.55 7.30
C PRO A 63 4.49 -2.86 8.65
N PRO A 64 4.21 -1.55 8.68
CA PRO A 64 4.29 -0.75 9.91
C PRO A 64 3.17 -1.10 10.90
N HIS A 65 1.94 -1.13 10.40
CA HIS A 65 0.79 -1.45 11.24
C HIS A 65 1.04 -2.74 12.03
N LYS A 66 2.02 -3.52 11.58
CA LYS A 66 2.35 -4.77 12.24
C LYS A 66 3.49 -4.58 13.23
N LYS A 67 4.50 -3.80 12.83
CA LYS A 67 5.65 -3.54 13.68
C LYS A 67 5.22 -2.94 15.00
N SER A 68 5.20 -3.76 16.05
CA SER A 68 4.81 -3.32 17.37
C SER A 68 5.68 -2.16 17.85
N GLY A 69 5.19 -1.41 18.83
CA GLY A 69 5.94 -0.28 19.34
C GLY A 69 5.13 1.00 19.33
N PRO A 70 5.72 2.08 19.89
CA PRO A 70 5.07 3.40 19.94
C PRO A 70 4.97 4.05 18.57
N SER A 71 3.74 4.36 18.16
CA SER A 71 3.50 4.99 16.87
C SER A 71 2.82 6.34 17.03
N SER A 72 3.47 7.40 16.54
CA SER A 72 2.92 8.74 16.63
C SER A 72 2.53 9.27 15.27
N GLY A 73 1.91 8.41 14.46
CA GLY A 73 1.48 8.81 13.13
C GLY A 73 2.49 8.42 12.07
N GLY A 1 -21.81 1.06 -7.51
CA GLY A 1 -20.55 0.73 -8.15
C GLY A 1 -20.74 0.15 -9.54
N SER A 2 -20.39 0.92 -10.55
CA SER A 2 -20.53 0.48 -11.94
C SER A 2 -19.48 -0.56 -12.28
N SER A 3 -18.24 -0.31 -11.86
CA SER A 3 -17.14 -1.23 -12.13
C SER A 3 -17.11 -2.34 -11.09
N GLY A 4 -17.35 -3.58 -11.54
CA GLY A 4 -17.34 -4.71 -10.64
C GLY A 4 -18.21 -4.49 -9.41
N SER A 5 -17.56 -4.26 -8.27
CA SER A 5 -18.27 -4.03 -7.02
C SER A 5 -17.45 -3.16 -6.08
N SER A 6 -18.12 -2.21 -5.43
CA SER A 6 -17.45 -1.31 -4.49
C SER A 6 -16.76 -2.09 -3.38
N GLY A 7 -17.55 -2.87 -2.64
CA GLY A 7 -16.99 -3.66 -1.55
C GLY A 7 -16.86 -2.87 -0.28
N LYS A 8 -16.46 -1.60 -0.39
CA LYS A 8 -16.30 -0.73 0.77
C LYS A 8 -15.14 -1.21 1.64
N ALA A 9 -14.05 -1.64 1.01
CA ALA A 9 -12.89 -2.11 1.73
C ALA A 9 -11.88 -0.99 1.95
N LYS A 10 -12.13 -0.17 2.96
CA LYS A 10 -11.25 0.95 3.29
C LYS A 10 -9.89 0.44 3.76
N PRO A 11 -8.82 1.18 3.39
CA PRO A 11 -7.45 0.83 3.78
C PRO A 11 -7.19 1.03 5.26
N VAL A 12 -6.34 0.19 5.83
CA VAL A 12 -6.00 0.29 7.25
C VAL A 12 -4.82 1.21 7.47
N ALA A 13 -3.96 1.32 6.46
CA ALA A 13 -2.78 2.18 6.55
C ALA A 13 -2.24 2.52 5.16
N THR A 14 -1.28 3.43 5.12
CA THR A 14 -0.67 3.84 3.86
C THR A 14 0.74 4.37 4.07
N ALA A 15 1.71 3.73 3.41
CA ALA A 15 3.10 4.13 3.53
C ALA A 15 3.71 4.40 2.15
N PRO A 16 4.29 5.60 1.98
CA PRO A 16 4.91 6.00 0.72
C PRO A 16 6.20 5.23 0.44
N ILE A 17 6.30 4.66 -0.76
CA ILE A 17 7.49 3.90 -1.15
C ILE A 17 8.64 4.83 -1.51
N PRO A 18 9.84 4.48 -1.03
CA PRO A 18 11.05 5.27 -1.29
C PRO A 18 11.49 5.18 -2.75
N GLY A 19 11.77 6.33 -3.35
CA GLY A 19 12.20 6.37 -4.73
C GLY A 19 11.04 6.52 -5.70
N THR A 20 10.06 5.62 -5.57
CA THR A 20 8.89 5.65 -6.44
C THR A 20 7.73 6.38 -5.79
N PRO A 21 6.91 7.06 -6.61
CA PRO A 21 5.75 7.82 -6.13
C PRO A 21 4.65 6.91 -5.61
N TRP A 22 4.86 5.60 -5.71
CA TRP A 22 3.88 4.62 -5.25
C TRP A 22 3.83 4.57 -3.73
N CYS A 23 2.68 4.20 -3.19
CA CYS A 23 2.50 4.11 -1.74
C CYS A 23 1.81 2.81 -1.35
N VAL A 24 2.48 2.01 -0.53
CA VAL A 24 1.93 0.73 -0.09
C VAL A 24 0.76 0.94 0.86
N VAL A 25 -0.43 0.51 0.45
CA VAL A 25 -1.62 0.64 1.26
C VAL A 25 -2.13 -0.72 1.73
N TRP A 26 -2.52 -0.80 2.99
CA TRP A 26 -3.02 -2.04 3.56
C TRP A 26 -4.54 -2.00 3.71
N THR A 27 -5.15 -3.17 3.83
CA THR A 27 -6.61 -3.27 3.97
C THR A 27 -6.99 -4.14 5.16
N GLY A 28 -8.25 -4.08 5.55
CA GLY A 28 -8.73 -4.87 6.67
C GLY A 28 -8.78 -6.35 6.36
N ASP A 29 -8.77 -6.68 5.07
CA ASP A 29 -8.83 -8.07 4.64
C ASP A 29 -7.42 -8.64 4.43
N GLU A 30 -6.54 -8.38 5.40
CA GLU A 30 -5.17 -8.86 5.33
C GLU A 30 -4.63 -8.74 3.90
N ARG A 31 -4.91 -7.62 3.26
CA ARG A 31 -4.46 -7.39 1.89
C ARG A 31 -3.76 -6.04 1.78
N VAL A 32 -3.01 -5.85 0.70
CA VAL A 32 -2.30 -4.61 0.46
C VAL A 32 -2.21 -4.29 -1.03
N PHE A 33 -2.43 -3.02 -1.37
CA PHE A 33 -2.39 -2.58 -2.76
C PHE A 33 -1.45 -1.39 -2.92
N PHE A 34 -1.18 -1.03 -4.17
CA PHE A 34 -0.29 0.09 -4.46
C PHE A 34 -1.08 1.31 -4.93
N TYR A 35 -0.79 2.46 -4.34
CA TYR A 35 -1.48 3.69 -4.68
C TYR A 35 -0.50 4.75 -5.18
N ASN A 36 -0.99 5.68 -6.00
CA ASN A 36 -0.17 6.74 -6.55
C ASN A 36 -0.85 8.10 -6.41
N PRO A 37 -0.46 8.84 -5.35
CA PRO A 37 -1.02 10.17 -5.07
C PRO A 37 -0.58 11.21 -6.10
N THR A 38 0.31 10.80 -7.01
CA THR A 38 0.81 11.70 -8.03
C THR A 38 -0.01 11.58 -9.31
N THR A 39 -0.47 10.37 -9.61
CA THR A 39 -1.28 10.13 -10.81
C THR A 39 -2.64 9.56 -10.44
N ARG A 40 -3.03 9.72 -9.18
CA ARG A 40 -4.32 9.23 -8.71
C ARG A 40 -4.57 7.81 -9.21
N LEU A 41 -3.49 7.05 -9.38
CA LEU A 41 -3.60 5.68 -9.84
C LEU A 41 -3.59 4.70 -8.67
N SER A 42 -4.51 3.74 -8.71
CA SER A 42 -4.60 2.74 -7.65
C SER A 42 -4.88 1.36 -8.22
N MET A 43 -3.87 0.50 -8.21
CA MET A 43 -4.00 -0.85 -8.74
C MET A 43 -4.06 -1.87 -7.59
N TRP A 44 -4.49 -3.09 -7.92
CA TRP A 44 -4.59 -4.15 -6.92
C TRP A 44 -3.35 -5.04 -6.95
N ASP A 45 -2.57 -4.93 -8.02
CA ASP A 45 -1.36 -5.72 -8.16
C ASP A 45 -0.13 -4.82 -8.19
N ARG A 46 1.05 -5.43 -8.29
CA ARG A 46 2.30 -4.69 -8.33
C ARG A 46 2.67 -4.30 -9.76
N PRO A 47 2.55 -3.01 -10.08
CA PRO A 47 2.85 -2.48 -11.41
C PRO A 47 4.35 -2.53 -11.71
N ASP A 48 4.69 -2.52 -13.00
CA ASP A 48 6.08 -2.56 -13.42
C ASP A 48 6.88 -1.42 -12.79
N ASP A 49 6.28 -0.23 -12.80
CA ASP A 49 6.93 0.95 -12.22
C ASP A 49 7.69 0.59 -10.95
N LEU A 50 7.25 -0.47 -10.28
CA LEU A 50 7.89 -0.93 -9.05
C LEU A 50 8.67 -2.20 -9.29
N ILE A 51 8.22 -3.01 -10.24
CA ILE A 51 8.89 -4.27 -10.56
C ILE A 51 10.37 -4.05 -10.80
N GLY A 52 11.19 -4.58 -9.90
CA GLY A 52 12.63 -4.44 -10.04
C GLY A 52 13.28 -3.86 -8.78
N ARG A 53 12.53 -3.05 -8.05
CA ARG A 53 13.03 -2.44 -6.84
C ARG A 53 12.81 -3.35 -5.64
N ALA A 54 13.79 -3.37 -4.73
CA ALA A 54 13.71 -4.20 -3.53
C ALA A 54 12.98 -3.48 -2.40
N ASP A 55 13.16 -2.16 -2.34
CA ASP A 55 12.52 -1.35 -1.30
C ASP A 55 11.03 -1.65 -1.23
N VAL A 56 10.35 -1.56 -2.37
CA VAL A 56 8.92 -1.82 -2.43
C VAL A 56 8.57 -3.14 -1.74
N ASP A 57 9.30 -4.18 -2.06
CA ASP A 57 9.08 -5.50 -1.46
C ASP A 57 9.26 -5.44 0.05
N LYS A 58 10.44 -5.02 0.49
CA LYS A 58 10.74 -4.92 1.91
C LYS A 58 9.52 -4.43 2.69
N ILE A 59 9.04 -3.24 2.33
CA ILE A 59 7.88 -2.66 3.00
C ILE A 59 6.75 -3.67 3.13
N ILE A 60 6.22 -4.11 1.99
CA ILE A 60 5.14 -5.09 1.97
C ILE A 60 5.42 -6.23 2.94
N GLN A 61 6.67 -6.70 2.94
CA GLN A 61 7.07 -7.80 3.80
C GLN A 61 6.88 -7.42 5.27
N GLU A 62 7.25 -6.20 5.62
CA GLU A 62 7.13 -5.71 6.99
C GLU A 62 6.22 -4.49 7.06
N PRO A 63 4.92 -4.73 7.30
CA PRO A 63 3.92 -3.66 7.39
C PRO A 63 4.10 -2.81 8.64
N PRO A 64 3.75 -1.52 8.54
CA PRO A 64 3.86 -0.58 9.66
C PRO A 64 2.84 -0.87 10.76
N HIS A 65 1.58 -1.04 10.37
CA HIS A 65 0.52 -1.33 11.32
C HIS A 65 0.75 -2.66 12.01
N LYS A 66 0.99 -3.70 11.23
CA LYS A 66 1.23 -5.04 11.75
C LYS A 66 2.71 -5.25 12.04
N LYS A 67 3.15 -4.83 13.22
CA LYS A 67 4.54 -4.98 13.62
C LYS A 67 4.67 -5.88 14.84
N SER A 68 5.74 -6.67 14.87
CA SER A 68 5.96 -7.59 15.99
C SER A 68 4.74 -8.46 16.24
N GLY A 69 4.22 -9.04 15.16
CA GLY A 69 3.04 -9.90 15.29
C GLY A 69 3.42 -11.35 15.54
N PRO A 70 3.47 -12.14 14.47
CA PRO A 70 3.81 -13.57 14.55
C PRO A 70 5.28 -13.80 14.92
N SER A 71 6.12 -12.80 14.64
CA SER A 71 7.54 -12.89 14.95
C SER A 71 7.76 -12.98 16.45
N SER A 72 7.21 -12.03 17.18
CA SER A 72 7.36 -11.99 18.63
C SER A 72 6.90 -13.30 19.26
N GLY A 73 5.61 -13.63 19.05
CA GLY A 73 5.07 -14.86 19.61
C GLY A 73 3.60 -14.74 19.92
N GLY A 1 -9.11 2.48 -17.68
CA GLY A 1 -10.34 1.89 -17.19
C GLY A 1 -10.31 1.63 -15.70
N SER A 2 -11.25 2.24 -14.97
CA SER A 2 -11.31 2.08 -13.52
C SER A 2 -12.68 2.50 -12.99
N SER A 3 -13.33 1.59 -12.27
CA SER A 3 -14.65 1.87 -11.70
C SER A 3 -14.84 1.13 -10.38
N GLY A 4 -15.81 1.57 -9.60
CA GLY A 4 -16.09 0.94 -8.32
C GLY A 4 -17.21 -0.08 -8.40
N SER A 5 -16.84 -1.35 -8.48
CA SER A 5 -17.82 -2.43 -8.57
C SER A 5 -17.53 -3.52 -7.53
N SER A 6 -17.20 -3.08 -6.32
CA SER A 6 -16.89 -4.02 -5.24
C SER A 6 -17.26 -3.42 -3.89
N GLY A 7 -17.53 -4.28 -2.91
CA GLY A 7 -17.88 -3.81 -1.59
C GLY A 7 -17.05 -2.62 -1.15
N LYS A 8 -17.69 -1.70 -0.43
CA LYS A 8 -17.01 -0.50 0.05
C LYS A 8 -16.06 -0.83 1.19
N ALA A 9 -14.76 -0.75 0.91
CA ALA A 9 -13.75 -1.04 1.92
C ALA A 9 -12.86 0.16 2.17
N LYS A 10 -12.08 0.12 3.25
CA LYS A 10 -11.18 1.20 3.59
C LYS A 10 -9.82 0.67 4.05
N PRO A 11 -8.75 1.39 3.69
CA PRO A 11 -7.39 1.01 4.05
C PRO A 11 -7.11 1.16 5.55
N VAL A 12 -6.19 0.36 6.06
CA VAL A 12 -5.84 0.40 7.48
C VAL A 12 -4.57 1.23 7.70
N ALA A 13 -3.58 1.02 6.84
CA ALA A 13 -2.32 1.75 6.94
C ALA A 13 -1.83 2.18 5.56
N THR A 14 -1.07 3.27 5.53
CA THR A 14 -0.53 3.78 4.27
C THR A 14 0.89 4.29 4.46
N ALA A 15 1.79 3.86 3.59
CA ALA A 15 3.19 4.28 3.65
C ALA A 15 3.75 4.54 2.26
N PRO A 16 4.36 5.72 2.07
CA PRO A 16 4.94 6.12 0.79
C PRO A 16 6.19 5.31 0.46
N ILE A 17 6.28 4.85 -0.79
CA ILE A 17 7.43 4.08 -1.24
C ILE A 17 8.61 4.98 -1.59
N PRO A 18 9.81 4.61 -1.10
CA PRO A 18 11.03 5.38 -1.36
C PRO A 18 11.47 5.29 -2.81
N GLY A 19 11.75 6.45 -3.42
CA GLY A 19 12.19 6.48 -4.80
C GLY A 19 11.03 6.57 -5.77
N THR A 20 10.03 5.70 -5.58
CA THR A 20 8.86 5.69 -6.45
C THR A 20 7.70 6.44 -5.82
N PRO A 21 6.88 7.09 -6.67
CA PRO A 21 5.72 7.86 -6.22
C PRO A 21 4.61 6.97 -5.68
N TRP A 22 4.84 5.66 -5.69
CA TRP A 22 3.86 4.71 -5.21
C TRP A 22 3.79 4.71 -3.69
N CYS A 23 2.67 4.27 -3.15
CA CYS A 23 2.48 4.24 -1.70
C CYS A 23 1.79 2.94 -1.28
N VAL A 24 2.51 2.11 -0.52
CA VAL A 24 1.96 0.84 -0.06
C VAL A 24 0.79 1.06 0.88
N VAL A 25 -0.40 0.66 0.44
CA VAL A 25 -1.61 0.81 1.24
C VAL A 25 -2.18 -0.54 1.65
N TRP A 26 -2.47 -0.69 2.93
CA TRP A 26 -3.02 -1.94 3.45
C TRP A 26 -4.51 -1.82 3.71
N THR A 27 -5.19 -2.95 3.83
CA THR A 27 -6.62 -2.97 4.07
C THR A 27 -6.97 -3.82 5.29
N GLY A 28 -8.25 -3.91 5.60
CA GLY A 28 -8.69 -4.70 6.73
C GLY A 28 -8.74 -6.19 6.43
N ASP A 29 -8.78 -6.52 5.14
CA ASP A 29 -8.82 -7.92 4.72
C ASP A 29 -7.41 -8.46 4.51
N GLU A 30 -6.52 -8.19 5.46
CA GLU A 30 -5.14 -8.65 5.36
C GLU A 30 -4.62 -8.55 3.93
N ARG A 31 -5.00 -7.47 3.25
CA ARG A 31 -4.58 -7.25 1.87
C ARG A 31 -3.88 -5.90 1.72
N VAL A 32 -3.06 -5.78 0.68
CA VAL A 32 -2.33 -4.54 0.43
C VAL A 32 -2.26 -4.25 -1.07
N PHE A 33 -2.45 -2.98 -1.42
CA PHE A 33 -2.41 -2.56 -2.82
C PHE A 33 -1.47 -1.38 -3.00
N PHE A 34 -1.16 -1.07 -4.26
CA PHE A 34 -0.26 0.04 -4.57
C PHE A 34 -1.05 1.27 -5.01
N TYR A 35 -0.76 2.42 -4.39
CA TYR A 35 -1.44 3.65 -4.71
C TYR A 35 -0.46 4.70 -5.24
N ASN A 36 -0.97 5.62 -6.05
CA ASN A 36 -0.14 6.67 -6.61
C ASN A 36 -0.83 8.04 -6.50
N PRO A 37 -0.46 8.80 -5.46
CA PRO A 37 -1.03 10.13 -5.22
C PRO A 37 -0.58 11.16 -6.26
N THR A 38 0.30 10.73 -7.17
CA THR A 38 0.80 11.61 -8.22
C THR A 38 -0.03 11.47 -9.49
N THR A 39 -0.47 10.26 -9.77
CA THR A 39 -1.27 9.99 -10.96
C THR A 39 -2.63 9.41 -10.60
N ARG A 40 -3.01 9.56 -9.33
CA ARG A 40 -4.28 9.05 -8.85
C ARG A 40 -4.53 7.63 -9.38
N LEU A 41 -3.46 6.87 -9.54
CA LEU A 41 -3.55 5.50 -10.02
C LEU A 41 -3.47 4.50 -8.87
N SER A 42 -4.42 3.58 -8.83
CA SER A 42 -4.45 2.57 -7.78
C SER A 42 -4.76 1.19 -8.36
N MET A 43 -3.78 0.28 -8.27
CA MET A 43 -3.95 -1.07 -8.79
C MET A 43 -3.96 -2.09 -7.65
N TRP A 44 -4.49 -3.27 -7.93
CA TRP A 44 -4.56 -4.33 -6.93
C TRP A 44 -3.31 -5.20 -6.96
N ASP A 45 -2.50 -5.02 -8.00
CA ASP A 45 -1.26 -5.79 -8.15
C ASP A 45 -0.05 -4.86 -8.21
N ARG A 46 1.14 -5.45 -8.18
CA ARG A 46 2.37 -4.67 -8.25
C ARG A 46 2.73 -4.33 -9.69
N PRO A 47 2.62 -3.05 -10.04
CA PRO A 47 2.94 -2.57 -11.39
C PRO A 47 4.43 -2.64 -11.70
N ASP A 48 4.77 -2.62 -12.98
CA ASP A 48 6.17 -2.68 -13.41
C ASP A 48 6.97 -1.53 -12.80
N ASP A 49 6.39 -0.34 -12.82
CA ASP A 49 7.05 0.84 -12.26
C ASP A 49 7.81 0.48 -10.99
N LEU A 50 7.33 -0.53 -10.28
CA LEU A 50 7.95 -0.97 -9.04
C LEU A 50 8.76 -2.25 -9.26
N ILE A 51 8.32 -3.05 -10.22
CA ILE A 51 9.00 -4.30 -10.53
C ILE A 51 10.50 -4.08 -10.74
N GLY A 52 11.31 -4.59 -9.82
CA GLY A 52 12.74 -4.44 -9.93
C GLY A 52 13.35 -3.84 -8.67
N ARG A 53 12.57 -3.04 -7.96
CA ARG A 53 13.03 -2.40 -6.73
C ARG A 53 12.84 -3.31 -5.53
N ALA A 54 13.76 -3.24 -4.58
CA ALA A 54 13.68 -4.06 -3.37
C ALA A 54 12.82 -3.39 -2.31
N ASP A 55 13.06 -2.10 -2.08
CA ASP A 55 12.31 -1.35 -1.09
C ASP A 55 10.81 -1.69 -1.17
N VAL A 56 10.24 -1.51 -2.36
CA VAL A 56 8.83 -1.80 -2.57
C VAL A 56 8.42 -3.09 -1.87
N ASP A 57 9.20 -4.14 -2.08
CA ASP A 57 8.92 -5.44 -1.47
C ASP A 57 9.10 -5.38 0.04
N LYS A 58 10.28 -4.95 0.47
CA LYS A 58 10.59 -4.84 1.89
C LYS A 58 9.39 -4.31 2.67
N ILE A 59 8.88 -3.16 2.23
CA ILE A 59 7.73 -2.55 2.89
C ILE A 59 6.57 -3.54 3.03
N ILE A 60 6.10 -4.05 1.90
CA ILE A 60 5.00 -5.01 1.90
C ILE A 60 5.29 -6.17 2.85
N GLN A 61 6.52 -6.67 2.79
CA GLN A 61 6.93 -7.79 3.64
C GLN A 61 6.61 -7.49 5.10
N GLU A 62 7.33 -6.53 5.68
CA GLU A 62 7.13 -6.15 7.07
C GLU A 62 6.43 -4.79 7.17
N PRO A 63 5.09 -4.82 7.15
CA PRO A 63 4.28 -3.60 7.24
C PRO A 63 4.34 -2.96 8.63
N PRO A 64 4.11 -1.65 8.68
CA PRO A 64 4.13 -0.90 9.94
C PRO A 64 2.95 -1.24 10.84
N HIS A 65 1.76 -1.22 10.27
CA HIS A 65 0.54 -1.53 11.03
C HIS A 65 0.75 -2.77 11.90
N LYS A 66 1.72 -3.60 11.52
CA LYS A 66 2.03 -4.81 12.27
C LYS A 66 3.35 -4.68 13.00
N LYS A 67 3.29 -4.62 14.33
CA LYS A 67 4.49 -4.50 15.14
C LYS A 67 4.43 -5.42 16.35
N SER A 68 5.44 -6.29 16.49
CA SER A 68 5.49 -7.23 17.59
C SER A 68 5.87 -6.52 18.90
N GLY A 69 4.95 -6.54 19.85
CA GLY A 69 5.21 -5.90 21.13
C GLY A 69 4.33 -6.44 22.24
N PRO A 70 4.16 -5.64 23.31
CA PRO A 70 3.34 -6.03 24.47
C PRO A 70 1.85 -6.07 24.12
N SER A 71 1.32 -7.28 23.95
CA SER A 71 -0.09 -7.46 23.62
C SER A 71 -0.94 -6.41 24.32
N SER A 72 -1.57 -5.55 23.52
CA SER A 72 -2.43 -4.49 24.07
C SER A 72 -3.76 -5.06 24.56
N GLY A 73 -4.58 -4.20 25.14
CA GLY A 73 -5.87 -4.62 25.63
C GLY A 73 -5.77 -5.42 26.92
N GLY A 1 -11.54 14.33 -3.56
CA GLY A 1 -10.20 14.18 -3.03
C GLY A 1 -10.19 13.78 -1.57
N SER A 2 -9.75 14.69 -0.70
CA SER A 2 -9.69 14.41 0.72
C SER A 2 -11.08 14.47 1.35
N SER A 3 -11.65 13.30 1.63
CA SER A 3 -12.99 13.22 2.23
C SER A 3 -13.33 11.77 2.57
N GLY A 4 -14.27 11.61 3.50
CA GLY A 4 -14.69 10.27 3.90
C GLY A 4 -15.53 9.58 2.84
N SER A 5 -14.85 8.90 1.91
CA SER A 5 -15.54 8.20 0.84
C SER A 5 -16.07 6.85 1.32
N SER A 6 -17.30 6.54 0.96
CA SER A 6 -17.93 5.28 1.35
C SER A 6 -18.26 4.43 0.13
N GLY A 7 -18.47 3.14 0.35
CA GLY A 7 -18.80 2.24 -0.74
C GLY A 7 -17.80 1.10 -0.87
N LYS A 8 -16.52 1.43 -0.83
CA LYS A 8 -15.46 0.44 -0.94
C LYS A 8 -14.73 0.26 0.38
N ALA A 9 -13.99 -0.84 0.51
CA ALA A 9 -13.24 -1.12 1.72
C ALA A 9 -12.18 -0.04 1.98
N LYS A 10 -12.07 0.39 3.23
CA LYS A 10 -11.11 1.41 3.61
C LYS A 10 -9.80 0.79 4.06
N PRO A 11 -8.68 1.44 3.74
CA PRO A 11 -7.34 0.96 4.10
C PRO A 11 -7.08 1.08 5.60
N VAL A 12 -6.15 0.27 6.09
CA VAL A 12 -5.80 0.29 7.51
C VAL A 12 -4.55 1.12 7.76
N ALA A 13 -3.59 1.03 6.85
CA ALA A 13 -2.34 1.77 6.97
C ALA A 13 -1.82 2.19 5.60
N THR A 14 -1.13 3.32 5.55
CA THR A 14 -0.58 3.83 4.31
C THR A 14 0.88 4.27 4.48
N ALA A 15 1.74 3.84 3.57
CA ALA A 15 3.15 4.19 3.63
C ALA A 15 3.71 4.42 2.23
N PRO A 16 4.27 5.62 2.00
CA PRO A 16 4.86 6.00 0.72
C PRO A 16 6.14 5.24 0.42
N ILE A 17 6.23 4.68 -0.77
CA ILE A 17 7.42 3.93 -1.18
C ILE A 17 8.56 4.87 -1.56
N PRO A 18 9.77 4.56 -1.03
CA PRO A 18 10.96 5.37 -1.29
C PRO A 18 11.45 5.24 -2.73
N GLY A 19 11.66 6.37 -3.39
CA GLY A 19 12.12 6.34 -4.76
C GLY A 19 10.98 6.47 -5.76
N THR A 20 10.01 5.57 -5.65
CA THR A 20 8.86 5.56 -6.55
C THR A 20 7.69 6.33 -5.93
N PRO A 21 6.88 6.96 -6.80
CA PRO A 21 5.71 7.74 -6.38
C PRO A 21 4.59 6.85 -5.84
N TRP A 22 4.82 5.54 -5.86
CA TRP A 22 3.84 4.58 -5.38
C TRP A 22 3.78 4.59 -3.85
N CYS A 23 2.62 4.22 -3.32
CA CYS A 23 2.44 4.17 -1.87
C CYS A 23 1.72 2.89 -1.45
N VAL A 24 2.40 2.10 -0.61
CA VAL A 24 1.83 0.84 -0.13
C VAL A 24 0.68 1.09 0.83
N VAL A 25 -0.51 0.63 0.47
CA VAL A 25 -1.69 0.80 1.29
C VAL A 25 -2.28 -0.55 1.70
N TRP A 26 -2.47 -0.74 3.01
CA TRP A 26 -3.03 -1.99 3.52
C TRP A 26 -4.52 -1.84 3.78
N THR A 27 -5.20 -2.97 3.95
CA THR A 27 -6.64 -2.98 4.21
C THR A 27 -6.98 -3.87 5.40
N GLY A 28 -8.26 -3.91 5.75
CA GLY A 28 -8.69 -4.72 6.87
C GLY A 28 -8.75 -6.20 6.53
N ASP A 29 -8.87 -6.51 5.23
CA ASP A 29 -8.94 -7.89 4.78
C ASP A 29 -7.53 -8.45 4.54
N GLU A 30 -6.63 -8.17 5.47
CA GLU A 30 -5.25 -8.65 5.36
C GLU A 30 -4.76 -8.54 3.92
N ARG A 31 -5.08 -7.42 3.28
CA ARG A 31 -4.67 -7.19 1.90
C ARG A 31 -3.90 -5.88 1.77
N VAL A 32 -3.20 -5.71 0.66
CA VAL A 32 -2.43 -4.50 0.41
C VAL A 32 -2.32 -4.21 -1.08
N PHE A 33 -2.47 -2.93 -1.44
CA PHE A 33 -2.39 -2.51 -2.83
C PHE A 33 -1.42 -1.35 -3.00
N PHE A 34 -1.18 -0.97 -4.24
CA PHE A 34 -0.28 0.14 -4.54
C PHE A 34 -1.05 1.34 -5.06
N TYR A 35 -0.79 2.51 -4.47
CA TYR A 35 -1.46 3.74 -4.87
C TYR A 35 -0.46 4.76 -5.40
N ASN A 36 -0.94 5.69 -6.22
CA ASN A 36 -0.09 6.72 -6.79
C ASN A 36 -0.76 8.09 -6.70
N PRO A 37 -0.38 8.86 -5.66
CA PRO A 37 -0.92 10.21 -5.44
C PRO A 37 -0.46 11.20 -6.49
N THR A 38 0.39 10.74 -7.40
CA THR A 38 0.92 11.60 -8.46
C THR A 38 0.12 11.42 -9.75
N THR A 39 -0.34 10.21 -10.00
CA THR A 39 -1.11 9.91 -11.20
C THR A 39 -2.49 9.37 -10.85
N ARG A 40 -2.94 9.67 -9.63
CA ARG A 40 -4.26 9.22 -9.18
C ARG A 40 -4.54 7.81 -9.67
N LEU A 41 -3.51 6.98 -9.69
CA LEU A 41 -3.66 5.59 -10.14
C LEU A 41 -3.64 4.63 -8.95
N SER A 42 -4.61 3.72 -8.90
CA SER A 42 -4.70 2.75 -7.82
C SER A 42 -5.00 1.37 -8.38
N MET A 43 -3.99 0.49 -8.32
CA MET A 43 -4.14 -0.87 -8.82
C MET A 43 -4.29 -1.86 -7.66
N TRP A 44 -4.54 -3.11 -7.99
CA TRP A 44 -4.69 -4.15 -6.98
C TRP A 44 -3.45 -5.02 -6.89
N ASP A 45 -2.59 -4.93 -7.89
CA ASP A 45 -1.36 -5.72 -7.93
C ASP A 45 -0.14 -4.80 -8.03
N ARG A 46 1.04 -5.40 -7.95
CA ARG A 46 2.29 -4.65 -8.03
C ARG A 46 2.69 -4.40 -9.48
N PRO A 47 2.58 -3.13 -9.92
CA PRO A 47 2.93 -2.74 -11.29
C PRO A 47 4.44 -2.82 -11.55
N ASP A 48 4.80 -2.86 -12.83
CA ASP A 48 6.20 -2.94 -13.22
C ASP A 48 7.00 -1.79 -12.64
N ASP A 49 6.41 -0.59 -12.67
CA ASP A 49 7.07 0.60 -12.15
C ASP A 49 7.80 0.29 -10.84
N LEU A 50 7.34 -0.75 -10.15
CA LEU A 50 7.95 -1.16 -8.88
C LEU A 50 8.73 -2.45 -9.05
N ILE A 51 8.24 -3.33 -9.92
CA ILE A 51 8.91 -4.60 -10.17
C ILE A 51 10.41 -4.41 -10.37
N GLY A 52 11.20 -5.08 -9.53
CA GLY A 52 12.64 -4.97 -9.63
C GLY A 52 13.26 -4.32 -8.41
N ARG A 53 12.55 -3.35 -7.83
CA ARG A 53 13.04 -2.64 -6.66
C ARG A 53 12.89 -3.50 -5.41
N ALA A 54 13.85 -3.39 -4.49
CA ALA A 54 13.82 -4.16 -3.25
C ALA A 54 13.02 -3.43 -2.17
N ASP A 55 13.17 -2.11 -2.13
CA ASP A 55 12.46 -1.30 -1.14
C ASP A 55 10.97 -1.63 -1.14
N VAL A 56 10.35 -1.54 -2.32
CA VAL A 56 8.92 -1.83 -2.45
C VAL A 56 8.56 -3.14 -1.74
N ASP A 57 9.38 -4.16 -1.95
CA ASP A 57 9.14 -5.47 -1.34
C ASP A 57 9.28 -5.38 0.17
N LYS A 58 10.47 -5.03 0.64
CA LYS A 58 10.73 -4.92 2.07
C LYS A 58 9.49 -4.40 2.81
N ILE A 59 8.98 -3.26 2.36
CA ILE A 59 7.79 -2.67 2.97
C ILE A 59 6.69 -3.70 3.14
N ILE A 60 6.18 -4.21 2.03
CA ILE A 60 5.12 -5.20 2.05
C ILE A 60 5.48 -6.37 2.97
N GLN A 61 6.73 -6.83 2.87
CA GLN A 61 7.19 -7.93 3.69
C GLN A 61 6.92 -7.67 5.17
N GLU A 62 7.39 -6.54 5.67
CA GLU A 62 7.20 -6.18 7.07
C GLU A 62 6.53 -4.81 7.19
N PRO A 63 5.20 -4.80 7.16
CA PRO A 63 4.41 -3.56 7.26
C PRO A 63 4.47 -2.95 8.65
N PRO A 64 4.23 -1.63 8.72
CA PRO A 64 4.26 -0.89 10.00
C PRO A 64 3.09 -1.26 10.90
N HIS A 65 1.88 -1.26 10.34
CA HIS A 65 0.69 -1.59 11.11
C HIS A 65 0.91 -2.85 11.94
N LYS A 66 1.89 -3.65 11.54
CA LYS A 66 2.20 -4.88 12.25
C LYS A 66 3.59 -4.80 12.89
N LYS A 67 3.63 -4.33 14.14
CA LYS A 67 4.89 -4.20 14.87
C LYS A 67 4.64 -4.15 16.36
N SER A 68 5.51 -4.83 17.12
CA SER A 68 5.38 -4.87 18.58
C SER A 68 5.47 -3.46 19.17
N GLY A 69 6.35 -2.65 18.59
CA GLY A 69 6.51 -1.29 19.08
C GLY A 69 7.94 -0.79 18.92
N PRO A 70 8.08 0.51 18.65
CA PRO A 70 9.39 1.14 18.47
C PRO A 70 10.17 1.24 19.77
N SER A 71 11.39 1.78 19.70
CA SER A 71 12.24 1.92 20.87
C SER A 71 13.39 2.87 20.59
N SER A 72 13.34 4.04 21.21
CA SER A 72 14.39 5.04 21.02
C SER A 72 14.48 5.97 22.22
N GLY A 73 15.66 6.52 22.46
CA GLY A 73 15.85 7.42 23.59
C GLY A 73 17.30 7.88 23.73
N GLY A 1 -12.90 -0.48 -14.12
CA GLY A 1 -13.09 -1.63 -13.26
C GLY A 1 -13.65 -1.25 -11.91
N SER A 2 -14.96 -1.37 -11.76
CA SER A 2 -15.62 -1.04 -10.50
C SER A 2 -16.84 -1.92 -10.28
N SER A 3 -16.84 -2.65 -9.17
CA SER A 3 -17.95 -3.54 -8.84
C SER A 3 -18.34 -3.41 -7.37
N GLY A 4 -19.42 -4.07 -6.99
CA GLY A 4 -19.88 -4.00 -5.61
C GLY A 4 -18.74 -4.01 -4.62
N SER A 5 -19.00 -3.49 -3.42
CA SER A 5 -17.98 -3.43 -2.38
C SER A 5 -18.24 -4.49 -1.31
N SER A 6 -17.16 -5.14 -0.86
CA SER A 6 -17.27 -6.18 0.16
C SER A 6 -17.01 -5.60 1.54
N GLY A 7 -18.04 -5.02 2.14
CA GLY A 7 -17.90 -4.44 3.47
C GLY A 7 -17.72 -2.94 3.42
N LYS A 8 -16.48 -2.49 3.62
CA LYS A 8 -16.18 -1.06 3.61
C LYS A 8 -15.20 -0.73 2.49
N ALA A 9 -14.19 -1.59 2.31
CA ALA A 9 -13.19 -1.40 1.28
C ALA A 9 -12.35 -0.15 1.56
N LYS A 10 -12.00 0.06 2.82
CA LYS A 10 -11.21 1.21 3.23
C LYS A 10 -9.85 0.77 3.76
N PRO A 11 -8.81 1.57 3.49
CA PRO A 11 -7.44 1.28 3.93
C PRO A 11 -7.28 1.44 5.44
N VAL A 12 -6.24 0.82 5.98
CA VAL A 12 -5.98 0.90 7.42
C VAL A 12 -4.58 1.47 7.68
N ALA A 13 -3.72 1.40 6.68
CA ALA A 13 -2.36 1.91 6.81
C ALA A 13 -1.80 2.34 5.45
N THR A 14 -1.21 3.53 5.40
CA THR A 14 -0.64 4.04 4.17
C THR A 14 0.81 4.48 4.37
N ALA A 15 1.71 3.90 3.58
CA ALA A 15 3.12 4.22 3.66
C ALA A 15 3.71 4.49 2.28
N PRO A 16 4.26 5.70 2.10
CA PRO A 16 4.87 6.11 0.83
C PRO A 16 6.16 5.37 0.55
N ILE A 17 6.27 4.79 -0.65
CA ILE A 17 7.46 4.06 -1.04
C ILE A 17 8.61 5.00 -1.38
N PRO A 18 9.82 4.66 -0.90
CA PRO A 18 11.01 5.47 -1.14
C PRO A 18 11.46 5.43 -2.59
N GLY A 19 11.60 6.61 -3.20
CA GLY A 19 12.03 6.68 -4.58
C GLY A 19 10.86 6.76 -5.54
N THR A 20 9.92 5.84 -5.40
CA THR A 20 8.75 5.80 -6.27
C THR A 20 7.55 6.47 -5.60
N PRO A 21 6.69 7.09 -6.41
CA PRO A 21 5.49 7.78 -5.92
C PRO A 21 4.44 6.81 -5.38
N TRP A 22 4.71 5.51 -5.54
CA TRP A 22 3.79 4.48 -5.08
C TRP A 22 3.76 4.42 -3.55
N CYS A 23 2.58 4.18 -3.00
CA CYS A 23 2.41 4.11 -1.55
C CYS A 23 1.77 2.78 -1.14
N VAL A 24 2.49 2.01 -0.34
CA VAL A 24 1.99 0.71 0.12
C VAL A 24 0.81 0.89 1.08
N VAL A 25 -0.40 0.86 0.53
CA VAL A 25 -1.60 1.01 1.34
C VAL A 25 -2.24 -0.34 1.63
N TRP A 26 -2.47 -0.61 2.91
CA TRP A 26 -3.07 -1.87 3.34
C TRP A 26 -4.58 -1.73 3.50
N THR A 27 -5.27 -2.86 3.62
CA THR A 27 -6.72 -2.84 3.79
C THR A 27 -7.14 -3.69 4.99
N GLY A 28 -8.45 -3.73 5.24
CA GLY A 28 -8.96 -4.49 6.36
C GLY A 28 -9.03 -5.98 6.06
N ASP A 29 -9.01 -6.32 4.78
CA ASP A 29 -9.08 -7.71 4.36
C ASP A 29 -7.69 -8.32 4.25
N GLU A 30 -6.83 -8.01 5.23
CA GLU A 30 -5.47 -8.52 5.25
C GLU A 30 -4.86 -8.47 3.85
N ARG A 31 -5.08 -7.37 3.15
CA ARG A 31 -4.55 -7.20 1.80
C ARG A 31 -3.85 -5.85 1.67
N VAL A 32 -3.05 -5.72 0.61
CA VAL A 32 -2.33 -4.47 0.36
C VAL A 32 -2.30 -4.14 -1.13
N PHE A 33 -2.48 -2.86 -1.45
CA PHE A 33 -2.47 -2.42 -2.84
C PHE A 33 -1.52 -1.23 -3.02
N PHE A 34 -1.12 -1.00 -4.26
CA PHE A 34 -0.22 0.10 -4.58
C PHE A 34 -0.99 1.30 -5.13
N TYR A 35 -0.89 2.43 -4.43
CA TYR A 35 -1.59 3.65 -4.85
C TYR A 35 -0.59 4.72 -5.25
N ASN A 36 -1.03 5.64 -6.11
CA ASN A 36 -0.18 6.72 -6.57
C ASN A 36 -0.93 8.05 -6.55
N PRO A 37 -0.72 8.83 -5.47
CA PRO A 37 -1.37 10.13 -5.29
C PRO A 37 -0.84 11.18 -6.26
N THR A 38 0.12 10.78 -7.09
CA THR A 38 0.72 11.68 -8.07
C THR A 38 0.05 11.54 -9.42
N THR A 39 -0.40 10.32 -9.73
CA THR A 39 -1.06 10.05 -11.01
C THR A 39 -2.48 9.54 -10.79
N ARG A 40 -2.93 9.55 -9.53
CA ARG A 40 -4.26 9.08 -9.19
C ARG A 40 -4.47 7.65 -9.66
N LEU A 41 -3.41 6.85 -9.62
CA LEU A 41 -3.48 5.46 -10.05
C LEU A 41 -3.52 4.53 -8.84
N SER A 42 -4.37 3.52 -8.91
CA SER A 42 -4.51 2.56 -7.82
C SER A 42 -4.72 1.15 -8.36
N MET A 43 -3.74 0.28 -8.12
CA MET A 43 -3.82 -1.10 -8.58
C MET A 43 -3.72 -2.08 -7.42
N TRP A 44 -4.29 -3.26 -7.59
CA TRP A 44 -4.27 -4.28 -6.54
C TRP A 44 -3.04 -5.16 -6.67
N ASP A 45 -2.34 -5.04 -7.81
CA ASP A 45 -1.15 -5.83 -8.05
C ASP A 45 0.08 -4.94 -8.17
N ARG A 46 1.26 -5.54 -8.10
CA ARG A 46 2.51 -4.80 -8.18
C ARG A 46 2.80 -4.40 -9.62
N PRO A 47 2.73 -3.09 -9.90
CA PRO A 47 2.99 -2.55 -11.24
C PRO A 47 4.45 -2.65 -11.64
N ASP A 48 4.70 -2.62 -12.94
CA ASP A 48 6.06 -2.72 -13.46
C ASP A 48 6.95 -1.62 -12.86
N ASP A 49 6.48 -0.39 -12.94
CA ASP A 49 7.23 0.76 -12.40
C ASP A 49 7.91 0.38 -11.09
N LEU A 50 7.36 -0.60 -10.39
CA LEU A 50 7.91 -1.05 -9.12
C LEU A 50 8.62 -2.39 -9.28
N ILE A 51 8.15 -3.19 -10.23
CA ILE A 51 8.74 -4.51 -10.50
C ILE A 51 10.26 -4.41 -10.57
N GLY A 52 10.93 -5.02 -9.59
CA GLY A 52 12.39 -5.00 -9.56
C GLY A 52 12.93 -4.27 -8.35
N ARG A 53 12.17 -3.30 -7.85
CA ARG A 53 12.58 -2.53 -6.69
C ARG A 53 12.62 -3.40 -5.44
N ALA A 54 13.60 -3.16 -4.58
CA ALA A 54 13.74 -3.91 -3.34
C ALA A 54 12.97 -3.26 -2.20
N ASP A 55 12.87 -1.93 -2.25
CA ASP A 55 12.16 -1.19 -1.22
C ASP A 55 10.68 -1.56 -1.21
N VAL A 56 10.05 -1.50 -2.37
CA VAL A 56 8.63 -1.83 -2.50
C VAL A 56 8.34 -3.22 -1.95
N ASP A 57 9.33 -4.11 -2.03
CA ASP A 57 9.18 -5.48 -1.54
C ASP A 57 9.30 -5.52 -0.02
N LYS A 58 10.41 -5.01 0.50
CA LYS A 58 10.65 -4.99 1.94
C LYS A 58 9.44 -4.44 2.69
N ILE A 59 8.96 -3.29 2.24
CA ILE A 59 7.79 -2.66 2.87
C ILE A 59 6.64 -3.66 3.01
N ILE A 60 6.26 -4.27 1.90
CA ILE A 60 5.17 -5.25 1.90
C ILE A 60 5.48 -6.41 2.85
N GLN A 61 6.72 -6.89 2.80
CA GLN A 61 7.14 -8.01 3.66
C GLN A 61 6.81 -7.71 5.12
N GLU A 62 7.36 -6.62 5.63
CA GLU A 62 7.13 -6.24 7.03
C GLU A 62 6.36 -4.93 7.10
N PRO A 63 5.02 -5.02 7.07
CA PRO A 63 4.14 -3.85 7.13
C PRO A 63 4.15 -3.19 8.51
N PRO A 64 3.95 -1.87 8.54
CA PRO A 64 3.93 -1.10 9.78
C PRO A 64 2.71 -1.39 10.63
N HIS A 65 1.52 -1.34 10.02
CA HIS A 65 0.28 -1.61 10.73
C HIS A 65 0.41 -2.85 11.59
N LYS A 66 1.33 -3.73 11.22
CA LYS A 66 1.55 -4.97 11.97
C LYS A 66 2.45 -4.72 13.19
N LYS A 67 3.56 -4.03 12.97
CA LYS A 67 4.49 -3.72 14.05
C LYS A 67 3.74 -3.38 15.33
N SER A 68 3.65 -4.34 16.24
CA SER A 68 2.96 -4.13 17.51
C SER A 68 3.74 -4.76 18.66
N GLY A 69 4.07 -3.94 19.66
CA GLY A 69 4.81 -4.42 20.80
C GLY A 69 5.22 -3.31 21.75
N PRO A 70 6.23 -3.58 22.59
CA PRO A 70 6.73 -2.60 23.56
C PRO A 70 7.46 -1.43 22.89
N SER A 71 7.28 -0.24 23.44
CA SER A 71 7.92 0.95 22.89
C SER A 71 9.16 1.33 23.71
N SER A 72 8.98 1.44 25.02
CA SER A 72 10.08 1.80 25.91
C SER A 72 10.88 2.97 25.35
N GLY A 73 10.17 3.95 24.79
CA GLY A 73 10.83 5.11 24.21
C GLY A 73 10.10 5.65 23.01
N GLY A 1 -22.22 11.10 -13.70
CA GLY A 1 -22.47 12.30 -12.91
C GLY A 1 -21.23 12.76 -12.16
N SER A 2 -21.36 12.90 -10.85
CA SER A 2 -20.24 13.34 -10.02
C SER A 2 -19.94 12.33 -8.93
N SER A 3 -18.68 11.87 -8.88
CA SER A 3 -18.26 10.89 -7.88
C SER A 3 -18.16 11.53 -6.50
N GLY A 4 -18.73 10.86 -5.50
CA GLY A 4 -18.68 11.39 -4.15
C GLY A 4 -19.51 10.55 -3.18
N SER A 5 -18.85 9.57 -2.56
CA SER A 5 -19.53 8.69 -1.61
C SER A 5 -18.51 7.91 -0.78
N SER A 6 -19.02 7.13 0.18
CA SER A 6 -18.15 6.33 1.04
C SER A 6 -18.58 4.88 1.03
N GLY A 7 -17.98 4.09 0.15
CA GLY A 7 -18.31 2.67 0.06
C GLY A 7 -17.08 1.79 -0.02
N LYS A 8 -16.24 2.04 -1.03
CA LYS A 8 -15.02 1.26 -1.21
C LYS A 8 -14.34 1.00 0.12
N ALA A 9 -14.03 -0.27 0.38
CA ALA A 9 -13.35 -0.65 1.62
C ALA A 9 -12.20 0.30 1.93
N LYS A 10 -12.20 0.83 3.15
CA LYS A 10 -11.15 1.75 3.58
C LYS A 10 -9.89 0.99 3.99
N PRO A 11 -8.72 1.56 3.68
CA PRO A 11 -7.44 0.95 4.01
C PRO A 11 -7.15 0.96 5.51
N VAL A 12 -6.17 0.16 5.93
CA VAL A 12 -5.81 0.09 7.34
C VAL A 12 -4.54 0.90 7.62
N ALA A 13 -3.63 0.92 6.66
CA ALA A 13 -2.39 1.67 6.80
C ALA A 13 -1.88 2.15 5.44
N THR A 14 -1.03 3.17 5.47
CA THR A 14 -0.47 3.73 4.24
C THR A 14 0.96 4.20 4.45
N ALA A 15 1.84 3.88 3.50
CA ALA A 15 3.23 4.27 3.58
C ALA A 15 3.82 4.52 2.20
N PRO A 16 4.39 5.72 2.01
CA PRO A 16 4.99 6.11 0.72
C PRO A 16 6.27 5.33 0.43
N ILE A 17 6.32 4.72 -0.75
CA ILE A 17 7.50 3.95 -1.15
C ILE A 17 8.65 4.87 -1.54
N PRO A 18 9.86 4.50 -1.11
CA PRO A 18 11.08 5.26 -1.40
C PRO A 18 11.47 5.21 -2.88
N GLY A 19 11.84 6.35 -3.43
CA GLY A 19 12.23 6.41 -4.83
C GLY A 19 11.04 6.54 -5.76
N THR A 20 10.10 5.61 -5.64
CA THR A 20 8.90 5.63 -6.48
C THR A 20 7.77 6.38 -5.81
N PRO A 21 6.95 7.08 -6.61
CA PRO A 21 5.82 7.85 -6.12
C PRO A 21 4.69 6.96 -5.60
N TRP A 22 4.89 5.65 -5.70
CA TRP A 22 3.88 4.69 -5.24
C TRP A 22 3.83 4.65 -3.72
N CYS A 23 2.66 4.31 -3.18
CA CYS A 23 2.48 4.25 -1.74
C CYS A 23 1.75 2.96 -1.35
N VAL A 24 2.42 2.12 -0.56
CA VAL A 24 1.84 0.86 -0.13
C VAL A 24 0.67 1.10 0.83
N VAL A 25 -0.51 0.61 0.46
CA VAL A 25 -1.70 0.77 1.28
C VAL A 25 -2.27 -0.59 1.68
N TRP A 26 -2.43 -0.79 2.98
CA TRP A 26 -2.98 -2.04 3.50
C TRP A 26 -4.49 -1.94 3.69
N THR A 27 -5.13 -3.09 3.88
CA THR A 27 -6.57 -3.13 4.08
C THR A 27 -6.94 -4.04 5.25
N GLY A 28 -8.24 -4.14 5.52
CA GLY A 28 -8.71 -4.98 6.62
C GLY A 28 -8.71 -6.45 6.26
N ASP A 29 -8.77 -6.74 4.97
CA ASP A 29 -8.79 -8.12 4.50
C ASP A 29 -7.37 -8.65 4.30
N GLU A 30 -6.53 -8.45 5.30
CA GLU A 30 -5.15 -8.90 5.24
C GLU A 30 -4.59 -8.79 3.83
N ARG A 31 -4.85 -7.66 3.19
CA ARG A 31 -4.39 -7.42 1.83
C ARG A 31 -3.63 -6.10 1.73
N VAL A 32 -3.03 -5.85 0.56
CA VAL A 32 -2.29 -4.62 0.34
C VAL A 32 -2.21 -4.28 -1.15
N PHE A 33 -2.33 -3.00 -1.46
CA PHE A 33 -2.28 -2.55 -2.84
C PHE A 33 -1.36 -1.33 -2.98
N PHE A 34 -1.08 -0.95 -4.22
CA PHE A 34 -0.21 0.19 -4.50
C PHE A 34 -1.02 1.39 -4.99
N TYR A 35 -0.79 2.54 -4.39
CA TYR A 35 -1.49 3.77 -4.76
C TYR A 35 -0.52 4.85 -5.18
N ASN A 36 -0.87 5.57 -6.24
CA ASN A 36 -0.03 6.66 -6.75
C ASN A 36 -0.72 8.01 -6.60
N PRO A 37 -0.36 8.74 -5.54
CA PRO A 37 -0.94 10.07 -5.27
C PRO A 37 -0.49 11.12 -6.27
N THR A 38 0.41 10.72 -7.16
CA THR A 38 0.92 11.63 -8.18
C THR A 38 0.15 11.49 -9.49
N THR A 39 -0.32 10.28 -9.77
CA THR A 39 -1.09 10.01 -10.98
C THR A 39 -2.48 9.48 -10.65
N ARG A 40 -2.89 9.65 -9.41
CA ARG A 40 -4.20 9.17 -8.97
C ARG A 40 -4.47 7.76 -9.48
N LEU A 41 -3.42 6.95 -9.53
CA LEU A 41 -3.55 5.58 -10.01
C LEU A 41 -3.64 4.60 -8.83
N SER A 42 -4.62 3.71 -8.89
CA SER A 42 -4.82 2.73 -7.83
C SER A 42 -5.04 1.33 -8.41
N MET A 43 -4.03 0.48 -8.28
CA MET A 43 -4.12 -0.89 -8.79
C MET A 43 -4.26 -1.89 -7.66
N TRP A 44 -4.50 -3.14 -8.01
CA TRP A 44 -4.66 -4.20 -7.02
C TRP A 44 -3.42 -5.08 -6.97
N ASP A 45 -2.55 -4.93 -7.95
CA ASP A 45 -1.32 -5.72 -8.01
C ASP A 45 -0.10 -4.81 -8.11
N ARG A 46 1.09 -5.42 -8.13
CA ARG A 46 2.33 -4.66 -8.22
C ARG A 46 2.66 -4.32 -9.67
N PRO A 47 2.57 -3.02 -10.01
CA PRO A 47 2.86 -2.54 -11.36
C PRO A 47 4.34 -2.64 -11.71
N ASP A 48 4.65 -2.57 -13.00
CA ASP A 48 6.03 -2.64 -13.46
C ASP A 48 6.86 -1.48 -12.90
N ASP A 49 6.25 -0.31 -12.86
CA ASP A 49 6.93 0.88 -12.34
C ASP A 49 7.69 0.56 -11.06
N LEU A 50 7.27 -0.51 -10.38
CA LEU A 50 7.91 -0.93 -9.13
C LEU A 50 8.76 -2.18 -9.36
N ILE A 51 8.28 -3.08 -10.20
CA ILE A 51 8.99 -4.31 -10.49
C ILE A 51 10.49 -4.05 -10.68
N GLY A 52 11.30 -4.70 -9.86
CA GLY A 52 12.74 -4.53 -9.95
C GLY A 52 13.33 -3.93 -8.69
N ARG A 53 12.54 -3.11 -8.00
CA ARG A 53 13.00 -2.47 -6.76
C ARG A 53 12.77 -3.38 -5.56
N ALA A 54 13.73 -3.38 -4.65
CA ALA A 54 13.64 -4.21 -3.44
C ALA A 54 12.85 -3.50 -2.35
N ASP A 55 13.00 -2.18 -2.29
CA ASP A 55 12.31 -1.38 -1.29
C ASP A 55 10.81 -1.70 -1.26
N VAL A 56 10.18 -1.58 -2.42
CA VAL A 56 8.75 -1.86 -2.54
C VAL A 56 8.38 -3.17 -1.84
N ASP A 57 9.29 -4.14 -1.92
CA ASP A 57 9.06 -5.45 -1.29
C ASP A 57 9.18 -5.34 0.23
N LYS A 58 10.36 -4.98 0.70
CA LYS A 58 10.60 -4.85 2.14
C LYS A 58 9.37 -4.30 2.85
N ILE A 59 8.83 -3.20 2.33
CA ILE A 59 7.65 -2.58 2.92
C ILE A 59 6.52 -3.59 3.06
N ILE A 60 6.16 -4.23 1.95
CA ILE A 60 5.09 -5.22 1.96
C ILE A 60 5.43 -6.38 2.89
N GLN A 61 6.72 -6.68 3.03
CA GLN A 61 7.16 -7.76 3.88
C GLN A 61 6.92 -7.43 5.35
N GLU A 62 7.40 -6.26 5.78
CA GLU A 62 7.23 -5.83 7.16
C GLU A 62 6.41 -4.55 7.23
N PRO A 63 5.08 -4.70 7.28
CA PRO A 63 4.16 -3.56 7.35
C PRO A 63 4.22 -2.85 8.70
N PRO A 64 3.98 -1.53 8.68
CA PRO A 64 4.01 -0.71 9.90
C PRO A 64 2.83 -1.00 10.83
N HIS A 65 1.64 -1.11 10.24
CA HIS A 65 0.44 -1.40 11.02
C HIS A 65 0.67 -2.57 11.97
N LYS A 66 1.67 -3.39 11.66
CA LYS A 66 1.99 -4.55 12.47
C LYS A 66 3.20 -4.27 13.37
N LYS A 67 2.94 -3.77 14.56
CA LYS A 67 4.00 -3.46 15.51
C LYS A 67 4.07 -4.51 16.61
N SER A 68 4.79 -5.60 16.35
CA SER A 68 4.92 -6.67 17.32
C SER A 68 6.01 -6.35 18.33
N GLY A 69 5.77 -6.71 19.58
CA GLY A 69 6.73 -6.45 20.64
C GLY A 69 6.12 -6.52 22.03
N PRO A 70 5.71 -5.35 22.54
CA PRO A 70 5.09 -5.25 23.87
C PRO A 70 3.70 -5.88 23.91
N SER A 71 3.49 -6.78 24.87
CA SER A 71 2.21 -7.46 25.02
C SER A 71 1.50 -7.01 26.30
N SER A 72 2.17 -7.23 27.43
CA SER A 72 1.60 -6.86 28.72
C SER A 72 1.45 -5.35 28.83
N GLY A 73 2.48 -4.61 28.41
CA GLY A 73 2.43 -3.17 28.47
C GLY A 73 2.17 -2.64 29.87
N GLY A 1 -13.87 14.66 -16.56
CA GLY A 1 -15.25 14.66 -16.11
C GLY A 1 -15.72 13.29 -15.66
N SER A 2 -15.75 13.09 -14.36
CA SER A 2 -16.16 11.81 -13.79
C SER A 2 -16.68 11.98 -12.36
N SER A 3 -17.83 11.40 -12.07
CA SER A 3 -18.42 11.49 -10.74
C SER A 3 -18.93 10.12 -10.27
N GLY A 4 -19.28 10.04 -9.00
CA GLY A 4 -19.78 8.79 -8.44
C GLY A 4 -18.70 8.01 -7.73
N SER A 5 -17.93 8.70 -6.89
CA SER A 5 -16.85 8.06 -6.14
C SER A 5 -17.40 7.00 -5.19
N SER A 6 -17.23 5.74 -5.58
CA SER A 6 -17.72 4.62 -4.77
C SER A 6 -16.62 4.09 -3.86
N GLY A 7 -16.98 3.19 -2.96
CA GLY A 7 -16.01 2.62 -2.04
C GLY A 7 -16.34 1.19 -1.66
N LYS A 8 -15.31 0.38 -1.45
CA LYS A 8 -15.49 -1.01 -1.08
C LYS A 8 -14.95 -1.29 0.33
N ALA A 9 -13.75 -0.80 0.59
CA ALA A 9 -13.12 -0.99 1.90
C ALA A 9 -12.13 0.12 2.20
N LYS A 10 -12.01 0.48 3.48
CA LYS A 10 -11.10 1.53 3.89
C LYS A 10 -9.73 0.96 4.26
N PRO A 11 -8.66 1.70 3.95
CA PRO A 11 -7.29 1.29 4.24
C PRO A 11 -6.99 1.30 5.74
N VAL A 12 -6.19 0.33 6.18
CA VAL A 12 -5.82 0.23 7.58
C VAL A 12 -4.48 0.90 7.85
N ALA A 13 -3.66 1.02 6.81
CA ALA A 13 -2.35 1.65 6.92
C ALA A 13 -1.91 2.25 5.59
N THR A 14 -0.94 3.15 5.65
CA THR A 14 -0.43 3.80 4.45
C THR A 14 1.04 4.20 4.62
N ALA A 15 1.84 3.92 3.61
CA ALA A 15 3.26 4.24 3.65
C ALA A 15 3.82 4.47 2.24
N PRO A 16 4.33 5.68 1.99
CA PRO A 16 4.90 6.04 0.69
C PRO A 16 6.21 5.32 0.41
N ILE A 17 6.31 4.75 -0.80
CA ILE A 17 7.51 4.02 -1.18
C ILE A 17 8.65 4.98 -1.52
N PRO A 18 9.86 4.63 -1.07
CA PRO A 18 11.06 5.45 -1.30
C PRO A 18 11.48 5.44 -2.77
N GLY A 19 11.60 6.63 -3.34
CA GLY A 19 12.00 6.75 -4.74
C GLY A 19 10.82 6.87 -5.68
N THR A 20 9.89 5.93 -5.57
CA THR A 20 8.69 5.92 -6.42
C THR A 20 7.51 6.57 -5.70
N PRO A 21 6.64 7.23 -6.47
CA PRO A 21 5.45 7.89 -5.94
C PRO A 21 4.40 6.90 -5.45
N TRP A 22 4.68 5.61 -5.63
CA TRP A 22 3.77 4.57 -5.21
C TRP A 22 3.76 4.42 -3.69
N CYS A 23 2.60 4.11 -3.14
CA CYS A 23 2.46 3.94 -1.69
C CYS A 23 1.88 2.57 -1.35
N VAL A 24 2.38 1.96 -0.28
CA VAL A 24 1.91 0.66 0.15
C VAL A 24 0.74 0.78 1.12
N VAL A 25 -0.48 0.78 0.59
CA VAL A 25 -1.67 0.89 1.41
C VAL A 25 -2.26 -0.48 1.71
N TRP A 26 -2.52 -0.73 3.00
CA TRP A 26 -3.09 -2.01 3.42
C TRP A 26 -4.60 -1.90 3.62
N THR A 27 -5.24 -3.04 3.83
CA THR A 27 -6.69 -3.06 4.04
C THR A 27 -7.06 -3.99 5.19
N GLY A 28 -8.35 -4.02 5.53
CA GLY A 28 -8.80 -4.86 6.61
C GLY A 28 -8.90 -6.33 6.22
N ASP A 29 -8.99 -6.57 4.92
CA ASP A 29 -9.09 -7.94 4.41
C ASP A 29 -7.69 -8.54 4.22
N GLU A 30 -6.81 -8.28 5.17
CA GLU A 30 -5.44 -8.80 5.10
C GLU A 30 -4.89 -8.68 3.69
N ARG A 31 -5.08 -7.51 3.08
CA ARG A 31 -4.60 -7.27 1.72
C ARG A 31 -3.92 -5.91 1.62
N VAL A 32 -3.18 -5.70 0.54
CA VAL A 32 -2.48 -4.44 0.32
C VAL A 32 -2.44 -4.08 -1.16
N PHE A 33 -2.66 -2.80 -1.46
CA PHE A 33 -2.65 -2.33 -2.84
C PHE A 33 -1.68 -1.17 -3.02
N PHE A 34 -1.35 -0.87 -4.26
CA PHE A 34 -0.42 0.22 -4.56
C PHE A 34 -1.16 1.44 -5.09
N TYR A 35 -0.92 2.59 -4.47
CA TYR A 35 -1.57 3.83 -4.88
C TYR A 35 -0.54 4.85 -5.37
N ASN A 36 -0.98 5.76 -6.23
CA ASN A 36 -0.10 6.78 -6.78
C ASN A 36 -0.78 8.15 -6.75
N PRO A 37 -0.48 8.94 -5.72
CA PRO A 37 -1.04 10.28 -5.56
C PRO A 37 -0.52 11.27 -6.59
N THR A 38 0.40 10.80 -7.43
CA THR A 38 0.98 11.65 -8.46
C THR A 38 0.28 11.45 -9.80
N THR A 39 -0.18 10.23 -10.04
CA THR A 39 -0.88 9.90 -11.29
C THR A 39 -2.28 9.38 -11.01
N ARG A 40 -2.72 9.52 -9.76
CA ARG A 40 -4.05 9.06 -9.36
C ARG A 40 -4.30 7.64 -9.85
N LEU A 41 -3.27 6.81 -9.79
CA LEU A 41 -3.37 5.41 -10.22
C LEU A 41 -3.34 4.46 -9.03
N SER A 42 -4.32 3.57 -8.97
CA SER A 42 -4.40 2.61 -7.88
C SER A 42 -4.72 1.22 -8.40
N MET A 43 -3.80 0.28 -8.17
CA MET A 43 -3.98 -1.10 -8.62
C MET A 43 -3.94 -2.07 -7.44
N TRP A 44 -4.58 -3.22 -7.60
CA TRP A 44 -4.62 -4.22 -6.56
C TRP A 44 -3.31 -5.01 -6.49
N ASP A 45 -2.58 -5.00 -7.60
CA ASP A 45 -1.30 -5.70 -7.67
C ASP A 45 -0.14 -4.72 -7.81
N ARG A 46 1.08 -5.24 -7.74
CA ARG A 46 2.27 -4.40 -7.86
C ARG A 46 2.56 -4.06 -9.32
N PRO A 47 2.51 -2.76 -9.63
CA PRO A 47 2.76 -2.26 -10.99
C PRO A 47 4.23 -2.41 -11.41
N ASP A 48 4.48 -2.37 -12.70
CA ASP A 48 5.84 -2.49 -13.23
C ASP A 48 6.73 -1.38 -12.70
N ASP A 49 6.24 -0.15 -12.76
CA ASP A 49 6.99 1.00 -12.30
C ASP A 49 7.76 0.67 -11.02
N LEU A 50 7.25 -0.30 -10.27
CA LEU A 50 7.88 -0.72 -9.03
C LEU A 50 8.67 -2.00 -9.23
N ILE A 51 8.18 -2.87 -10.09
CA ILE A 51 8.85 -4.14 -10.38
C ILE A 51 10.35 -3.93 -10.58
N GLY A 52 11.15 -4.59 -9.74
CA GLY A 52 12.59 -4.47 -9.85
C GLY A 52 13.21 -3.85 -8.61
N ARG A 53 12.46 -2.97 -7.96
CA ARG A 53 12.95 -2.30 -6.75
C ARG A 53 12.75 -3.18 -5.52
N ALA A 54 13.74 -3.16 -4.62
CA ALA A 54 13.68 -3.96 -3.41
C ALA A 54 12.86 -3.26 -2.33
N ASP A 55 13.00 -1.94 -2.24
CA ASP A 55 12.27 -1.16 -1.25
C ASP A 55 10.79 -1.54 -1.23
N VAL A 56 10.14 -1.45 -2.39
CA VAL A 56 8.73 -1.79 -2.50
C VAL A 56 8.43 -3.11 -1.79
N ASP A 57 9.28 -4.11 -2.01
CA ASP A 57 9.11 -5.41 -1.40
C ASP A 57 9.22 -5.32 0.11
N LYS A 58 10.41 -4.99 0.59
CA LYS A 58 10.65 -4.86 2.03
C LYS A 58 9.42 -4.31 2.74
N ILE A 59 8.93 -3.16 2.27
CA ILE A 59 7.76 -2.54 2.87
C ILE A 59 6.64 -3.55 3.07
N ILE A 60 6.19 -4.17 1.98
CA ILE A 60 5.13 -5.16 2.04
C ILE A 60 5.51 -6.32 2.97
N GLN A 61 6.72 -6.83 2.79
CA GLN A 61 7.20 -7.94 3.61
C GLN A 61 6.96 -7.66 5.09
N GLU A 62 7.39 -6.49 5.54
CA GLU A 62 7.22 -6.10 6.95
C GLU A 62 6.45 -4.79 7.06
N PRO A 63 5.12 -4.88 7.09
CA PRO A 63 4.25 -3.72 7.19
C PRO A 63 4.32 -3.06 8.56
N PRO A 64 4.10 -1.74 8.61
CA PRO A 64 4.13 -0.97 9.86
C PRO A 64 2.96 -1.29 10.77
N HIS A 65 1.75 -1.29 10.21
CA HIS A 65 0.55 -1.59 10.98
C HIS A 65 0.76 -2.81 11.87
N LYS A 66 1.74 -3.64 11.50
CA LYS A 66 2.05 -4.85 12.26
C LYS A 66 3.28 -4.64 13.14
N LYS A 67 3.42 -3.43 13.68
CA LYS A 67 4.56 -3.10 14.54
C LYS A 67 4.20 -3.29 16.01
N SER A 68 3.03 -2.79 16.40
CA SER A 68 2.58 -2.90 17.78
C SER A 68 2.86 -4.30 18.33
N GLY A 69 3.62 -4.36 19.42
CA GLY A 69 3.95 -5.64 20.03
C GLY A 69 5.30 -5.61 20.72
N PRO A 70 6.33 -6.11 20.02
CA PRO A 70 7.69 -6.16 20.55
C PRO A 70 8.31 -4.77 20.70
N SER A 71 8.44 -4.30 21.93
CA SER A 71 9.01 -3.00 22.20
C SER A 71 10.50 -2.98 21.87
N SER A 72 10.95 -1.90 21.24
CA SER A 72 12.36 -1.76 20.87
C SER A 72 13.15 -1.11 22.00
N GLY A 73 14.40 -1.54 22.15
CA GLY A 73 15.25 -0.98 23.20
C GLY A 73 15.48 -1.96 24.33
N GLY A 1 -17.49 -11.61 -14.93
CA GLY A 1 -18.85 -11.93 -15.35
C GLY A 1 -19.89 -11.18 -14.54
N SER A 2 -21.01 -11.84 -14.27
CA SER A 2 -22.09 -11.23 -13.51
C SER A 2 -21.75 -11.21 -12.02
N SER A 3 -21.13 -10.12 -11.58
CA SER A 3 -20.75 -9.98 -10.18
C SER A 3 -21.66 -8.99 -9.46
N GLY A 4 -21.63 -9.02 -8.13
CA GLY A 4 -22.47 -8.11 -7.36
C GLY A 4 -21.83 -6.75 -7.19
N SER A 5 -21.98 -6.17 -6.00
CA SER A 5 -21.41 -4.86 -5.71
C SER A 5 -20.07 -4.98 -5.02
N SER A 6 -19.12 -4.14 -5.43
CA SER A 6 -17.78 -4.16 -4.84
C SER A 6 -17.38 -2.78 -4.34
N GLY A 7 -16.99 -2.70 -3.08
CA GLY A 7 -16.59 -1.43 -2.50
C GLY A 7 -16.70 -1.42 -1.00
N LYS A 8 -17.44 -0.46 -0.46
CA LYS A 8 -17.64 -0.34 0.98
C LYS A 8 -16.40 -0.81 1.74
N ALA A 9 -15.23 -0.41 1.25
CA ALA A 9 -13.98 -0.79 1.88
C ALA A 9 -13.10 0.43 2.14
N LYS A 10 -12.11 0.27 3.00
CA LYS A 10 -11.20 1.35 3.35
C LYS A 10 -9.87 0.82 3.86
N PRO A 11 -8.78 1.51 3.52
CA PRO A 11 -7.42 1.13 3.94
C PRO A 11 -7.20 1.32 5.43
N VAL A 12 -6.23 0.59 5.98
CA VAL A 12 -5.92 0.69 7.41
C VAL A 12 -4.61 1.44 7.63
N ALA A 13 -3.68 1.28 6.70
CA ALA A 13 -2.39 1.95 6.80
C ALA A 13 -1.82 2.26 5.41
N THR A 14 -1.06 3.34 5.31
CA THR A 14 -0.47 3.75 4.05
C THR A 14 0.96 4.26 4.25
N ALA A 15 1.89 3.73 3.47
CA ALA A 15 3.29 4.14 3.57
C ALA A 15 3.86 4.43 2.18
N PRO A 16 4.40 5.65 2.02
CA PRO A 16 4.99 6.09 0.76
C PRO A 16 6.30 5.37 0.44
N ILE A 17 6.37 4.78 -0.74
CA ILE A 17 7.58 4.05 -1.16
C ILE A 17 8.70 5.02 -1.52
N PRO A 18 9.92 4.69 -1.10
CA PRO A 18 11.10 5.51 -1.37
C PRO A 18 11.51 5.48 -2.84
N GLY A 19 11.77 6.66 -3.40
CA GLY A 19 12.17 6.74 -4.79
C GLY A 19 10.98 6.86 -5.72
N THR A 20 10.02 5.96 -5.56
CA THR A 20 8.82 5.95 -6.40
C THR A 20 7.66 6.65 -5.71
N PRO A 21 6.82 7.33 -6.49
CA PRO A 21 5.66 8.06 -5.97
C PRO A 21 4.57 7.12 -5.44
N TRP A 22 4.80 5.82 -5.60
CA TRP A 22 3.84 4.81 -5.14
C TRP A 22 3.81 4.74 -3.62
N CYS A 23 2.65 4.40 -3.07
CA CYS A 23 2.48 4.30 -1.62
C CYS A 23 1.78 3.00 -1.25
N VAL A 24 2.49 2.13 -0.54
CA VAL A 24 1.94 0.85 -0.12
C VAL A 24 0.78 1.05 0.85
N VAL A 25 -0.41 0.60 0.44
CA VAL A 25 -1.60 0.73 1.26
C VAL A 25 -2.12 -0.65 1.69
N TRP A 26 -2.51 -0.76 2.96
CA TRP A 26 -3.03 -2.01 3.49
C TRP A 26 -4.53 -1.90 3.78
N THR A 27 -5.17 -3.05 3.94
CA THR A 27 -6.61 -3.08 4.22
C THR A 27 -6.90 -3.98 5.42
N GLY A 28 -8.19 -4.16 5.71
CA GLY A 28 -8.59 -5.00 6.82
C GLY A 28 -8.62 -6.48 6.45
N ASP A 29 -8.66 -6.77 5.15
CA ASP A 29 -8.69 -8.14 4.68
C ASP A 29 -7.28 -8.67 4.46
N GLU A 30 -6.39 -8.37 5.40
CA GLU A 30 -5.01 -8.82 5.31
C GLU A 30 -4.48 -8.68 3.88
N ARG A 31 -4.84 -7.58 3.24
CA ARG A 31 -4.41 -7.32 1.86
C ARG A 31 -3.70 -5.97 1.76
N VAL A 32 -2.98 -5.77 0.66
CA VAL A 32 -2.25 -4.53 0.44
C VAL A 32 -2.13 -4.22 -1.05
N PHE A 33 -2.35 -2.95 -1.41
CA PHE A 33 -2.27 -2.52 -2.80
C PHE A 33 -1.36 -1.31 -2.93
N PHE A 34 -1.05 -0.95 -4.18
CA PHE A 34 -0.19 0.19 -4.44
C PHE A 34 -1.00 1.38 -4.96
N TYR A 35 -0.83 2.54 -4.33
CA TYR A 35 -1.55 3.73 -4.72
C TYR A 35 -0.59 4.84 -5.15
N ASN A 36 -0.97 5.58 -6.18
CA ASN A 36 -0.14 6.67 -6.69
C ASN A 36 -0.86 8.01 -6.57
N PRO A 37 -0.52 8.76 -5.51
CA PRO A 37 -1.12 10.07 -5.25
C PRO A 37 -0.68 11.12 -6.27
N THR A 38 0.22 10.72 -7.16
CA THR A 38 0.74 11.64 -8.19
C THR A 38 -0.05 11.49 -9.49
N THR A 39 -0.48 10.27 -9.77
CA THR A 39 -1.23 10.00 -11.00
C THR A 39 -2.61 9.43 -10.67
N ARG A 40 -3.06 9.62 -9.43
CA ARG A 40 -4.35 9.13 -9.00
C ARG A 40 -4.59 7.71 -9.50
N LEU A 41 -3.54 6.90 -9.54
CA LEU A 41 -3.63 5.52 -10.00
C LEU A 41 -3.63 4.55 -8.83
N SER A 42 -4.57 3.60 -8.87
CA SER A 42 -4.68 2.61 -7.81
C SER A 42 -4.89 1.21 -8.39
N MET A 43 -3.86 0.38 -8.31
CA MET A 43 -3.94 -0.98 -8.83
C MET A 43 -4.06 -1.99 -7.69
N TRP A 44 -4.29 -3.25 -8.04
CA TRP A 44 -4.42 -4.30 -7.05
C TRP A 44 -3.15 -5.15 -6.99
N ASP A 45 -2.28 -4.97 -7.96
CA ASP A 45 -1.02 -5.70 -8.02
C ASP A 45 0.17 -4.76 -8.08
N ARG A 46 1.37 -5.31 -8.02
CA ARG A 46 2.59 -4.52 -8.07
C ARG A 46 2.96 -4.17 -9.50
N PRO A 47 2.83 -2.89 -9.86
CA PRO A 47 3.14 -2.40 -11.20
C PRO A 47 4.64 -2.44 -11.50
N ASP A 48 4.98 -2.39 -12.79
CA ASP A 48 6.38 -2.42 -13.20
C ASP A 48 7.16 -1.27 -12.60
N ASP A 49 6.57 -0.07 -12.64
CA ASP A 49 7.20 1.12 -12.10
C ASP A 49 7.94 0.79 -10.80
N LEU A 50 7.47 -0.24 -10.11
CA LEU A 50 8.09 -0.66 -8.85
C LEU A 50 8.90 -1.92 -9.03
N ILE A 51 8.49 -2.76 -9.97
CA ILE A 51 9.19 -4.01 -10.25
C ILE A 51 10.69 -3.78 -10.39
N GLY A 52 11.46 -4.39 -9.51
CA GLY A 52 12.90 -4.25 -9.54
C GLY A 52 13.46 -3.65 -8.27
N ARG A 53 12.68 -2.80 -7.63
CA ARG A 53 13.11 -2.15 -6.39
C ARG A 53 12.92 -3.09 -5.19
N ALA A 54 13.79 -2.98 -4.21
CA ALA A 54 13.72 -3.82 -3.02
C ALA A 54 12.81 -3.19 -1.97
N ASP A 55 12.89 -1.88 -1.84
CA ASP A 55 12.07 -1.15 -0.87
C ASP A 55 10.62 -1.61 -0.94
N VAL A 56 10.03 -1.49 -2.13
CA VAL A 56 8.64 -1.89 -2.33
C VAL A 56 8.39 -3.30 -1.82
N ASP A 57 9.30 -4.21 -2.15
CA ASP A 57 9.17 -5.60 -1.72
C ASP A 57 9.26 -5.71 -0.20
N LYS A 58 10.16 -4.93 0.39
CA LYS A 58 10.35 -4.94 1.84
C LYS A 58 9.13 -4.36 2.55
N ILE A 59 8.85 -3.09 2.27
CA ILE A 59 7.70 -2.42 2.88
C ILE A 59 6.51 -3.36 3.03
N ILE A 60 6.31 -4.20 2.01
CA ILE A 60 5.22 -5.16 2.03
C ILE A 60 5.50 -6.31 2.99
N GLN A 61 6.71 -6.86 2.90
CA GLN A 61 7.12 -7.96 3.76
C GLN A 61 6.74 -7.70 5.20
N GLU A 62 7.33 -6.66 5.79
CA GLU A 62 7.05 -6.30 7.17
C GLU A 62 6.38 -4.93 7.26
N PRO A 63 5.05 -4.92 7.15
CA PRO A 63 4.26 -3.68 7.21
C PRO A 63 4.25 -3.07 8.60
N PRO A 64 4.01 -1.75 8.66
CA PRO A 64 3.97 -1.01 9.93
C PRO A 64 2.75 -1.36 10.77
N HIS A 65 1.58 -1.33 10.13
CA HIS A 65 0.33 -1.66 10.80
C HIS A 65 0.48 -2.91 11.66
N LYS A 66 1.47 -3.72 11.32
CA LYS A 66 1.72 -4.96 12.06
C LYS A 66 3.05 -4.89 12.81
N LYS A 67 3.02 -4.33 14.01
CA LYS A 67 4.22 -4.19 14.82
C LYS A 67 3.88 -3.66 16.21
N SER A 68 4.35 -4.36 17.24
CA SER A 68 4.10 -3.96 18.61
C SER A 68 4.56 -2.52 18.86
N GLY A 69 3.65 -1.68 19.32
CA GLY A 69 3.99 -0.29 19.60
C GLY A 69 4.44 0.45 18.35
N PRO A 70 3.46 0.93 17.56
CA PRO A 70 3.74 1.67 16.33
C PRO A 70 4.35 3.03 16.58
N SER A 71 5.37 3.39 15.81
CA SER A 71 6.05 4.67 15.96
C SER A 71 5.15 5.81 15.48
N SER A 72 5.21 6.93 16.19
CA SER A 72 4.41 8.10 15.83
C SER A 72 5.07 8.90 14.71
N GLY A 73 4.74 8.57 13.47
CA GLY A 73 5.32 9.27 12.33
C GLY A 73 4.35 10.23 11.68
N GLY A 1 -24.50 -1.01 -12.06
CA GLY A 1 -25.18 -0.07 -11.18
C GLY A 1 -24.54 0.04 -9.82
N SER A 2 -25.03 0.96 -8.99
CA SER A 2 -24.49 1.16 -7.66
C SER A 2 -24.86 0.00 -6.75
N SER A 3 -24.11 -1.09 -6.85
CA SER A 3 -24.35 -2.27 -6.04
C SER A 3 -23.04 -2.98 -5.68
N GLY A 4 -23.07 -3.77 -4.61
CA GLY A 4 -21.88 -4.48 -4.18
C GLY A 4 -21.31 -3.93 -2.89
N SER A 5 -20.00 -4.06 -2.72
CA SER A 5 -19.33 -3.58 -1.51
C SER A 5 -18.83 -2.16 -1.70
N SER A 6 -19.67 -1.18 -1.34
CA SER A 6 -19.30 0.22 -1.47
C SER A 6 -19.64 0.99 -0.20
N GLY A 7 -18.68 1.09 0.71
CA GLY A 7 -18.89 1.80 1.95
C GLY A 7 -17.84 1.48 2.98
N LYS A 8 -17.76 0.23 3.40
CA LYS A 8 -16.78 -0.20 4.38
C LYS A 8 -15.40 -0.33 3.77
N ALA A 9 -15.33 -0.94 2.59
CA ALA A 9 -14.06 -1.12 1.89
C ALA A 9 -13.18 0.12 2.03
N LYS A 10 -12.15 0.02 2.87
CA LYS A 10 -11.24 1.12 3.10
C LYS A 10 -9.89 0.61 3.58
N PRO A 11 -8.83 1.38 3.31
CA PRO A 11 -7.46 1.04 3.71
C PRO A 11 -7.26 1.14 5.21
N VAL A 12 -6.27 0.40 5.73
CA VAL A 12 -5.98 0.41 7.16
C VAL A 12 -4.67 1.13 7.44
N ALA A 13 -3.74 1.05 6.49
CA ALA A 13 -2.45 1.70 6.63
C ALA A 13 -1.90 2.16 5.28
N THR A 14 -1.09 3.21 5.30
CA THR A 14 -0.51 3.75 4.07
C THR A 14 0.90 4.24 4.31
N ALA A 15 1.82 3.87 3.42
CA ALA A 15 3.21 4.27 3.52
C ALA A 15 3.82 4.55 2.16
N PRO A 16 4.40 5.75 2.00
CA PRO A 16 5.02 6.17 0.74
C PRO A 16 6.31 5.39 0.44
N ILE A 17 6.36 4.79 -0.75
CA ILE A 17 7.53 4.01 -1.16
C ILE A 17 8.69 4.94 -1.51
N PRO A 18 9.90 4.57 -1.05
CA PRO A 18 11.12 5.34 -1.30
C PRO A 18 11.56 5.26 -2.76
N GLY A 19 11.81 6.42 -3.36
CA GLY A 19 12.23 6.46 -4.75
C GLY A 19 11.06 6.61 -5.71
N THR A 20 10.08 5.72 -5.57
CA THR A 20 8.90 5.76 -6.43
C THR A 20 7.75 6.50 -5.77
N PRO A 21 6.92 7.16 -6.58
CA PRO A 21 5.77 7.93 -6.09
C PRO A 21 4.66 7.03 -5.56
N TRP A 22 4.88 5.72 -5.65
CA TRP A 22 3.90 4.75 -5.17
C TRP A 22 3.85 4.72 -3.65
N CYS A 23 2.70 4.35 -3.10
CA CYS A 23 2.53 4.28 -1.66
C CYS A 23 1.82 3.00 -1.25
N VAL A 24 2.51 2.14 -0.50
CA VAL A 24 1.94 0.88 -0.05
C VAL A 24 0.76 1.12 0.89
N VAL A 25 -0.40 0.57 0.53
CA VAL A 25 -1.60 0.71 1.34
C VAL A 25 -2.18 -0.65 1.72
N TRP A 26 -2.38 -0.86 3.02
CA TRP A 26 -2.92 -2.11 3.51
C TRP A 26 -4.44 -2.02 3.68
N THR A 27 -5.08 -3.18 3.81
CA THR A 27 -6.52 -3.23 3.97
C THR A 27 -6.92 -4.12 5.14
N GLY A 28 -8.21 -4.20 5.41
CA GLY A 28 -8.70 -5.02 6.51
C GLY A 28 -8.77 -6.49 6.15
N ASP A 29 -8.70 -6.78 4.85
CA ASP A 29 -8.75 -8.15 4.37
C ASP A 29 -7.35 -8.72 4.16
N GLU A 30 -6.48 -8.52 5.15
CA GLU A 30 -5.10 -9.01 5.06
C GLU A 30 -4.56 -8.87 3.64
N ARG A 31 -4.82 -7.71 3.03
CA ARG A 31 -4.36 -7.46 1.66
C ARG A 31 -3.72 -6.07 1.56
N VAL A 32 -2.86 -5.90 0.56
CA VAL A 32 -2.19 -4.62 0.35
C VAL A 32 -2.13 -4.27 -1.13
N PHE A 33 -2.37 -3.00 -1.44
CA PHE A 33 -2.35 -2.54 -2.82
C PHE A 33 -1.44 -1.32 -2.98
N PHE A 34 -1.08 -1.01 -4.21
CA PHE A 34 -0.21 0.13 -4.49
C PHE A 34 -1.03 1.34 -4.94
N TYR A 35 -0.74 2.49 -4.35
CA TYR A 35 -1.45 3.73 -4.69
C TYR A 35 -0.48 4.80 -5.17
N ASN A 36 -0.98 5.72 -5.98
CA ASN A 36 -0.15 6.81 -6.51
C ASN A 36 -0.86 8.15 -6.35
N PRO A 37 -0.50 8.88 -5.29
CA PRO A 37 -1.08 10.19 -5.00
C PRO A 37 -0.64 11.25 -6.00
N THR A 38 0.22 10.86 -6.93
CA THR A 38 0.72 11.78 -7.95
C THR A 38 -0.05 11.63 -9.25
N THR A 39 -0.47 10.40 -9.54
CA THR A 39 -1.21 10.11 -10.76
C THR A 39 -2.58 9.52 -10.44
N ARG A 40 -3.01 9.66 -9.20
CA ARG A 40 -4.30 9.14 -8.77
C ARG A 40 -4.56 7.76 -9.36
N LEU A 41 -3.51 6.95 -9.41
CA LEU A 41 -3.62 5.59 -9.95
C LEU A 41 -3.52 4.55 -8.84
N SER A 42 -4.48 3.63 -8.81
CA SER A 42 -4.50 2.58 -7.80
C SER A 42 -4.71 1.21 -8.45
N MET A 43 -3.81 0.28 -8.15
CA MET A 43 -3.89 -1.07 -8.70
C MET A 43 -3.87 -2.11 -7.59
N TRP A 44 -4.44 -3.28 -7.85
CA TRP A 44 -4.49 -4.36 -6.88
C TRP A 44 -3.24 -5.23 -6.98
N ASP A 45 -2.48 -5.03 -8.05
CA ASP A 45 -1.26 -5.80 -8.25
C ASP A 45 -0.03 -4.89 -8.32
N ARG A 46 1.14 -5.49 -8.37
CA ARG A 46 2.39 -4.73 -8.43
C ARG A 46 2.69 -4.29 -9.86
N PRO A 47 2.59 -2.97 -10.11
CA PRO A 47 2.84 -2.39 -11.43
C PRO A 47 4.32 -2.45 -11.82
N ASP A 48 4.59 -2.32 -13.11
CA ASP A 48 5.96 -2.36 -13.60
C ASP A 48 6.80 -1.26 -12.98
N ASP A 49 6.26 -0.04 -12.96
CA ASP A 49 6.96 1.10 -12.39
C ASP A 49 7.71 0.70 -11.13
N LEU A 50 7.21 -0.32 -10.44
CA LEU A 50 7.84 -0.81 -9.22
C LEU A 50 8.64 -2.08 -9.48
N ILE A 51 8.18 -2.87 -10.44
CA ILE A 51 8.85 -4.11 -10.80
C ILE A 51 10.35 -3.91 -10.95
N GLY A 52 11.12 -4.58 -10.09
CA GLY A 52 12.57 -4.45 -10.15
C GLY A 52 13.15 -3.89 -8.86
N ARG A 53 12.37 -3.04 -8.19
CA ARG A 53 12.82 -2.42 -6.95
C ARG A 53 12.55 -3.34 -5.76
N ALA A 54 13.54 -3.46 -4.88
CA ALA A 54 13.41 -4.31 -3.70
C ALA A 54 12.69 -3.57 -2.57
N ASP A 55 12.93 -2.26 -2.47
CA ASP A 55 12.31 -1.45 -1.44
C ASP A 55 10.80 -1.72 -1.37
N VAL A 56 10.14 -1.61 -2.51
CA VAL A 56 8.69 -1.84 -2.57
C VAL A 56 8.31 -3.14 -1.87
N ASP A 57 9.18 -4.15 -1.98
CA ASP A 57 8.94 -5.44 -1.35
C ASP A 57 9.08 -5.34 0.17
N LYS A 58 10.27 -4.95 0.61
CA LYS A 58 10.53 -4.82 2.04
C LYS A 58 9.31 -4.28 2.78
N ILE A 59 8.79 -3.15 2.30
CA ILE A 59 7.62 -2.54 2.91
C ILE A 59 6.49 -3.55 3.08
N ILE A 60 6.01 -4.08 1.97
CA ILE A 60 4.93 -5.07 2.00
C ILE A 60 5.26 -6.22 2.95
N GLN A 61 6.52 -6.62 2.96
CA GLN A 61 6.96 -7.71 3.82
C GLN A 61 6.78 -7.35 5.30
N GLU A 62 7.39 -6.23 5.70
CA GLU A 62 7.29 -5.77 7.09
C GLU A 62 6.37 -4.55 7.19
N PRO A 63 5.06 -4.80 7.34
CA PRO A 63 4.07 -3.74 7.45
C PRO A 63 4.17 -2.98 8.78
N PRO A 64 3.98 -1.66 8.72
CA PRO A 64 4.04 -0.79 9.91
C PRO A 64 2.88 -1.03 10.86
N HIS A 65 1.66 -0.96 10.32
CA HIS A 65 0.47 -1.18 11.14
C HIS A 65 0.59 -2.44 11.97
N LYS A 66 0.95 -3.55 11.33
CA LYS A 66 1.11 -4.82 12.02
C LYS A 66 1.98 -4.66 13.26
N LYS A 67 3.15 -4.04 13.08
CA LYS A 67 4.08 -3.83 14.18
C LYS A 67 3.34 -3.53 15.48
N SER A 68 3.65 -4.29 16.52
CA SER A 68 3.01 -4.11 17.82
C SER A 68 4.02 -3.70 18.88
N GLY A 69 4.18 -2.39 19.06
CA GLY A 69 5.12 -1.88 20.04
C GLY A 69 4.47 -1.64 21.39
N PRO A 70 5.26 -1.82 22.47
CA PRO A 70 4.77 -1.64 23.84
C PRO A 70 4.51 -0.17 24.16
N SER A 71 5.32 0.72 23.58
CA SER A 71 5.17 2.15 23.81
C SER A 71 5.23 2.48 25.31
N SER A 72 5.99 1.68 26.05
CA SER A 72 6.13 1.89 27.49
C SER A 72 7.59 1.89 27.89
N GLY A 73 7.95 2.82 28.79
CA GLY A 73 9.32 2.92 29.25
C GLY A 73 9.66 4.31 29.75
#